data_1LVF
# 
_entry.id   1LVF 
# 
_audit_conform.dict_name       mmcif_pdbx.dic 
_audit_conform.dict_version    5.386 
_audit_conform.dict_location   http://mmcif.pdb.org/dictionaries/ascii/mmcif_pdbx.dic 
# 
loop_
_database_2.database_id 
_database_2.database_code 
_database_2.pdbx_database_accession 
_database_2.pdbx_DOI 
PDB   1LVF         pdb_00001lvf 10.2210/pdb1lvf/pdb 
RCSB  RCSB016312   ?            ?                   
WWPDB D_1000016312 ?            ?                   
# 
loop_
_pdbx_audit_revision_history.ordinal 
_pdbx_audit_revision_history.data_content_type 
_pdbx_audit_revision_history.major_revision 
_pdbx_audit_revision_history.minor_revision 
_pdbx_audit_revision_history.revision_date 
1 'Structure model' 1 0 2002-07-17 
2 'Structure model' 1 1 2008-04-28 
3 'Structure model' 1 2 2011-07-13 
4 'Structure model' 1 3 2024-02-14 
# 
_pdbx_audit_revision_details.ordinal             1 
_pdbx_audit_revision_details.revision_ordinal    1 
_pdbx_audit_revision_details.data_content_type   'Structure model' 
_pdbx_audit_revision_details.provider            repository 
_pdbx_audit_revision_details.type                'Initial release' 
_pdbx_audit_revision_details.description         ? 
_pdbx_audit_revision_details.details             ? 
# 
loop_
_pdbx_audit_revision_group.ordinal 
_pdbx_audit_revision_group.revision_ordinal 
_pdbx_audit_revision_group.data_content_type 
_pdbx_audit_revision_group.group 
1 2 'Structure model' 'Version format compliance' 
2 3 'Structure model' 'Version format compliance' 
3 4 'Structure model' 'Data collection'           
4 4 'Structure model' 'Database references'       
# 
loop_
_pdbx_audit_revision_category.ordinal 
_pdbx_audit_revision_category.revision_ordinal 
_pdbx_audit_revision_category.data_content_type 
_pdbx_audit_revision_category.category 
1 4 'Structure model' chem_comp_atom 
2 4 'Structure model' chem_comp_bond 
3 4 'Structure model' database_2     
# 
loop_
_pdbx_audit_revision_item.ordinal 
_pdbx_audit_revision_item.revision_ordinal 
_pdbx_audit_revision_item.data_content_type 
_pdbx_audit_revision_item.item 
1 4 'Structure model' '_database_2.pdbx_DOI'                
2 4 'Structure model' '_database_2.pdbx_database_accession' 
# 
_pdbx_database_status.entry_id                        1LVF 
_pdbx_database_status.deposit_site                    RCSB 
_pdbx_database_status.process_site                    RCSB 
_pdbx_database_status.recvd_initial_deposition_date   2002-05-28 
_pdbx_database_status.status_code                     REL 
_pdbx_database_status.status_code_sf                  REL 
_pdbx_database_status.SG_entry                        . 
_pdbx_database_status.pdb_format_compatible           Y 
_pdbx_database_status.status_code_mr                  ? 
_pdbx_database_status.status_code_cs                  ? 
_pdbx_database_status.status_code_nmr_data            ? 
_pdbx_database_status.methods_development_category    ? 
# 
loop_
_audit_author.name 
_audit_author.pdbx_ordinal 
'Misura, K.M.S.' 1 
'Bock, J.B.'     2 
'Gonzalez, L.C.' 3 
'Scheller, R.H.' 4 
'Weis, W.I.'     5 
# 
_citation.id                        primary 
_citation.title                     'Three-dimensional structure of the amino-terminal domain of syntaxin 6, a SNAP-25 C homolog.' 
_citation.journal_abbrev            Proc.Natl.Acad.Sci.USA 
_citation.journal_volume            99 
_citation.page_first                9184 
_citation.page_last                 9189 
_citation.year                      2002 
_citation.journal_id_ASTM           PNASA6 
_citation.country                   US 
_citation.journal_id_ISSN           0027-8424 
_citation.journal_id_CSD            0040 
_citation.book_publisher            ? 
_citation.pdbx_database_id_PubMed   12082176 
_citation.pdbx_database_id_DOI      10.1073/pnas.132274599 
# 
loop_
_citation_author.citation_id 
_citation_author.name 
_citation_author.ordinal 
_citation_author.identifier_ORCID 
primary 'Misura, K.M.'       1 ? 
primary 'Bock, J.B.'         2 ? 
primary 'Gonzalez Jr., L.C.' 3 ? 
primary 'Scheller, R.H.'     4 ? 
primary 'Weis, W.I.'         5 ? 
# 
loop_
_entity.id 
_entity.type 
_entity.src_method 
_entity.pdbx_description 
_entity.formula_weight 
_entity.pdbx_number_of_molecules 
_entity.pdbx_ec 
_entity.pdbx_mutation 
_entity.pdbx_fragment 
_entity.details 
1 polymer man 'syntaxin 6' 12665.151 2   ? ? 'N-terminal domain (RESIDUES 1-110)' ? 
2 water   nat water        18.015    206 ? ? ?                                    ? 
# 
_entity_poly.entity_id                      1 
_entity_poly.type                           'polypeptide(L)' 
_entity_poly.nstd_linkage                   no 
_entity_poly.nstd_monomer                   no 
_entity_poly.pdbx_seq_one_letter_code       
;MSMEDPFFVVKGEVQKAVNTAQGLFQRWTELLQGPSAATREEIDWTTNELRNNLRSIEWDLEDLDETISIVEANPRKFNL
DATELSIRKAFITSTRQIVRDMKDQMSASS
;
_entity_poly.pdbx_seq_one_letter_code_can   
;MSMEDPFFVVKGEVQKAVNTAQGLFQRWTELLQGPSAATREEIDWTTNELRNNLRSIEWDLEDLDETISIVEANPRKFNL
DATELSIRKAFITSTRQIVRDMKDQMSASS
;
_entity_poly.pdbx_strand_id                 A,B 
_entity_poly.pdbx_target_identifier         ? 
# 
_pdbx_entity_nonpoly.entity_id   2 
_pdbx_entity_nonpoly.name        water 
_pdbx_entity_nonpoly.comp_id     HOH 
# 
loop_
_entity_poly_seq.entity_id 
_entity_poly_seq.num 
_entity_poly_seq.mon_id 
_entity_poly_seq.hetero 
1 1   MET n 
1 2   SER n 
1 3   MET n 
1 4   GLU n 
1 5   ASP n 
1 6   PRO n 
1 7   PHE n 
1 8   PHE n 
1 9   VAL n 
1 10  VAL n 
1 11  LYS n 
1 12  GLY n 
1 13  GLU n 
1 14  VAL n 
1 15  GLN n 
1 16  LYS n 
1 17  ALA n 
1 18  VAL n 
1 19  ASN n 
1 20  THR n 
1 21  ALA n 
1 22  GLN n 
1 23  GLY n 
1 24  LEU n 
1 25  PHE n 
1 26  GLN n 
1 27  ARG n 
1 28  TRP n 
1 29  THR n 
1 30  GLU n 
1 31  LEU n 
1 32  LEU n 
1 33  GLN n 
1 34  GLY n 
1 35  PRO n 
1 36  SER n 
1 37  ALA n 
1 38  ALA n 
1 39  THR n 
1 40  ARG n 
1 41  GLU n 
1 42  GLU n 
1 43  ILE n 
1 44  ASP n 
1 45  TRP n 
1 46  THR n 
1 47  THR n 
1 48  ASN n 
1 49  GLU n 
1 50  LEU n 
1 51  ARG n 
1 52  ASN n 
1 53  ASN n 
1 54  LEU n 
1 55  ARG n 
1 56  SER n 
1 57  ILE n 
1 58  GLU n 
1 59  TRP n 
1 60  ASP n 
1 61  LEU n 
1 62  GLU n 
1 63  ASP n 
1 64  LEU n 
1 65  ASP n 
1 66  GLU n 
1 67  THR n 
1 68  ILE n 
1 69  SER n 
1 70  ILE n 
1 71  VAL n 
1 72  GLU n 
1 73  ALA n 
1 74  ASN n 
1 75  PRO n 
1 76  ARG n 
1 77  LYS n 
1 78  PHE n 
1 79  ASN n 
1 80  LEU n 
1 81  ASP n 
1 82  ALA n 
1 83  THR n 
1 84  GLU n 
1 85  LEU n 
1 86  SER n 
1 87  ILE n 
1 88  ARG n 
1 89  LYS n 
1 90  ALA n 
1 91  PHE n 
1 92  ILE n 
1 93  THR n 
1 94  SER n 
1 95  THR n 
1 96  ARG n 
1 97  GLN n 
1 98  ILE n 
1 99  VAL n 
1 100 ARG n 
1 101 ASP n 
1 102 MET n 
1 103 LYS n 
1 104 ASP n 
1 105 GLN n 
1 106 MET n 
1 107 SER n 
1 108 ALA n 
1 109 SER n 
1 110 SER n 
# 
_entity_src_gen.entity_id                          1 
_entity_src_gen.pdbx_src_id                        1 
_entity_src_gen.pdbx_alt_source_flag               sample 
_entity_src_gen.pdbx_seq_type                      ? 
_entity_src_gen.pdbx_beg_seq_num                   ? 
_entity_src_gen.pdbx_end_seq_num                   ? 
_entity_src_gen.gene_src_common_name               'Norway rat' 
_entity_src_gen.gene_src_genus                     Rattus 
_entity_src_gen.pdbx_gene_src_gene                 ? 
_entity_src_gen.gene_src_species                   ? 
_entity_src_gen.gene_src_strain                    ? 
_entity_src_gen.gene_src_tissue                    ? 
_entity_src_gen.gene_src_tissue_fraction           ? 
_entity_src_gen.gene_src_details                   ? 
_entity_src_gen.pdbx_gene_src_fragment             ? 
_entity_src_gen.pdbx_gene_src_scientific_name      'Rattus norvegicus' 
_entity_src_gen.pdbx_gene_src_ncbi_taxonomy_id     10116 
_entity_src_gen.pdbx_gene_src_variant              ? 
_entity_src_gen.pdbx_gene_src_cell_line            ? 
_entity_src_gen.pdbx_gene_src_atcc                 ? 
_entity_src_gen.pdbx_gene_src_organ                ? 
_entity_src_gen.pdbx_gene_src_organelle            ? 
_entity_src_gen.pdbx_gene_src_cell                 ? 
_entity_src_gen.pdbx_gene_src_cellular_location    ? 
_entity_src_gen.host_org_common_name               ? 
_entity_src_gen.pdbx_host_org_scientific_name      'Escherichia coli' 
_entity_src_gen.pdbx_host_org_ncbi_taxonomy_id     562 
_entity_src_gen.host_org_genus                     Escherichia 
_entity_src_gen.pdbx_host_org_gene                 ? 
_entity_src_gen.pdbx_host_org_organ                ? 
_entity_src_gen.host_org_species                   ? 
_entity_src_gen.pdbx_host_org_tissue               ? 
_entity_src_gen.pdbx_host_org_tissue_fraction      ? 
_entity_src_gen.pdbx_host_org_strain               ? 
_entity_src_gen.pdbx_host_org_variant              ? 
_entity_src_gen.pdbx_host_org_cell_line            ? 
_entity_src_gen.pdbx_host_org_atcc                 ? 
_entity_src_gen.pdbx_host_org_culture_collection   ? 
_entity_src_gen.pdbx_host_org_cell                 ? 
_entity_src_gen.pdbx_host_org_organelle            ? 
_entity_src_gen.pdbx_host_org_cellular_location    ? 
_entity_src_gen.pdbx_host_org_vector_type          ? 
_entity_src_gen.pdbx_host_org_vector               ? 
_entity_src_gen.host_org_details                   ? 
_entity_src_gen.expression_system_id               ? 
_entity_src_gen.plasmid_name                       ? 
_entity_src_gen.plasmid_details                    ? 
_entity_src_gen.pdbx_description                   ? 
# 
loop_
_chem_comp.id 
_chem_comp.type 
_chem_comp.mon_nstd_flag 
_chem_comp.name 
_chem_comp.pdbx_synonyms 
_chem_comp.formula 
_chem_comp.formula_weight 
ALA 'L-peptide linking' y ALANINE         ? 'C3 H7 N O2'     89.093  
ARG 'L-peptide linking' y ARGININE        ? 'C6 H15 N4 O2 1' 175.209 
ASN 'L-peptide linking' y ASPARAGINE      ? 'C4 H8 N2 O3'    132.118 
ASP 'L-peptide linking' y 'ASPARTIC ACID' ? 'C4 H7 N O4'     133.103 
GLN 'L-peptide linking' y GLUTAMINE       ? 'C5 H10 N2 O3'   146.144 
GLU 'L-peptide linking' y 'GLUTAMIC ACID' ? 'C5 H9 N O4'     147.129 
GLY 'peptide linking'   y GLYCINE         ? 'C2 H5 N O2'     75.067  
HOH non-polymer         . WATER           ? 'H2 O'           18.015  
ILE 'L-peptide linking' y ISOLEUCINE      ? 'C6 H13 N O2'    131.173 
LEU 'L-peptide linking' y LEUCINE         ? 'C6 H13 N O2'    131.173 
LYS 'L-peptide linking' y LYSINE          ? 'C6 H15 N2 O2 1' 147.195 
MET 'L-peptide linking' y METHIONINE      ? 'C5 H11 N O2 S'  149.211 
PHE 'L-peptide linking' y PHENYLALANINE   ? 'C9 H11 N O2'    165.189 
PRO 'L-peptide linking' y PROLINE         ? 'C5 H9 N O2'     115.130 
SER 'L-peptide linking' y SERINE          ? 'C3 H7 N O3'     105.093 
THR 'L-peptide linking' y THREONINE       ? 'C4 H9 N O3'     119.119 
TRP 'L-peptide linking' y TRYPTOPHAN      ? 'C11 H12 N2 O2'  204.225 
VAL 'L-peptide linking' y VALINE          ? 'C5 H11 N O2'    117.146 
# 
loop_
_pdbx_poly_seq_scheme.asym_id 
_pdbx_poly_seq_scheme.entity_id 
_pdbx_poly_seq_scheme.seq_id 
_pdbx_poly_seq_scheme.mon_id 
_pdbx_poly_seq_scheme.ndb_seq_num 
_pdbx_poly_seq_scheme.pdb_seq_num 
_pdbx_poly_seq_scheme.auth_seq_num 
_pdbx_poly_seq_scheme.pdb_mon_id 
_pdbx_poly_seq_scheme.auth_mon_id 
_pdbx_poly_seq_scheme.pdb_strand_id 
_pdbx_poly_seq_scheme.pdb_ins_code 
_pdbx_poly_seq_scheme.hetero 
A 1 1   MET 1   1   ?   ?   ?   A . n 
A 1 2   SER 2   2   ?   ?   ?   A . n 
A 1 3   MET 3   3   ?   ?   ?   A . n 
A 1 4   GLU 4   4   4   GLU GLU A . n 
A 1 5   ASP 5   5   5   ASP ASP A . n 
A 1 6   PRO 6   6   6   PRO PRO A . n 
A 1 7   PHE 7   7   7   PHE PHE A . n 
A 1 8   PHE 8   8   8   PHE PHE A . n 
A 1 9   VAL 9   9   9   VAL VAL A . n 
A 1 10  VAL 10  10  10  VAL VAL A . n 
A 1 11  LYS 11  11  11  LYS LYS A . n 
A 1 12  GLY 12  12  12  GLY GLY A . n 
A 1 13  GLU 13  13  13  GLU GLU A . n 
A 1 14  VAL 14  14  14  VAL VAL A . n 
A 1 15  GLN 15  15  15  GLN GLN A . n 
A 1 16  LYS 16  16  16  LYS LYS A . n 
A 1 17  ALA 17  17  17  ALA ALA A . n 
A 1 18  VAL 18  18  18  VAL VAL A . n 
A 1 19  ASN 19  19  19  ASN ASN A . n 
A 1 20  THR 20  20  20  THR THR A . n 
A 1 21  ALA 21  21  21  ALA ALA A . n 
A 1 22  GLN 22  22  22  GLN GLN A . n 
A 1 23  GLY 23  23  23  GLY GLY A . n 
A 1 24  LEU 24  24  24  LEU LEU A . n 
A 1 25  PHE 25  25  25  PHE PHE A . n 
A 1 26  GLN 26  26  26  GLN GLN A . n 
A 1 27  ARG 27  27  27  ARG ARG A . n 
A 1 28  TRP 28  28  28  TRP TRP A . n 
A 1 29  THR 29  29  29  THR THR A . n 
A 1 30  GLU 30  30  30  GLU GLU A . n 
A 1 31  LEU 31  31  31  LEU LEU A . n 
A 1 32  LEU 32  32  32  LEU LEU A . n 
A 1 33  GLN 33  33  33  GLN GLN A . n 
A 1 34  GLY 34  34  34  GLY GLY A . n 
A 1 35  PRO 35  35  35  PRO PRO A . n 
A 1 36  SER 36  36  36  SER SER A . n 
A 1 37  ALA 37  37  37  ALA ALA A . n 
A 1 38  ALA 38  38  38  ALA ALA A . n 
A 1 39  THR 39  39  39  THR THR A . n 
A 1 40  ARG 40  40  40  ARG ARG A . n 
A 1 41  GLU 41  41  41  GLU GLU A . n 
A 1 42  GLU 42  42  42  GLU GLU A . n 
A 1 43  ILE 43  43  43  ILE ILE A . n 
A 1 44  ASP 44  44  44  ASP ASP A . n 
A 1 45  TRP 45  45  45  TRP TRP A . n 
A 1 46  THR 46  46  46  THR THR A . n 
A 1 47  THR 47  47  47  THR THR A . n 
A 1 48  ASN 48  48  48  ASN ASN A . n 
A 1 49  GLU 49  49  49  GLU GLU A . n 
A 1 50  LEU 50  50  50  LEU LEU A . n 
A 1 51  ARG 51  51  51  ARG ARG A . n 
A 1 52  ASN 52  52  52  ASN ASN A . n 
A 1 53  ASN 53  53  53  ASN ASN A . n 
A 1 54  LEU 54  54  54  LEU LEU A . n 
A 1 55  ARG 55  55  55  ARG ARG A . n 
A 1 56  SER 56  56  56  SER SER A . n 
A 1 57  ILE 57  57  57  ILE ILE A . n 
A 1 58  GLU 58  58  58  GLU GLU A . n 
A 1 59  TRP 59  59  59  TRP TRP A . n 
A 1 60  ASP 60  60  60  ASP ASP A . n 
A 1 61  LEU 61  61  61  LEU LEU A . n 
A 1 62  GLU 62  62  62  GLU GLU A . n 
A 1 63  ASP 63  63  63  ASP ASP A . n 
A 1 64  LEU 64  64  64  LEU LEU A . n 
A 1 65  ASP 65  65  65  ASP ASP A . n 
A 1 66  GLU 66  66  66  GLU GLU A . n 
A 1 67  THR 67  67  67  THR THR A . n 
A 1 68  ILE 68  68  68  ILE ILE A . n 
A 1 69  SER 69  69  69  SER SER A . n 
A 1 70  ILE 70  70  70  ILE ILE A . n 
A 1 71  VAL 71  71  71  VAL VAL A . n 
A 1 72  GLU 72  72  72  GLU GLU A . n 
A 1 73  ALA 73  73  73  ALA ALA A . n 
A 1 74  ASN 74  74  74  ASN ASN A . n 
A 1 75  PRO 75  75  75  PRO PRO A . n 
A 1 76  ARG 76  76  76  ARG ARG A . n 
A 1 77  LYS 77  77  77  LYS LYS A . n 
A 1 78  PHE 78  78  78  PHE PHE A . n 
A 1 79  ASN 79  79  79  ASN ASN A . n 
A 1 80  LEU 80  80  80  LEU LEU A . n 
A 1 81  ASP 81  81  81  ASP ASP A . n 
A 1 82  ALA 82  82  82  ALA ALA A . n 
A 1 83  THR 83  83  83  THR THR A . n 
A 1 84  GLU 84  84  84  GLU GLU A . n 
A 1 85  LEU 85  85  85  LEU LEU A . n 
A 1 86  SER 86  86  86  SER SER A . n 
A 1 87  ILE 87  87  87  ILE ILE A . n 
A 1 88  ARG 88  88  88  ARG ARG A . n 
A 1 89  LYS 89  89  89  LYS LYS A . n 
A 1 90  ALA 90  90  90  ALA ALA A . n 
A 1 91  PHE 91  91  91  PHE PHE A . n 
A 1 92  ILE 92  92  92  ILE ILE A . n 
A 1 93  THR 93  93  93  THR THR A . n 
A 1 94  SER 94  94  94  SER SER A . n 
A 1 95  THR 95  95  95  THR THR A . n 
A 1 96  ARG 96  96  96  ARG ARG A . n 
A 1 97  GLN 97  97  97  GLN GLN A . n 
A 1 98  ILE 98  98  98  ILE ILE A . n 
A 1 99  VAL 99  99  99  VAL VAL A . n 
A 1 100 ARG 100 100 100 ARG ARG A . n 
A 1 101 ASP 101 101 101 ASP ASP A . n 
A 1 102 MET 102 102 102 MET MET A . n 
A 1 103 LYS 103 103 103 LYS LYS A . n 
A 1 104 ASP 104 104 104 ASP ASP A . n 
A 1 105 GLN 105 105 105 GLN GLN A . n 
A 1 106 MET 106 106 106 MET MET A . n 
A 1 107 SER 107 107 107 SER SER A . n 
A 1 108 ALA 108 108 108 ALA ALA A . n 
A 1 109 SER 109 109 109 SER SER A . n 
A 1 110 SER 110 110 ?   ?   ?   A . n 
B 1 1   MET 1   1   ?   ?   ?   B . n 
B 1 2   SER 2   2   ?   ?   ?   B . n 
B 1 3   MET 3   3   3   MET MET B . n 
B 1 4   GLU 4   4   4   GLU GLU B . n 
B 1 5   ASP 5   5   5   ASP ASP B . n 
B 1 6   PRO 6   6   6   PRO PRO B . n 
B 1 7   PHE 7   7   7   PHE PHE B . n 
B 1 8   PHE 8   8   8   PHE PHE B . n 
B 1 9   VAL 9   9   9   VAL VAL B . n 
B 1 10  VAL 10  10  10  VAL VAL B . n 
B 1 11  LYS 11  11  11  LYS LYS B . n 
B 1 12  GLY 12  12  12  GLY GLY B . n 
B 1 13  GLU 13  13  13  GLU GLU B . n 
B 1 14  VAL 14  14  14  VAL VAL B . n 
B 1 15  GLN 15  15  15  GLN GLN B . n 
B 1 16  LYS 16  16  16  LYS LYS B . n 
B 1 17  ALA 17  17  17  ALA ALA B . n 
B 1 18  VAL 18  18  18  VAL VAL B . n 
B 1 19  ASN 19  19  19  ASN ASN B . n 
B 1 20  THR 20  20  20  THR THR B . n 
B 1 21  ALA 21  21  21  ALA ALA B . n 
B 1 22  GLN 22  22  22  GLN GLN B . n 
B 1 23  GLY 23  23  23  GLY GLY B . n 
B 1 24  LEU 24  24  24  LEU LEU B . n 
B 1 25  PHE 25  25  25  PHE PHE B . n 
B 1 26  GLN 26  26  26  GLN GLN B . n 
B 1 27  ARG 27  27  27  ARG ARG B . n 
B 1 28  TRP 28  28  28  TRP TRP B . n 
B 1 29  THR 29  29  29  THR THR B . n 
B 1 30  GLU 30  30  30  GLU GLU B . n 
B 1 31  LEU 31  31  31  LEU LEU B . n 
B 1 32  LEU 32  32  32  LEU LEU B . n 
B 1 33  GLN 33  33  33  GLN GLN B . n 
B 1 34  GLY 34  34  34  GLY GLY B . n 
B 1 35  PRO 35  35  35  PRO PRO B . n 
B 1 36  SER 36  36  36  SER SER B . n 
B 1 37  ALA 37  37  37  ALA ALA B . n 
B 1 38  ALA 38  38  38  ALA ALA B . n 
B 1 39  THR 39  39  39  THR THR B . n 
B 1 40  ARG 40  40  40  ARG ARG B . n 
B 1 41  GLU 41  41  41  GLU GLU B . n 
B 1 42  GLU 42  42  42  GLU GLU B . n 
B 1 43  ILE 43  43  43  ILE ILE B . n 
B 1 44  ASP 44  44  44  ASP ASP B . n 
B 1 45  TRP 45  45  45  TRP TRP B . n 
B 1 46  THR 46  46  46  THR THR B . n 
B 1 47  THR 47  47  47  THR THR B . n 
B 1 48  ASN 48  48  48  ASN ASN B . n 
B 1 49  GLU 49  49  49  GLU GLU B . n 
B 1 50  LEU 50  50  50  LEU LEU B . n 
B 1 51  ARG 51  51  51  ARG ARG B . n 
B 1 52  ASN 52  52  52  ASN ASN B . n 
B 1 53  ASN 53  53  53  ASN ASN B . n 
B 1 54  LEU 54  54  54  LEU LEU B . n 
B 1 55  ARG 55  55  55  ARG ARG B . n 
B 1 56  SER 56  56  56  SER SER B . n 
B 1 57  ILE 57  57  57  ILE ILE B . n 
B 1 58  GLU 58  58  58  GLU GLU B . n 
B 1 59  TRP 59  59  59  TRP TRP B . n 
B 1 60  ASP 60  60  60  ASP ASP B . n 
B 1 61  LEU 61  61  61  LEU LEU B . n 
B 1 62  GLU 62  62  62  GLU GLU B . n 
B 1 63  ASP 63  63  63  ASP ASP B . n 
B 1 64  LEU 64  64  64  LEU LEU B . n 
B 1 65  ASP 65  65  65  ASP ASP B . n 
B 1 66  GLU 66  66  66  GLU GLU B . n 
B 1 67  THR 67  67  67  THR THR B . n 
B 1 68  ILE 68  68  68  ILE ILE B . n 
B 1 69  SER 69  69  69  SER SER B . n 
B 1 70  ILE 70  70  70  ILE ILE B . n 
B 1 71  VAL 71  71  71  VAL VAL B . n 
B 1 72  GLU 72  72  72  GLU GLU B . n 
B 1 73  ALA 73  73  73  ALA ALA B . n 
B 1 74  ASN 74  74  74  ASN ALA B . n 
B 1 75  PRO 75  75  ?   ?   ?   B . n 
B 1 76  ARG 76  76  ?   ?   ?   B . n 
B 1 77  LYS 77  77  ?   ?   ?   B . n 
B 1 78  PHE 78  78  ?   ?   ?   B . n 
B 1 79  ASN 79  79  79  ASN ASN B . n 
B 1 80  LEU 80  80  80  LEU LEU B . n 
B 1 81  ASP 81  81  81  ASP ASP B . n 
B 1 82  ALA 82  82  82  ALA ALA B . n 
B 1 83  THR 83  83  83  THR THR B . n 
B 1 84  GLU 84  84  84  GLU GLU B . n 
B 1 85  LEU 85  85  85  LEU LEU B . n 
B 1 86  SER 86  86  86  SER SER B . n 
B 1 87  ILE 87  87  87  ILE ILE B . n 
B 1 88  ARG 88  88  88  ARG ARG B . n 
B 1 89  LYS 89  89  89  LYS LYS B . n 
B 1 90  ALA 90  90  90  ALA ALA B . n 
B 1 91  PHE 91  91  91  PHE PHE B . n 
B 1 92  ILE 92  92  92  ILE ILE B . n 
B 1 93  THR 93  93  93  THR THR B . n 
B 1 94  SER 94  94  94  SER SER B . n 
B 1 95  THR 95  95  95  THR THR B . n 
B 1 96  ARG 96  96  96  ARG ARG B . n 
B 1 97  GLN 97  97  97  GLN GLN B . n 
B 1 98  ILE 98  98  98  ILE ILE B . n 
B 1 99  VAL 99  99  99  VAL VAL B . n 
B 1 100 ARG 100 100 100 ARG ARG B . n 
B 1 101 ASP 101 101 101 ASP ASP B . n 
B 1 102 MET 102 102 102 MET MET B . n 
B 1 103 LYS 103 103 103 LYS LYS B . n 
B 1 104 ASP 104 104 104 ASP ASP B . n 
B 1 105 GLN 105 105 105 GLN GLN B . n 
B 1 106 MET 106 106 106 MET MET B . n 
B 1 107 SER 107 107 107 SER SER B . n 
B 1 108 ALA 108 108 108 ALA ALA B . n 
B 1 109 SER 109 109 109 SER SER B . n 
B 1 110 SER 110 110 110 SER SER B . n 
# 
loop_
_pdbx_nonpoly_scheme.asym_id 
_pdbx_nonpoly_scheme.entity_id 
_pdbx_nonpoly_scheme.mon_id 
_pdbx_nonpoly_scheme.ndb_seq_num 
_pdbx_nonpoly_scheme.pdb_seq_num 
_pdbx_nonpoly_scheme.auth_seq_num 
_pdbx_nonpoly_scheme.pdb_mon_id 
_pdbx_nonpoly_scheme.auth_mon_id 
_pdbx_nonpoly_scheme.pdb_strand_id 
_pdbx_nonpoly_scheme.pdb_ins_code 
C 2 HOH 1   111 101 HOH HOH A . 
C 2 HOH 2   112 102 HOH HOH A . 
C 2 HOH 3   113 105 HOH HOH A . 
C 2 HOH 4   114 107 HOH HOH A . 
C 2 HOH 5   115 108 HOH HOH A . 
C 2 HOH 6   116 111 HOH HOH A . 
C 2 HOH 7   117 112 HOH HOH A . 
C 2 HOH 8   118 114 HOH HOH A . 
C 2 HOH 9   119 117 HOH HOH A . 
C 2 HOH 10  120 122 HOH HOH A . 
C 2 HOH 11  121 124 HOH HOH A . 
C 2 HOH 12  122 126 HOH HOH A . 
C 2 HOH 13  123 129 HOH HOH A . 
C 2 HOH 14  124 130 HOH HOH A . 
C 2 HOH 15  125 131 HOH HOH A . 
C 2 HOH 16  126 132 HOH HOH A . 
C 2 HOH 17  127 134 HOH HOH A . 
C 2 HOH 18  128 135 HOH HOH A . 
C 2 HOH 19  129 138 HOH HOH A . 
C 2 HOH 20  130 139 HOH HOH A . 
C 2 HOH 21  131 141 HOH HOH A . 
C 2 HOH 22  132 146 HOH HOH A . 
C 2 HOH 23  133 148 HOH HOH A . 
C 2 HOH 24  134 149 HOH HOH A . 
C 2 HOH 25  135 150 HOH HOH A . 
C 2 HOH 26  136 154 HOH HOH A . 
C 2 HOH 27  137 155 HOH HOH A . 
C 2 HOH 28  138 158 HOH HOH A . 
C 2 HOH 29  139 161 HOH HOH A . 
C 2 HOH 30  140 162 HOH HOH A . 
C 2 HOH 31  141 164 HOH HOH A . 
C 2 HOH 32  142 166 HOH HOH A . 
C 2 HOH 33  143 167 HOH HOH A . 
C 2 HOH 34  144 176 HOH HOH A . 
C 2 HOH 35  145 178 HOH HOH A . 
C 2 HOH 36  146 182 HOH HOH A . 
C 2 HOH 37  147 184 HOH HOH A . 
C 2 HOH 38  148 186 HOH HOH A . 
C 2 HOH 39  149 188 HOH HOH A . 
C 2 HOH 40  150 189 HOH HOH A . 
C 2 HOH 41  151 198 HOH HOH A . 
C 2 HOH 42  152 204 HOH HOH A . 
C 2 HOH 43  153 206 HOH HOH A . 
C 2 HOH 44  154 213 HOH HOH A . 
C 2 HOH 45  155 214 HOH HOH A . 
C 2 HOH 46  156 215 HOH HOH A . 
C 2 HOH 47  157 216 HOH HOH A . 
C 2 HOH 48  158 217 HOH HOH A . 
C 2 HOH 49  159 218 HOH HOH A . 
C 2 HOH 50  160 221 HOH HOH A . 
C 2 HOH 51  161 224 HOH HOH A . 
C 2 HOH 52  162 228 HOH HOH A . 
C 2 HOH 53  163 229 HOH HOH A . 
C 2 HOH 54  164 233 HOH HOH A . 
C 2 HOH 55  165 241 HOH HOH A . 
C 2 HOH 56  166 244 HOH HOH A . 
C 2 HOH 57  167 245 HOH HOH A . 
C 2 HOH 58  168 246 HOH HOH A . 
C 2 HOH 59  169 248 HOH HOH A . 
C 2 HOH 60  170 250 HOH HOH A . 
C 2 HOH 61  171 252 HOH HOH A . 
C 2 HOH 62  172 253 HOH HOH A . 
C 2 HOH 63  173 254 HOH HOH A . 
C 2 HOH 64  174 256 HOH HOH A . 
C 2 HOH 65  175 257 HOH HOH A . 
C 2 HOH 66  176 258 HOH HOH A . 
C 2 HOH 67  177 260 HOH HOH A . 
C 2 HOH 68  178 261 HOH HOH A . 
C 2 HOH 69  179 262 HOH HOH A . 
C 2 HOH 70  180 263 HOH HOH A . 
C 2 HOH 71  181 266 HOH HOH A . 
C 2 HOH 72  182 267 HOH HOH A . 
C 2 HOH 73  183 268 HOH HOH A . 
C 2 HOH 74  184 271 HOH HOH A . 
C 2 HOH 75  185 272 HOH HOH A . 
C 2 HOH 76  186 273 HOH HOH A . 
C 2 HOH 77  187 276 HOH HOH A . 
C 2 HOH 78  188 277 HOH HOH A . 
C 2 HOH 79  189 278 HOH HOH A . 
C 2 HOH 80  190 279 HOH HOH A . 
C 2 HOH 81  191 280 HOH HOH A . 
C 2 HOH 82  192 284 HOH HOH A . 
C 2 HOH 83  193 285 HOH HOH A . 
C 2 HOH 84  194 286 HOH HOH A . 
C 2 HOH 85  195 289 HOH HOH A . 
C 2 HOH 86  196 292 HOH HOH A . 
C 2 HOH 87  197 293 HOH HOH A . 
C 2 HOH 88  198 294 HOH HOH A . 
C 2 HOH 89  199 296 HOH HOH A . 
C 2 HOH 90  200 297 HOH HOH A . 
C 2 HOH 91  201 298 HOH HOH A . 
C 2 HOH 92  202 299 HOH HOH A . 
C 2 HOH 93  203 301 HOH HOH A . 
C 2 HOH 94  204 305 HOH HOH A . 
C 2 HOH 95  205 306 HOH HOH A . 
D 2 HOH 1   111 103 HOH HOH B . 
D 2 HOH 2   112 104 HOH HOH B . 
D 2 HOH 3   113 106 HOH HOH B . 
D 2 HOH 4   114 109 HOH HOH B . 
D 2 HOH 5   115 110 HOH HOH B . 
D 2 HOH 6   116 113 HOH HOH B . 
D 2 HOH 7   117 115 HOH HOH B . 
D 2 HOH 8   118 116 HOH HOH B . 
D 2 HOH 9   119 118 HOH HOH B . 
D 2 HOH 10  120 119 HOH HOH B . 
D 2 HOH 11  121 120 HOH HOH B . 
D 2 HOH 12  122 121 HOH HOH B . 
D 2 HOH 13  123 123 HOH HOH B . 
D 2 HOH 14  124 125 HOH HOH B . 
D 2 HOH 15  125 127 HOH HOH B . 
D 2 HOH 16  126 128 HOH HOH B . 
D 2 HOH 17  127 133 HOH HOH B . 
D 2 HOH 18  128 136 HOH HOH B . 
D 2 HOH 19  129 137 HOH HOH B . 
D 2 HOH 20  130 140 HOH HOH B . 
D 2 HOH 21  131 142 HOH HOH B . 
D 2 HOH 22  132 143 HOH HOH B . 
D 2 HOH 23  133 144 HOH HOH B . 
D 2 HOH 24  134 145 HOH HOH B . 
D 2 HOH 25  135 147 HOH HOH B . 
D 2 HOH 26  136 151 HOH HOH B . 
D 2 HOH 27  137 152 HOH HOH B . 
D 2 HOH 28  138 153 HOH HOH B . 
D 2 HOH 29  139 156 HOH HOH B . 
D 2 HOH 30  140 157 HOH HOH B . 
D 2 HOH 31  141 159 HOH HOH B . 
D 2 HOH 32  142 160 HOH HOH B . 
D 2 HOH 33  143 163 HOH HOH B . 
D 2 HOH 34  144 165 HOH HOH B . 
D 2 HOH 35  145 168 HOH HOH B . 
D 2 HOH 36  146 169 HOH HOH B . 
D 2 HOH 37  147 170 HOH HOH B . 
D 2 HOH 38  148 171 HOH HOH B . 
D 2 HOH 39  149 172 HOH HOH B . 
D 2 HOH 40  150 173 HOH HOH B . 
D 2 HOH 41  151 174 HOH HOH B . 
D 2 HOH 42  152 175 HOH HOH B . 
D 2 HOH 43  153 177 HOH HOH B . 
D 2 HOH 44  154 179 HOH HOH B . 
D 2 HOH 45  155 180 HOH HOH B . 
D 2 HOH 46  156 181 HOH HOH B . 
D 2 HOH 47  157 183 HOH HOH B . 
D 2 HOH 48  158 185 HOH HOH B . 
D 2 HOH 49  159 187 HOH HOH B . 
D 2 HOH 50  160 190 HOH HOH B . 
D 2 HOH 51  161 191 HOH HOH B . 
D 2 HOH 52  162 192 HOH HOH B . 
D 2 HOH 53  163 193 HOH HOH B . 
D 2 HOH 54  164 194 HOH HOH B . 
D 2 HOH 55  165 195 HOH HOH B . 
D 2 HOH 56  166 196 HOH HOH B . 
D 2 HOH 57  167 197 HOH HOH B . 
D 2 HOH 58  168 199 HOH HOH B . 
D 2 HOH 59  169 200 HOH HOH B . 
D 2 HOH 60  170 201 HOH HOH B . 
D 2 HOH 61  171 202 HOH HOH B . 
D 2 HOH 62  172 203 HOH HOH B . 
D 2 HOH 63  173 205 HOH HOH B . 
D 2 HOH 64  174 207 HOH HOH B . 
D 2 HOH 65  175 208 HOH HOH B . 
D 2 HOH 66  176 209 HOH HOH B . 
D 2 HOH 67  177 210 HOH HOH B . 
D 2 HOH 68  178 211 HOH HOH B . 
D 2 HOH 69  179 212 HOH HOH B . 
D 2 HOH 70  180 219 HOH HOH B . 
D 2 HOH 71  181 220 HOH HOH B . 
D 2 HOH 72  182 222 HOH HOH B . 
D 2 HOH 73  183 223 HOH HOH B . 
D 2 HOH 74  184 225 HOH HOH B . 
D 2 HOH 75  185 226 HOH HOH B . 
D 2 HOH 76  186 227 HOH HOH B . 
D 2 HOH 77  187 230 HOH HOH B . 
D 2 HOH 78  188 231 HOH HOH B . 
D 2 HOH 79  189 232 HOH HOH B . 
D 2 HOH 80  190 234 HOH HOH B . 
D 2 HOH 81  191 235 HOH HOH B . 
D 2 HOH 82  192 236 HOH HOH B . 
D 2 HOH 83  193 237 HOH HOH B . 
D 2 HOH 84  194 238 HOH HOH B . 
D 2 HOH 85  195 239 HOH HOH B . 
D 2 HOH 86  196 240 HOH HOH B . 
D 2 HOH 87  197 242 HOH HOH B . 
D 2 HOH 88  198 243 HOH HOH B . 
D 2 HOH 89  199 247 HOH HOH B . 
D 2 HOH 90  200 249 HOH HOH B . 
D 2 HOH 91  201 251 HOH HOH B . 
D 2 HOH 92  202 255 HOH HOH B . 
D 2 HOH 93  203 259 HOH HOH B . 
D 2 HOH 94  204 264 HOH HOH B . 
D 2 HOH 95  205 265 HOH HOH B . 
D 2 HOH 96  206 269 HOH HOH B . 
D 2 HOH 97  207 270 HOH HOH B . 
D 2 HOH 98  208 274 HOH HOH B . 
D 2 HOH 99  209 275 HOH HOH B . 
D 2 HOH 100 210 281 HOH HOH B . 
D 2 HOH 101 211 282 HOH HOH B . 
D 2 HOH 102 212 283 HOH HOH B . 
D 2 HOH 103 213 287 HOH HOH B . 
D 2 HOH 104 214 288 HOH HOH B . 
D 2 HOH 105 215 290 HOH HOH B . 
D 2 HOH 106 216 291 HOH HOH B . 
D 2 HOH 107 217 295 HOH HOH B . 
D 2 HOH 108 218 300 HOH HOH B . 
D 2 HOH 109 219 302 HOH HOH B . 
D 2 HOH 110 220 303 HOH HOH B . 
D 2 HOH 111 221 304 HOH HOH B . 
# 
loop_
_pdbx_unobs_or_zero_occ_atoms.id 
_pdbx_unobs_or_zero_occ_atoms.PDB_model_num 
_pdbx_unobs_or_zero_occ_atoms.polymer_flag 
_pdbx_unobs_or_zero_occ_atoms.occupancy_flag 
_pdbx_unobs_or_zero_occ_atoms.auth_asym_id 
_pdbx_unobs_or_zero_occ_atoms.auth_comp_id 
_pdbx_unobs_or_zero_occ_atoms.auth_seq_id 
_pdbx_unobs_or_zero_occ_atoms.PDB_ins_code 
_pdbx_unobs_or_zero_occ_atoms.auth_atom_id 
_pdbx_unobs_or_zero_occ_atoms.label_alt_id 
_pdbx_unobs_or_zero_occ_atoms.label_asym_id 
_pdbx_unobs_or_zero_occ_atoms.label_comp_id 
_pdbx_unobs_or_zero_occ_atoms.label_seq_id 
_pdbx_unobs_or_zero_occ_atoms.label_atom_id 
1 1 Y 1 B ASN 74 ? CG  ? B ASN 74 CG  
2 1 Y 1 B ASN 74 ? OD1 ? B ASN 74 OD1 
3 1 Y 1 B ASN 74 ? ND2 ? B ASN 74 ND2 
# 
loop_
_software.name 
_software.classification 
_software.version 
_software.citation_id 
_software.pdbx_ordinal 
SOLVE     phasing          .   ? 1 
DM        'model building' .   ? 2 
CNS       refinement       1.0 ? 3 
DENZO     'data reduction' .   ? 4 
SCALEPACK 'data scaling'   .   ? 5 
DM        phasing          .   ? 6 
# 
_cell.entry_id           1LVF 
_cell.length_a           39.600 
_cell.length_b           54.380 
_cell.length_c           94.890 
_cell.angle_alpha        90.00 
_cell.angle_beta         90.00 
_cell.angle_gamma        90.00 
_cell.pdbx_unique_axis   ? 
_cell.Z_PDB              8 
# 
_symmetry.entry_id                         1LVF 
_symmetry.space_group_name_H-M             'P 21 21 21' 
_symmetry.pdbx_full_space_group_name_H-M   ? 
_symmetry.Int_Tables_number                19 
_symmetry.cell_setting                     ? 
# 
_exptl.entry_id          1LVF 
_exptl.crystals_number   1 
_exptl.method            'X-RAY DIFFRACTION' 
# 
_exptl_crystal.id                    1 
_exptl_crystal.density_meas          ? 
_exptl_crystal.density_percent_sol   39.00 
_exptl_crystal.density_Matthews      2.02 
_exptl_crystal.description           ? 
# 
_exptl_crystal_grow.crystal_id      1 
_exptl_crystal_grow.method          'VAPOR DIFFUSION, HANGING DROP' 
_exptl_crystal_grow.pH              7.4 
_exptl_crystal_grow.temp            298 
_exptl_crystal_grow.temp_details    ? 
_exptl_crystal_grow.pdbx_details    'PEG 8000, sodium acetate, pH 7.4, VAPOR DIFFUSION, HANGING DROP, temperature 298K' 
_exptl_crystal_grow.pdbx_pH_range   . 
# 
_diffrn.id                     1 
_diffrn.ambient_temp           100.0 
_diffrn.ambient_temp_details   ? 
_diffrn.crystal_id             1 
# 
_diffrn_detector.diffrn_id              1 
_diffrn_detector.detector               'IMAGE PLATE' 
_diffrn_detector.type                   'RIGAKU RAXIS IIC' 
_diffrn_detector.pdbx_collection_date   1998-01-01 
_diffrn_detector.details                mirrors 
# 
_diffrn_radiation.diffrn_id                        1 
_diffrn_radiation.wavelength_id                    1 
_diffrn_radiation.pdbx_diffrn_protocol             'SINGLE WAVELENGTH' 
_diffrn_radiation.monochromator                    graphite 
_diffrn_radiation.pdbx_monochromatic_or_laue_m_l   M 
_diffrn_radiation.pdbx_scattering_type             x-ray 
# 
_diffrn_radiation_wavelength.id           1 
_diffrn_radiation_wavelength.wavelength   1.5418 
_diffrn_radiation_wavelength.wt           1.0 
# 
_diffrn_source.diffrn_id                   1 
_diffrn_source.source                      'ROTATING ANODE' 
_diffrn_source.type                        RIGAKU 
_diffrn_source.pdbx_wavelength             ? 
_diffrn_source.pdbx_wavelength_list        1.5418 
_diffrn_source.pdbx_synchrotron_site       ? 
_diffrn_source.pdbx_synchrotron_beamline   ? 
# 
_reflns.entry_id                     1LVF 
_reflns.d_resolution_high            2.10 
_reflns.d_resolution_low             36.55 
_reflns.limit_h_max                  18 
_reflns.limit_h_min                  0 
_reflns.limit_k_max                  25 
_reflns.limit_k_min                  0 
_reflns.limit_l_max                  45 
_reflns.limit_l_min                  0 
_reflns.number_all                   12225 
_reflns.observed_criterion_sigma_F   0.0 
_reflns.observed_criterion_F_max     1714937.98 
_reflns.observed_criterion_F_min     2.639000 
_reflns.B_iso_Wilson_estimate        9.1 
_reflns.observed_criterion_sigma_I   2.0 
_reflns.number_obs                   11792 
_reflns.percent_possible_obs         94.3 
_reflns.pdbx_Rmerge_I_obs            ? 
_reflns.pdbx_Rsym_value              ? 
_reflns.pdbx_netI_over_sigmaI        ? 
_reflns.pdbx_redundancy              ? 
_reflns.R_free_details               ? 
_reflns.pdbx_diffrn_id               1 
_reflns.pdbx_ordinal                 1 
# 
_reflns_shell.d_res_high             2.10 
_reflns_shell.d_res_low              2.19 
_reflns_shell.percent_possible_obs   ? 
_reflns_shell.percent_possible_all   96.7 
_reflns_shell.Rmerge_I_obs           ? 
_reflns_shell.meanI_over_sigI_obs    ? 
_reflns_shell.pdbx_Rsym_value        0.3450000 
_reflns_shell.pdbx_redundancy        3.9 
_reflns_shell.number_unique_all      11787 
_reflns_shell.pdbx_diffrn_id         ? 
_reflns_shell.pdbx_ordinal           1 
# 
_refine.entry_id                                 1LVF 
_refine.ls_number_reflns_all                     12500 
_refine.ls_number_reflns_obs                     11792 
_refine.ls_percent_reflns_obs                    94.3 
_refine.ls_d_res_high                            2.10 
_refine.ls_d_res_low                             36.55 
_refine.B_iso_min                                9.02 
_refine.B_iso_max                                55.04 
_refine.B_iso_mean                               22.10 
_refine.occupancy_min                            1.00 
_refine.occupancy_max                            1.00 
_refine.aniso_B[1][1]                            -2.28 
_refine.aniso_B[2][2]                            4.71 
_refine.aniso_B[3][3]                            -2.43 
_refine.aniso_B[1][2]                            0.00 
_refine.aniso_B[1][3]                            0.00 
_refine.aniso_B[2][3]                            0.00 
_refine.solvent_model_param_bsol                 49.4386 
_refine.solvent_model_param_ksol                 0.35113 
_refine.solvent_model_details                    'CNS bulk solvent model used' 
_refine.ls_R_factor_R_work                       0.2080000 
_refine.ls_R_factor_R_free                       0.2690000 
_refine.ls_R_factor_R_free_error                 0.008 
_refine.ls_number_reflns_R_free                  1217 
_refine.ls_percent_reflns_R_free                 10.3 
_refine.details                                  ? 
_refine.pdbx_ls_sigma_F                          0 
_refine.pdbx_ls_sigma_I                          2.0 
_refine.ls_R_factor_all                          0.2690000 
_refine.ls_R_factor_obs                          0.2080000 
_refine.ls_redundancy_reflns_obs                 ? 
_refine.pdbx_data_cutoff_high_absF               ? 
_refine.pdbx_data_cutoff_low_absF                ? 
_refine.ls_number_parameters                     ? 
_refine.ls_number_restraints                     ? 
_refine.ls_R_factor_R_free_error_details         ? 
_refine.pdbx_method_to_determine_struct          MAD 
_refine.pdbx_starting_model                      ? 
_refine.pdbx_ls_cross_valid_method               THROUGHOUT 
_refine.pdbx_R_Free_selection_details            random 
_refine.pdbx_stereochem_target_val_spec_case     ? 
_refine.pdbx_stereochemistry_target_values       'Engh & Huber' 
_refine.pdbx_isotropic_thermal_model             ? 
_refine.correlation_coeff_Fo_to_Fc               ? 
_refine.correlation_coeff_Fo_to_Fc_free          ? 
_refine.pdbx_solvent_vdw_probe_radii             ? 
_refine.pdbx_solvent_ion_probe_radii             ? 
_refine.pdbx_solvent_shrinkage_radii             ? 
_refine.overall_SU_R_Cruickshank_DPI             ? 
_refine.overall_SU_R_free                        ? 
_refine.overall_SU_B                             ? 
_refine.overall_SU_ML                            ? 
_refine.pdbx_overall_ESU_R                       ? 
_refine.pdbx_overall_ESU_R_Free                  ? 
_refine.pdbx_data_cutoff_high_rms_absF           ? 
_refine.pdbx_refine_id                           'X-RAY DIFFRACTION' 
_refine.pdbx_diffrn_id                           1 
_refine.pdbx_TLS_residual_ADP_flag               ? 
_refine.pdbx_overall_phase_error                 ? 
_refine.pdbx_overall_SU_R_free_Cruickshank_DPI   ? 
_refine.pdbx_overall_SU_R_Blow_DPI               ? 
_refine.pdbx_overall_SU_R_free_Blow_DPI          ? 
# 
_refine_analyze.entry_id                        1LVF 
_refine_analyze.Luzzati_d_res_low_obs           5.00 
_refine_analyze.pdbx_Luzzati_d_res_high_obs     2.10 
_refine_analyze.Luzzati_coordinate_error_obs    0.22 
_refine_analyze.Luzzati_sigma_a_obs             0.05 
_refine_analyze.Luzzati_coordinate_error_free   0.32 
_refine_analyze.Luzzati_sigma_a_free            0.22 
_refine_analyze.Luzzati_d_res_low_free          ? 
_refine_analyze.number_disordered_residues      ? 
_refine_analyze.occupancy_sum_non_hydrogen      ? 
_refine_analyze.occupancy_sum_hydrogen          ? 
_refine_analyze.pdbx_refine_id                  'X-RAY DIFFRACTION' 
# 
_refine_hist.pdbx_refine_id                   'X-RAY DIFFRACTION' 
_refine_hist.cycle_id                         LAST 
_refine_hist.pdbx_number_atoms_protein        1692 
_refine_hist.pdbx_number_atoms_nucleic_acid   0 
_refine_hist.pdbx_number_atoms_ligand         0 
_refine_hist.number_atoms_solvent             206 
_refine_hist.number_atoms_total               1898 
_refine_hist.d_res_high                       2.10 
_refine_hist.d_res_low                        36.55 
# 
loop_
_refine_ls_restr.type 
_refine_ls_restr.dev_ideal 
_refine_ls_restr.dev_ideal_target 
_refine_ls_restr.number 
_refine_ls_restr.weight 
_refine_ls_restr.pdbx_refine_id 
_refine_ls_restr.pdbx_restraint_function 
x_bond_d           0.005 . ? ? 'X-RAY DIFFRACTION' ? 
x_angle_deg        0.9   . ? ? 'X-RAY DIFFRACTION' ? 
x_torsion_deg      15.2  . ? ? 'X-RAY DIFFRACTION' ? 
x_torsion_impr_deg 0.64  . ? ? 'X-RAY DIFFRACTION' ? 
# 
loop_
_refine_ls_shell.d_res_high 
_refine_ls_shell.d_res_low 
_refine_ls_shell.number_reflns_all 
_refine_ls_shell.number_reflns_obs 
_refine_ls_shell.number_reflns_R_work 
_refine_ls_shell.percent_reflns_obs 
_refine_ls_shell.R_factor_R_work 
_refine_ls_shell.R_factor_R_free 
_refine_ls_shell.R_factor_R_free_error 
_refine_ls_shell.number_reflns_R_free 
_refine_ls_shell.percent_reflns_R_free 
_refine_ls_shell.pdbx_total_number_of_bins_used 
_refine_ls_shell.redundancy_reflns_obs 
_refine_ls_shell.pdbx_refine_id 
_refine_ls_shell.R_factor_all 
2.10 2.20  1526 1396 1261 91.5 0.2160000 0.2190000 0.019 135 8.8  8 . 'X-RAY DIFFRACTION' . 
2.20 2.31  1521 1418 1279 93.2 0.1850000 0.1880000 0.016 139 9.1  8 . 'X-RAY DIFFRACTION' . 
2.31 2.46  1547 1459 1307 94.3 0.1980000 0.1960000 0.016 152 9.8  8 . 'X-RAY DIFFRACTION' . 
2.46 2.65  1545 1474 1317 95.4 0.2040000 0.2020000 0.016 157 10.2 8 . 'X-RAY DIFFRACTION' . 
2.65 2.91  1537 1467 1328 95.4 0.2040000 0.2040000 0.017 139 9.0  8 . 'X-RAY DIFFRACTION' . 
2.91 3.33  1572 1532 1364 97.4 0.2180000 0.2200000 0.017 168 10.7 8 . 'X-RAY DIFFRACTION' . 
3.33 4.20  1591 1528 1355 96.0 0.1970000 0.2000000 0.015 173 10.9 8 . 'X-RAY DIFFRACTION' . 
4.20 36.55 1673 1518 1364 90.7 0.2290000 0.2270000 0.018 154 9.2  8 . 'X-RAY DIFFRACTION' . 
# 
loop_
_pdbx_xplor_file.serial_no 
_pdbx_xplor_file.param_file 
_pdbx_xplor_file.topol_file 
_pdbx_xplor_file.pdbx_refine_id 
1 protein_rep.param protein.top 'X-RAY DIFFRACTION' 
2 water_rep.param   water.top   'X-RAY DIFFRACTION' 
# 
_struct.entry_id                  1LVF 
_struct.title                     'syntaxin 6' 
_struct.pdbx_model_details        ? 
_struct.pdbx_CASP_flag            ? 
_struct.pdbx_model_type_details   ? 
# 
_struct_keywords.entry_id        1LVF 
_struct_keywords.pdbx_keywords   'TRANSPORT PROTEIN' 
_struct_keywords.text            'SNARE, three-helix bundle, TRANSPORT PROTEIN' 
# 
loop_
_struct_asym.id 
_struct_asym.pdbx_blank_PDB_chainid_flag 
_struct_asym.pdbx_modified 
_struct_asym.entity_id 
_struct_asym.details 
A N N 1 ? 
B N N 1 ? 
C N N 2 ? 
D N N 2 ? 
# 
_struct_ref.id                         1 
_struct_ref.db_code                    STX6_RAT 
_struct_ref.db_name                    UNP 
_struct_ref.entity_id                  1 
_struct_ref.pdbx_db_accession          Q63635 
_struct_ref.pdbx_align_begin           1 
_struct_ref.pdbx_seq_one_letter_code   
;MSMEDPFFVVKGEVQKAVNTAQGLFQRWTELLQGPSAATREEIDWTTNELRNNLRSIEWDLEDLDETISIVEANPRKFNL
DATELSIRKAFITSTRQIVRDMKDQMSASS
;
_struct_ref.pdbx_db_isoform            ? 
# 
loop_
_struct_ref_seq.align_id 
_struct_ref_seq.ref_id 
_struct_ref_seq.pdbx_PDB_id_code 
_struct_ref_seq.pdbx_strand_id 
_struct_ref_seq.seq_align_beg 
_struct_ref_seq.pdbx_seq_align_beg_ins_code 
_struct_ref_seq.seq_align_end 
_struct_ref_seq.pdbx_seq_align_end_ins_code 
_struct_ref_seq.pdbx_db_accession 
_struct_ref_seq.db_align_beg 
_struct_ref_seq.pdbx_db_align_beg_ins_code 
_struct_ref_seq.db_align_end 
_struct_ref_seq.pdbx_db_align_end_ins_code 
_struct_ref_seq.pdbx_auth_seq_align_beg 
_struct_ref_seq.pdbx_auth_seq_align_end 
1 1 1LVF A 1 ? 110 ? Q63635 1 ? 110 ? 1 110 
2 1 1LVF B 1 ? 110 ? Q63635 1 ? 110 ? 1 110 
# 
loop_
_pdbx_struct_assembly.id 
_pdbx_struct_assembly.details 
_pdbx_struct_assembly.method_details 
_pdbx_struct_assembly.oligomeric_details 
_pdbx_struct_assembly.oligomeric_count 
1 author_defined_assembly ? monomeric 1 
2 author_defined_assembly ? monomeric 1 
# 
loop_
_pdbx_struct_assembly_gen.assembly_id 
_pdbx_struct_assembly_gen.oper_expression 
_pdbx_struct_assembly_gen.asym_id_list 
1 1 A,C 
2 1 B,D 
# 
_pdbx_struct_oper_list.id                   1 
_pdbx_struct_oper_list.type                 'identity operation' 
_pdbx_struct_oper_list.name                 1_555 
_pdbx_struct_oper_list.symmetry_operation   x,y,z 
_pdbx_struct_oper_list.matrix[1][1]         1.0000000000 
_pdbx_struct_oper_list.matrix[1][2]         0.0000000000 
_pdbx_struct_oper_list.matrix[1][3]         0.0000000000 
_pdbx_struct_oper_list.vector[1]            0.0000000000 
_pdbx_struct_oper_list.matrix[2][1]         0.0000000000 
_pdbx_struct_oper_list.matrix[2][2]         1.0000000000 
_pdbx_struct_oper_list.matrix[2][3]         0.0000000000 
_pdbx_struct_oper_list.vector[2]            0.0000000000 
_pdbx_struct_oper_list.matrix[3][1]         0.0000000000 
_pdbx_struct_oper_list.matrix[3][2]         0.0000000000 
_pdbx_struct_oper_list.matrix[3][3]         1.0000000000 
_pdbx_struct_oper_list.vector[3]            0.0000000000 
# 
loop_
_struct_biol.id 
_struct_biol.details 
_struct_biol.pdbx_parent_biol_id 
1 ? ? 
2 ? ? 
# 
loop_
_struct_conf.conf_type_id 
_struct_conf.id 
_struct_conf.pdbx_PDB_helix_id 
_struct_conf.beg_label_comp_id 
_struct_conf.beg_label_asym_id 
_struct_conf.beg_label_seq_id 
_struct_conf.pdbx_beg_PDB_ins_code 
_struct_conf.end_label_comp_id 
_struct_conf.end_label_asym_id 
_struct_conf.end_label_seq_id 
_struct_conf.pdbx_end_PDB_ins_code 
_struct_conf.beg_auth_comp_id 
_struct_conf.beg_auth_asym_id 
_struct_conf.beg_auth_seq_id 
_struct_conf.end_auth_comp_id 
_struct_conf.end_auth_asym_id 
_struct_conf.end_auth_seq_id 
_struct_conf.pdbx_PDB_helix_class 
_struct_conf.details 
_struct_conf.pdbx_PDB_helix_length 
HELX_P HELX_P1 1 ASP A 5  ? LEU A 32  ? ASP A 5  LEU A 32  1 ? 28 
HELX_P HELX_P2 2 THR A 39 ? ALA A 73  ? THR A 39 ALA A 73  1 ? 35 
HELX_P HELX_P3 3 ASN A 74 ? ASN A 79  ? ASN A 74 ASN A 79  5 ? 6  
HELX_P HELX_P4 4 ASP A 81 ? SER A 109 ? ASP A 81 SER A 109 1 ? 29 
HELX_P HELX_P5 5 ASP B 5  ? LEU B 32  ? ASP B 5  LEU B 32  1 ? 28 
HELX_P HELX_P6 7 ASP B 81 ? SER B 109 ? ASP B 81 SER B 109 1 ? 29 
# 
_struct_conf_type.id          HELX_P 
_struct_conf_type.criteria    ? 
_struct_conf_type.reference   ? 
# 
_pdbx_validate_torsion.id              1 
_pdbx_validate_torsion.PDB_model_num   1 
_pdbx_validate_torsion.auth_comp_id    SER 
_pdbx_validate_torsion.auth_asym_id    B 
_pdbx_validate_torsion.auth_seq_id     109 
_pdbx_validate_torsion.PDB_ins_code    ? 
_pdbx_validate_torsion.label_alt_id    ? 
_pdbx_validate_torsion.phi             -104.60 
_pdbx_validate_torsion.psi             40.90 
# 
loop_
_pdbx_unobs_or_zero_occ_residues.id 
_pdbx_unobs_or_zero_occ_residues.PDB_model_num 
_pdbx_unobs_or_zero_occ_residues.polymer_flag 
_pdbx_unobs_or_zero_occ_residues.occupancy_flag 
_pdbx_unobs_or_zero_occ_residues.auth_asym_id 
_pdbx_unobs_or_zero_occ_residues.auth_comp_id 
_pdbx_unobs_or_zero_occ_residues.auth_seq_id 
_pdbx_unobs_or_zero_occ_residues.PDB_ins_code 
_pdbx_unobs_or_zero_occ_residues.label_asym_id 
_pdbx_unobs_or_zero_occ_residues.label_comp_id 
_pdbx_unobs_or_zero_occ_residues.label_seq_id 
1  1 Y 1 A MET 1   ? A MET 1   
2  1 Y 1 A SER 2   ? A SER 2   
3  1 Y 1 A MET 3   ? A MET 3   
4  1 Y 1 A SER 110 ? A SER 110 
5  1 Y 1 B MET 1   ? B MET 1   
6  1 Y 1 B SER 2   ? B SER 2   
7  1 Y 1 B PRO 75  ? B PRO 75  
8  1 Y 1 B ARG 76  ? B ARG 76  
9  1 Y 1 B LYS 77  ? B LYS 77  
10 1 Y 1 B PHE 78  ? B PHE 78  
# 
loop_
_chem_comp_atom.comp_id 
_chem_comp_atom.atom_id 
_chem_comp_atom.type_symbol 
_chem_comp_atom.pdbx_aromatic_flag 
_chem_comp_atom.pdbx_stereo_config 
_chem_comp_atom.pdbx_ordinal 
ALA N    N N N 1   
ALA CA   C N S 2   
ALA C    C N N 3   
ALA O    O N N 4   
ALA CB   C N N 5   
ALA OXT  O N N 6   
ALA H    H N N 7   
ALA H2   H N N 8   
ALA HA   H N N 9   
ALA HB1  H N N 10  
ALA HB2  H N N 11  
ALA HB3  H N N 12  
ALA HXT  H N N 13  
ARG N    N N N 14  
ARG CA   C N S 15  
ARG C    C N N 16  
ARG O    O N N 17  
ARG CB   C N N 18  
ARG CG   C N N 19  
ARG CD   C N N 20  
ARG NE   N N N 21  
ARG CZ   C N N 22  
ARG NH1  N N N 23  
ARG NH2  N N N 24  
ARG OXT  O N N 25  
ARG H    H N N 26  
ARG H2   H N N 27  
ARG HA   H N N 28  
ARG HB2  H N N 29  
ARG HB3  H N N 30  
ARG HG2  H N N 31  
ARG HG3  H N N 32  
ARG HD2  H N N 33  
ARG HD3  H N N 34  
ARG HE   H N N 35  
ARG HH11 H N N 36  
ARG HH12 H N N 37  
ARG HH21 H N N 38  
ARG HH22 H N N 39  
ARG HXT  H N N 40  
ASN N    N N N 41  
ASN CA   C N S 42  
ASN C    C N N 43  
ASN O    O N N 44  
ASN CB   C N N 45  
ASN CG   C N N 46  
ASN OD1  O N N 47  
ASN ND2  N N N 48  
ASN OXT  O N N 49  
ASN H    H N N 50  
ASN H2   H N N 51  
ASN HA   H N N 52  
ASN HB2  H N N 53  
ASN HB3  H N N 54  
ASN HD21 H N N 55  
ASN HD22 H N N 56  
ASN HXT  H N N 57  
ASP N    N N N 58  
ASP CA   C N S 59  
ASP C    C N N 60  
ASP O    O N N 61  
ASP CB   C N N 62  
ASP CG   C N N 63  
ASP OD1  O N N 64  
ASP OD2  O N N 65  
ASP OXT  O N N 66  
ASP H    H N N 67  
ASP H2   H N N 68  
ASP HA   H N N 69  
ASP HB2  H N N 70  
ASP HB3  H N N 71  
ASP HD2  H N N 72  
ASP HXT  H N N 73  
GLN N    N N N 74  
GLN CA   C N S 75  
GLN C    C N N 76  
GLN O    O N N 77  
GLN CB   C N N 78  
GLN CG   C N N 79  
GLN CD   C N N 80  
GLN OE1  O N N 81  
GLN NE2  N N N 82  
GLN OXT  O N N 83  
GLN H    H N N 84  
GLN H2   H N N 85  
GLN HA   H N N 86  
GLN HB2  H N N 87  
GLN HB3  H N N 88  
GLN HG2  H N N 89  
GLN HG3  H N N 90  
GLN HE21 H N N 91  
GLN HE22 H N N 92  
GLN HXT  H N N 93  
GLU N    N N N 94  
GLU CA   C N S 95  
GLU C    C N N 96  
GLU O    O N N 97  
GLU CB   C N N 98  
GLU CG   C N N 99  
GLU CD   C N N 100 
GLU OE1  O N N 101 
GLU OE2  O N N 102 
GLU OXT  O N N 103 
GLU H    H N N 104 
GLU H2   H N N 105 
GLU HA   H N N 106 
GLU HB2  H N N 107 
GLU HB3  H N N 108 
GLU HG2  H N N 109 
GLU HG3  H N N 110 
GLU HE2  H N N 111 
GLU HXT  H N N 112 
GLY N    N N N 113 
GLY CA   C N N 114 
GLY C    C N N 115 
GLY O    O N N 116 
GLY OXT  O N N 117 
GLY H    H N N 118 
GLY H2   H N N 119 
GLY HA2  H N N 120 
GLY HA3  H N N 121 
GLY HXT  H N N 122 
HOH O    O N N 123 
HOH H1   H N N 124 
HOH H2   H N N 125 
ILE N    N N N 126 
ILE CA   C N S 127 
ILE C    C N N 128 
ILE O    O N N 129 
ILE CB   C N S 130 
ILE CG1  C N N 131 
ILE CG2  C N N 132 
ILE CD1  C N N 133 
ILE OXT  O N N 134 
ILE H    H N N 135 
ILE H2   H N N 136 
ILE HA   H N N 137 
ILE HB   H N N 138 
ILE HG12 H N N 139 
ILE HG13 H N N 140 
ILE HG21 H N N 141 
ILE HG22 H N N 142 
ILE HG23 H N N 143 
ILE HD11 H N N 144 
ILE HD12 H N N 145 
ILE HD13 H N N 146 
ILE HXT  H N N 147 
LEU N    N N N 148 
LEU CA   C N S 149 
LEU C    C N N 150 
LEU O    O N N 151 
LEU CB   C N N 152 
LEU CG   C N N 153 
LEU CD1  C N N 154 
LEU CD2  C N N 155 
LEU OXT  O N N 156 
LEU H    H N N 157 
LEU H2   H N N 158 
LEU HA   H N N 159 
LEU HB2  H N N 160 
LEU HB3  H N N 161 
LEU HG   H N N 162 
LEU HD11 H N N 163 
LEU HD12 H N N 164 
LEU HD13 H N N 165 
LEU HD21 H N N 166 
LEU HD22 H N N 167 
LEU HD23 H N N 168 
LEU HXT  H N N 169 
LYS N    N N N 170 
LYS CA   C N S 171 
LYS C    C N N 172 
LYS O    O N N 173 
LYS CB   C N N 174 
LYS CG   C N N 175 
LYS CD   C N N 176 
LYS CE   C N N 177 
LYS NZ   N N N 178 
LYS OXT  O N N 179 
LYS H    H N N 180 
LYS H2   H N N 181 
LYS HA   H N N 182 
LYS HB2  H N N 183 
LYS HB3  H N N 184 
LYS HG2  H N N 185 
LYS HG3  H N N 186 
LYS HD2  H N N 187 
LYS HD3  H N N 188 
LYS HE2  H N N 189 
LYS HE3  H N N 190 
LYS HZ1  H N N 191 
LYS HZ2  H N N 192 
LYS HZ3  H N N 193 
LYS HXT  H N N 194 
MET N    N N N 195 
MET CA   C N S 196 
MET C    C N N 197 
MET O    O N N 198 
MET CB   C N N 199 
MET CG   C N N 200 
MET SD   S N N 201 
MET CE   C N N 202 
MET OXT  O N N 203 
MET H    H N N 204 
MET H2   H N N 205 
MET HA   H N N 206 
MET HB2  H N N 207 
MET HB3  H N N 208 
MET HG2  H N N 209 
MET HG3  H N N 210 
MET HE1  H N N 211 
MET HE2  H N N 212 
MET HE3  H N N 213 
MET HXT  H N N 214 
PHE N    N N N 215 
PHE CA   C N S 216 
PHE C    C N N 217 
PHE O    O N N 218 
PHE CB   C N N 219 
PHE CG   C Y N 220 
PHE CD1  C Y N 221 
PHE CD2  C Y N 222 
PHE CE1  C Y N 223 
PHE CE2  C Y N 224 
PHE CZ   C Y N 225 
PHE OXT  O N N 226 
PHE H    H N N 227 
PHE H2   H N N 228 
PHE HA   H N N 229 
PHE HB2  H N N 230 
PHE HB3  H N N 231 
PHE HD1  H N N 232 
PHE HD2  H N N 233 
PHE HE1  H N N 234 
PHE HE2  H N N 235 
PHE HZ   H N N 236 
PHE HXT  H N N 237 
PRO N    N N N 238 
PRO CA   C N S 239 
PRO C    C N N 240 
PRO O    O N N 241 
PRO CB   C N N 242 
PRO CG   C N N 243 
PRO CD   C N N 244 
PRO OXT  O N N 245 
PRO H    H N N 246 
PRO HA   H N N 247 
PRO HB2  H N N 248 
PRO HB3  H N N 249 
PRO HG2  H N N 250 
PRO HG3  H N N 251 
PRO HD2  H N N 252 
PRO HD3  H N N 253 
PRO HXT  H N N 254 
SER N    N N N 255 
SER CA   C N S 256 
SER C    C N N 257 
SER O    O N N 258 
SER CB   C N N 259 
SER OG   O N N 260 
SER OXT  O N N 261 
SER H    H N N 262 
SER H2   H N N 263 
SER HA   H N N 264 
SER HB2  H N N 265 
SER HB3  H N N 266 
SER HG   H N N 267 
SER HXT  H N N 268 
THR N    N N N 269 
THR CA   C N S 270 
THR C    C N N 271 
THR O    O N N 272 
THR CB   C N R 273 
THR OG1  O N N 274 
THR CG2  C N N 275 
THR OXT  O N N 276 
THR H    H N N 277 
THR H2   H N N 278 
THR HA   H N N 279 
THR HB   H N N 280 
THR HG1  H N N 281 
THR HG21 H N N 282 
THR HG22 H N N 283 
THR HG23 H N N 284 
THR HXT  H N N 285 
TRP N    N N N 286 
TRP CA   C N S 287 
TRP C    C N N 288 
TRP O    O N N 289 
TRP CB   C N N 290 
TRP CG   C Y N 291 
TRP CD1  C Y N 292 
TRP CD2  C Y N 293 
TRP NE1  N Y N 294 
TRP CE2  C Y N 295 
TRP CE3  C Y N 296 
TRP CZ2  C Y N 297 
TRP CZ3  C Y N 298 
TRP CH2  C Y N 299 
TRP OXT  O N N 300 
TRP H    H N N 301 
TRP H2   H N N 302 
TRP HA   H N N 303 
TRP HB2  H N N 304 
TRP HB3  H N N 305 
TRP HD1  H N N 306 
TRP HE1  H N N 307 
TRP HE3  H N N 308 
TRP HZ2  H N N 309 
TRP HZ3  H N N 310 
TRP HH2  H N N 311 
TRP HXT  H N N 312 
VAL N    N N N 313 
VAL CA   C N S 314 
VAL C    C N N 315 
VAL O    O N N 316 
VAL CB   C N N 317 
VAL CG1  C N N 318 
VAL CG2  C N N 319 
VAL OXT  O N N 320 
VAL H    H N N 321 
VAL H2   H N N 322 
VAL HA   H N N 323 
VAL HB   H N N 324 
VAL HG11 H N N 325 
VAL HG12 H N N 326 
VAL HG13 H N N 327 
VAL HG21 H N N 328 
VAL HG22 H N N 329 
VAL HG23 H N N 330 
VAL HXT  H N N 331 
# 
loop_
_chem_comp_bond.comp_id 
_chem_comp_bond.atom_id_1 
_chem_comp_bond.atom_id_2 
_chem_comp_bond.value_order 
_chem_comp_bond.pdbx_aromatic_flag 
_chem_comp_bond.pdbx_stereo_config 
_chem_comp_bond.pdbx_ordinal 
ALA N   CA   sing N N 1   
ALA N   H    sing N N 2   
ALA N   H2   sing N N 3   
ALA CA  C    sing N N 4   
ALA CA  CB   sing N N 5   
ALA CA  HA   sing N N 6   
ALA C   O    doub N N 7   
ALA C   OXT  sing N N 8   
ALA CB  HB1  sing N N 9   
ALA CB  HB2  sing N N 10  
ALA CB  HB3  sing N N 11  
ALA OXT HXT  sing N N 12  
ARG N   CA   sing N N 13  
ARG N   H    sing N N 14  
ARG N   H2   sing N N 15  
ARG CA  C    sing N N 16  
ARG CA  CB   sing N N 17  
ARG CA  HA   sing N N 18  
ARG C   O    doub N N 19  
ARG C   OXT  sing N N 20  
ARG CB  CG   sing N N 21  
ARG CB  HB2  sing N N 22  
ARG CB  HB3  sing N N 23  
ARG CG  CD   sing N N 24  
ARG CG  HG2  sing N N 25  
ARG CG  HG3  sing N N 26  
ARG CD  NE   sing N N 27  
ARG CD  HD2  sing N N 28  
ARG CD  HD3  sing N N 29  
ARG NE  CZ   sing N N 30  
ARG NE  HE   sing N N 31  
ARG CZ  NH1  sing N N 32  
ARG CZ  NH2  doub N N 33  
ARG NH1 HH11 sing N N 34  
ARG NH1 HH12 sing N N 35  
ARG NH2 HH21 sing N N 36  
ARG NH2 HH22 sing N N 37  
ARG OXT HXT  sing N N 38  
ASN N   CA   sing N N 39  
ASN N   H    sing N N 40  
ASN N   H2   sing N N 41  
ASN CA  C    sing N N 42  
ASN CA  CB   sing N N 43  
ASN CA  HA   sing N N 44  
ASN C   O    doub N N 45  
ASN C   OXT  sing N N 46  
ASN CB  CG   sing N N 47  
ASN CB  HB2  sing N N 48  
ASN CB  HB3  sing N N 49  
ASN CG  OD1  doub N N 50  
ASN CG  ND2  sing N N 51  
ASN ND2 HD21 sing N N 52  
ASN ND2 HD22 sing N N 53  
ASN OXT HXT  sing N N 54  
ASP N   CA   sing N N 55  
ASP N   H    sing N N 56  
ASP N   H2   sing N N 57  
ASP CA  C    sing N N 58  
ASP CA  CB   sing N N 59  
ASP CA  HA   sing N N 60  
ASP C   O    doub N N 61  
ASP C   OXT  sing N N 62  
ASP CB  CG   sing N N 63  
ASP CB  HB2  sing N N 64  
ASP CB  HB3  sing N N 65  
ASP CG  OD1  doub N N 66  
ASP CG  OD2  sing N N 67  
ASP OD2 HD2  sing N N 68  
ASP OXT HXT  sing N N 69  
GLN N   CA   sing N N 70  
GLN N   H    sing N N 71  
GLN N   H2   sing N N 72  
GLN CA  C    sing N N 73  
GLN CA  CB   sing N N 74  
GLN CA  HA   sing N N 75  
GLN C   O    doub N N 76  
GLN C   OXT  sing N N 77  
GLN CB  CG   sing N N 78  
GLN CB  HB2  sing N N 79  
GLN CB  HB3  sing N N 80  
GLN CG  CD   sing N N 81  
GLN CG  HG2  sing N N 82  
GLN CG  HG3  sing N N 83  
GLN CD  OE1  doub N N 84  
GLN CD  NE2  sing N N 85  
GLN NE2 HE21 sing N N 86  
GLN NE2 HE22 sing N N 87  
GLN OXT HXT  sing N N 88  
GLU N   CA   sing N N 89  
GLU N   H    sing N N 90  
GLU N   H2   sing N N 91  
GLU CA  C    sing N N 92  
GLU CA  CB   sing N N 93  
GLU CA  HA   sing N N 94  
GLU C   O    doub N N 95  
GLU C   OXT  sing N N 96  
GLU CB  CG   sing N N 97  
GLU CB  HB2  sing N N 98  
GLU CB  HB3  sing N N 99  
GLU CG  CD   sing N N 100 
GLU CG  HG2  sing N N 101 
GLU CG  HG3  sing N N 102 
GLU CD  OE1  doub N N 103 
GLU CD  OE2  sing N N 104 
GLU OE2 HE2  sing N N 105 
GLU OXT HXT  sing N N 106 
GLY N   CA   sing N N 107 
GLY N   H    sing N N 108 
GLY N   H2   sing N N 109 
GLY CA  C    sing N N 110 
GLY CA  HA2  sing N N 111 
GLY CA  HA3  sing N N 112 
GLY C   O    doub N N 113 
GLY C   OXT  sing N N 114 
GLY OXT HXT  sing N N 115 
HOH O   H1   sing N N 116 
HOH O   H2   sing N N 117 
ILE N   CA   sing N N 118 
ILE N   H    sing N N 119 
ILE N   H2   sing N N 120 
ILE CA  C    sing N N 121 
ILE CA  CB   sing N N 122 
ILE CA  HA   sing N N 123 
ILE C   O    doub N N 124 
ILE C   OXT  sing N N 125 
ILE CB  CG1  sing N N 126 
ILE CB  CG2  sing N N 127 
ILE CB  HB   sing N N 128 
ILE CG1 CD1  sing N N 129 
ILE CG1 HG12 sing N N 130 
ILE CG1 HG13 sing N N 131 
ILE CG2 HG21 sing N N 132 
ILE CG2 HG22 sing N N 133 
ILE CG2 HG23 sing N N 134 
ILE CD1 HD11 sing N N 135 
ILE CD1 HD12 sing N N 136 
ILE CD1 HD13 sing N N 137 
ILE OXT HXT  sing N N 138 
LEU N   CA   sing N N 139 
LEU N   H    sing N N 140 
LEU N   H2   sing N N 141 
LEU CA  C    sing N N 142 
LEU CA  CB   sing N N 143 
LEU CA  HA   sing N N 144 
LEU C   O    doub N N 145 
LEU C   OXT  sing N N 146 
LEU CB  CG   sing N N 147 
LEU CB  HB2  sing N N 148 
LEU CB  HB3  sing N N 149 
LEU CG  CD1  sing N N 150 
LEU CG  CD2  sing N N 151 
LEU CG  HG   sing N N 152 
LEU CD1 HD11 sing N N 153 
LEU CD1 HD12 sing N N 154 
LEU CD1 HD13 sing N N 155 
LEU CD2 HD21 sing N N 156 
LEU CD2 HD22 sing N N 157 
LEU CD2 HD23 sing N N 158 
LEU OXT HXT  sing N N 159 
LYS N   CA   sing N N 160 
LYS N   H    sing N N 161 
LYS N   H2   sing N N 162 
LYS CA  C    sing N N 163 
LYS CA  CB   sing N N 164 
LYS CA  HA   sing N N 165 
LYS C   O    doub N N 166 
LYS C   OXT  sing N N 167 
LYS CB  CG   sing N N 168 
LYS CB  HB2  sing N N 169 
LYS CB  HB3  sing N N 170 
LYS CG  CD   sing N N 171 
LYS CG  HG2  sing N N 172 
LYS CG  HG3  sing N N 173 
LYS CD  CE   sing N N 174 
LYS CD  HD2  sing N N 175 
LYS CD  HD3  sing N N 176 
LYS CE  NZ   sing N N 177 
LYS CE  HE2  sing N N 178 
LYS CE  HE3  sing N N 179 
LYS NZ  HZ1  sing N N 180 
LYS NZ  HZ2  sing N N 181 
LYS NZ  HZ3  sing N N 182 
LYS OXT HXT  sing N N 183 
MET N   CA   sing N N 184 
MET N   H    sing N N 185 
MET N   H2   sing N N 186 
MET CA  C    sing N N 187 
MET CA  CB   sing N N 188 
MET CA  HA   sing N N 189 
MET C   O    doub N N 190 
MET C   OXT  sing N N 191 
MET CB  CG   sing N N 192 
MET CB  HB2  sing N N 193 
MET CB  HB3  sing N N 194 
MET CG  SD   sing N N 195 
MET CG  HG2  sing N N 196 
MET CG  HG3  sing N N 197 
MET SD  CE   sing N N 198 
MET CE  HE1  sing N N 199 
MET CE  HE2  sing N N 200 
MET CE  HE3  sing N N 201 
MET OXT HXT  sing N N 202 
PHE N   CA   sing N N 203 
PHE N   H    sing N N 204 
PHE N   H2   sing N N 205 
PHE CA  C    sing N N 206 
PHE CA  CB   sing N N 207 
PHE CA  HA   sing N N 208 
PHE C   O    doub N N 209 
PHE C   OXT  sing N N 210 
PHE CB  CG   sing N N 211 
PHE CB  HB2  sing N N 212 
PHE CB  HB3  sing N N 213 
PHE CG  CD1  doub Y N 214 
PHE CG  CD2  sing Y N 215 
PHE CD1 CE1  sing Y N 216 
PHE CD1 HD1  sing N N 217 
PHE CD2 CE2  doub Y N 218 
PHE CD2 HD2  sing N N 219 
PHE CE1 CZ   doub Y N 220 
PHE CE1 HE1  sing N N 221 
PHE CE2 CZ   sing Y N 222 
PHE CE2 HE2  sing N N 223 
PHE CZ  HZ   sing N N 224 
PHE OXT HXT  sing N N 225 
PRO N   CA   sing N N 226 
PRO N   CD   sing N N 227 
PRO N   H    sing N N 228 
PRO CA  C    sing N N 229 
PRO CA  CB   sing N N 230 
PRO CA  HA   sing N N 231 
PRO C   O    doub N N 232 
PRO C   OXT  sing N N 233 
PRO CB  CG   sing N N 234 
PRO CB  HB2  sing N N 235 
PRO CB  HB3  sing N N 236 
PRO CG  CD   sing N N 237 
PRO CG  HG2  sing N N 238 
PRO CG  HG3  sing N N 239 
PRO CD  HD2  sing N N 240 
PRO CD  HD3  sing N N 241 
PRO OXT HXT  sing N N 242 
SER N   CA   sing N N 243 
SER N   H    sing N N 244 
SER N   H2   sing N N 245 
SER CA  C    sing N N 246 
SER CA  CB   sing N N 247 
SER CA  HA   sing N N 248 
SER C   O    doub N N 249 
SER C   OXT  sing N N 250 
SER CB  OG   sing N N 251 
SER CB  HB2  sing N N 252 
SER CB  HB3  sing N N 253 
SER OG  HG   sing N N 254 
SER OXT HXT  sing N N 255 
THR N   CA   sing N N 256 
THR N   H    sing N N 257 
THR N   H2   sing N N 258 
THR CA  C    sing N N 259 
THR CA  CB   sing N N 260 
THR CA  HA   sing N N 261 
THR C   O    doub N N 262 
THR C   OXT  sing N N 263 
THR CB  OG1  sing N N 264 
THR CB  CG2  sing N N 265 
THR CB  HB   sing N N 266 
THR OG1 HG1  sing N N 267 
THR CG2 HG21 sing N N 268 
THR CG2 HG22 sing N N 269 
THR CG2 HG23 sing N N 270 
THR OXT HXT  sing N N 271 
TRP N   CA   sing N N 272 
TRP N   H    sing N N 273 
TRP N   H2   sing N N 274 
TRP CA  C    sing N N 275 
TRP CA  CB   sing N N 276 
TRP CA  HA   sing N N 277 
TRP C   O    doub N N 278 
TRP C   OXT  sing N N 279 
TRP CB  CG   sing N N 280 
TRP CB  HB2  sing N N 281 
TRP CB  HB3  sing N N 282 
TRP CG  CD1  doub Y N 283 
TRP CG  CD2  sing Y N 284 
TRP CD1 NE1  sing Y N 285 
TRP CD1 HD1  sing N N 286 
TRP CD2 CE2  doub Y N 287 
TRP CD2 CE3  sing Y N 288 
TRP NE1 CE2  sing Y N 289 
TRP NE1 HE1  sing N N 290 
TRP CE2 CZ2  sing Y N 291 
TRP CE3 CZ3  doub Y N 292 
TRP CE3 HE3  sing N N 293 
TRP CZ2 CH2  doub Y N 294 
TRP CZ2 HZ2  sing N N 295 
TRP CZ3 CH2  sing Y N 296 
TRP CZ3 HZ3  sing N N 297 
TRP CH2 HH2  sing N N 298 
TRP OXT HXT  sing N N 299 
VAL N   CA   sing N N 300 
VAL N   H    sing N N 301 
VAL N   H2   sing N N 302 
VAL CA  C    sing N N 303 
VAL CA  CB   sing N N 304 
VAL CA  HA   sing N N 305 
VAL C   O    doub N N 306 
VAL C   OXT  sing N N 307 
VAL CB  CG1  sing N N 308 
VAL CB  CG2  sing N N 309 
VAL CB  HB   sing N N 310 
VAL CG1 HG11 sing N N 311 
VAL CG1 HG12 sing N N 312 
VAL CG1 HG13 sing N N 313 
VAL CG2 HG21 sing N N 314 
VAL CG2 HG22 sing N N 315 
VAL CG2 HG23 sing N N 316 
VAL OXT HXT  sing N N 317 
# 
_atom_sites.entry_id                    1LVF 
_atom_sites.fract_transf_matrix[1][1]   0.00956888 
_atom_sites.fract_transf_matrix[1][2]   0.01343238 
_atom_sites.fract_transf_matrix[1][3]   -0.01912385 
_atom_sites.fract_transf_matrix[2][1]   0.01389762 
_atom_sites.fract_transf_matrix[2][2]   0.00541384 
_atom_sites.fract_transf_matrix[2][3]   0.01075648 
_atom_sites.fract_transf_matrix[3][1]   0.00562876 
_atom_sites.fract_transf_matrix[3][2]   -0.00836769 
_atom_sites.fract_transf_matrix[3][3]   -0.00306095 
_atom_sites.fract_transf_vector[1]      0.379028 
_atom_sites.fract_transf_vector[2]      0.509035 
_atom_sites.fract_transf_vector[3]      0.986654 
# 
loop_
_atom_type.symbol 
C 
N 
O 
S 
# 
loop_
_atom_site.group_PDB 
_atom_site.id 
_atom_site.type_symbol 
_atom_site.label_atom_id 
_atom_site.label_alt_id 
_atom_site.label_comp_id 
_atom_site.label_asym_id 
_atom_site.label_entity_id 
_atom_site.label_seq_id 
_atom_site.pdbx_PDB_ins_code 
_atom_site.Cartn_x 
_atom_site.Cartn_y 
_atom_site.Cartn_z 
_atom_site.occupancy 
_atom_site.B_iso_or_equiv 
_atom_site.pdbx_formal_charge 
_atom_site.auth_seq_id 
_atom_site.auth_comp_id 
_atom_site.auth_asym_id 
_atom_site.auth_atom_id 
_atom_site.pdbx_PDB_model_num 
ATOM   1    N N   . GLU A 1 4   ? -15.317 21.410  -7.337  1.00 34.02 ? 4   GLU A N   1 
ATOM   2    C CA  . GLU A 1 4   ? -14.010 21.604  -8.024  1.00 31.39 ? 4   GLU A CA  1 
ATOM   3    C C   . GLU A 1 4   ? -12.989 22.253  -7.087  1.00 29.98 ? 4   GLU A C   1 
ATOM   4    O O   . GLU A 1 4   ? -11.964 22.767  -7.533  1.00 27.94 ? 4   GLU A O   1 
ATOM   5    C CB  . GLU A 1 4   ? -14.194 22.476  -9.268  1.00 32.80 ? 4   GLU A CB  1 
ATOM   6    C CG  . GLU A 1 4   ? -12.982 22.488  -10.185 1.00 36.62 ? 4   GLU A CG  1 
ATOM   7    C CD  . GLU A 1 4   ? -13.103 23.479  -11.329 1.00 37.04 ? 4   GLU A CD  1 
ATOM   8    O OE1 . GLU A 1 4   ? -12.177 23.514  -12.167 1.00 37.33 ? 4   GLU A OE1 1 
ATOM   9    O OE2 . GLU A 1 4   ? -14.111 24.220  -11.392 1.00 38.42 ? 4   GLU A OE2 1 
ATOM   10   N N   . ASP A 1 5   ? -13.279 22.243  -5.788  1.00 28.34 ? 5   ASP A N   1 
ATOM   11   C CA  . ASP A 1 5   ? -12.364 22.814  -4.806  1.00 26.42 ? 5   ASP A CA  1 
ATOM   12   C C   . ASP A 1 5   ? -11.218 21.830  -4.565  1.00 25.04 ? 5   ASP A C   1 
ATOM   13   O O   . ASP A 1 5   ? -11.437 20.706  -4.113  1.00 25.01 ? 5   ASP A O   1 
ATOM   14   C CB  . ASP A 1 5   ? -13.083 23.083  -3.482  1.00 25.95 ? 5   ASP A CB  1 
ATOM   15   C CG  . ASP A 1 5   ? -12.221 23.864  -2.497  1.00 26.60 ? 5   ASP A CG  1 
ATOM   16   O OD1 . ASP A 1 5   ? -11.001 23.600  -2.423  1.00 25.07 ? 5   ASP A OD1 1 
ATOM   17   O OD2 . ASP A 1 5   ? -12.768 24.739  -1.789  1.00 26.51 ? 5   ASP A OD2 1 
ATOM   18   N N   . PRO A 1 6   ? -9.980  22.243  -4.869  1.00 24.24 ? 6   PRO A N   1 
ATOM   19   C CA  . PRO A 1 6   ? -8.784  21.412  -4.690  1.00 22.98 ? 6   PRO A CA  1 
ATOM   20   C C   . PRO A 1 6   ? -8.729  20.681  -3.341  1.00 23.59 ? 6   PRO A C   1 
ATOM   21   O O   . PRO A 1 6   ? -8.164  19.586  -3.239  1.00 23.89 ? 6   PRO A O   1 
ATOM   22   C CB  . PRO A 1 6   ? -7.651  22.420  -4.838  1.00 24.48 ? 6   PRO A CB  1 
ATOM   23   C CG  . PRO A 1 6   ? -8.201  23.375  -5.843  1.00 24.23 ? 6   PRO A CG  1 
ATOM   24   C CD  . PRO A 1 6   ? -9.619  23.578  -5.381  1.00 22.74 ? 6   PRO A CD  1 
ATOM   25   N N   . PHE A 1 7   ? -9.306  21.283  -2.307  1.00 19.77 ? 7   PHE A N   1 
ATOM   26   C CA  . PHE A 1 7   ? -9.286  20.661  -0.993  1.00 21.49 ? 7   PHE A CA  1 
ATOM   27   C C   . PHE A 1 7   ? -9.826  19.235  -1.024  1.00 20.21 ? 7   PHE A C   1 
ATOM   28   O O   . PHE A 1 7   ? -9.196  18.315  -0.510  1.00 19.99 ? 7   PHE A O   1 
ATOM   29   C CB  . PHE A 1 7   ? -10.108 21.469  0.018   1.00 18.90 ? 7   PHE A CB  1 
ATOM   30   C CG  . PHE A 1 7   ? -10.270 20.779  1.347   1.00 17.99 ? 7   PHE A CG  1 
ATOM   31   C CD1 . PHE A 1 7   ? -9.225  20.748  2.263   1.00 18.76 ? 7   PHE A CD1 1 
ATOM   32   C CD2 . PHE A 1 7   ? -11.459 20.134  1.669   1.00 18.54 ? 7   PHE A CD2 1 
ATOM   33   C CE1 . PHE A 1 7   ? -9.361  20.080  3.486   1.00 19.51 ? 7   PHE A CE1 1 
ATOM   34   C CE2 . PHE A 1 7   ? -11.605 19.464  2.882   1.00 19.09 ? 7   PHE A CE2 1 
ATOM   35   C CZ  . PHE A 1 7   ? -10.554 19.439  3.793   1.00 17.76 ? 7   PHE A CZ  1 
ATOM   36   N N   . PHE A 1 8   ? -10.994 19.056  -1.629  1.00 20.36 ? 8   PHE A N   1 
ATOM   37   C CA  . PHE A 1 8   ? -11.608 17.739  -1.682  1.00 21.86 ? 8   PHE A CA  1 
ATOM   38   C C   . PHE A 1 8   ? -10.864 16.720  -2.536  1.00 20.57 ? 8   PHE A C   1 
ATOM   39   O O   . PHE A 1 8   ? -10.993 15.513  -2.323  1.00 20.19 ? 8   PHE A O   1 
ATOM   40   C CB  . PHE A 1 8   ? -13.063 17.875  -2.123  1.00 23.27 ? 8   PHE A CB  1 
ATOM   41   C CG  . PHE A 1 8   ? -13.877 18.735  -1.201  1.00 25.08 ? 8   PHE A CG  1 
ATOM   42   C CD1 . PHE A 1 8   ? -14.108 20.074  -1.496  1.00 25.75 ? 8   PHE A CD1 1 
ATOM   43   C CD2 . PHE A 1 8   ? -14.358 18.220  -0.004  1.00 26.26 ? 8   PHE A CD2 1 
ATOM   44   C CE1 . PHE A 1 8   ? -14.806 20.891  -0.609  1.00 28.26 ? 8   PHE A CE1 1 
ATOM   45   C CE2 . PHE A 1 8   ? -15.057 19.027  0.893   1.00 26.96 ? 8   PHE A CE2 1 
ATOM   46   C CZ  . PHE A 1 8   ? -15.282 20.366  0.591   1.00 25.32 ? 8   PHE A CZ  1 
ATOM   47   N N   . VAL A 1 9   ? -10.075 17.198  -3.492  1.00 20.51 ? 9   VAL A N   1 
ATOM   48   C CA  . VAL A 1 9   ? -9.308  16.297  -4.334  1.00 21.77 ? 9   VAL A CA  1 
ATOM   49   C C   . VAL A 1 9   ? -8.174  15.722  -3.495  1.00 19.75 ? 9   VAL A C   1 
ATOM   50   O O   . VAL A 1 9   ? -7.960  14.510  -3.475  1.00 18.21 ? 9   VAL A O   1 
ATOM   51   C CB  . VAL A 1 9   ? -8.717  17.025  -5.556  1.00 23.27 ? 9   VAL A CB  1 
ATOM   52   C CG1 . VAL A 1 9   ? -7.763  16.106  -6.299  1.00 23.68 ? 9   VAL A CG1 1 
ATOM   53   C CG2 . VAL A 1 9   ? -9.836  17.458  -6.484  1.00 24.05 ? 9   VAL A CG2 1 
ATOM   54   N N   . VAL A 1 10  ? -7.457  16.599  -2.797  1.00 19.70 ? 10  VAL A N   1 
ATOM   55   C CA  . VAL A 1 10  ? -6.354  16.171  -1.944  1.00 19.68 ? 10  VAL A CA  1 
ATOM   56   C C   . VAL A 1 10  ? -6.910  15.334  -0.792  1.00 18.31 ? 10  VAL A C   1 
ATOM   57   O O   . VAL A 1 10  ? -6.341  14.302  -0.430  1.00 19.71 ? 10  VAL A O   1 
ATOM   58   C CB  . VAL A 1 10  ? -5.578  17.383  -1.371  1.00 20.99 ? 10  VAL A CB  1 
ATOM   59   C CG1 . VAL A 1 10  ? -4.507  16.915  -0.404  1.00 21.63 ? 10  VAL A CG1 1 
ATOM   60   C CG2 . VAL A 1 10  ? -4.939  18.163  -2.504  1.00 23.71 ? 10  VAL A CG2 1 
ATOM   61   N N   . LYS A 1 11  ? -8.031  15.773  -0.225  1.00 15.83 ? 11  LYS A N   1 
ATOM   62   C CA  . LYS A 1 11  ? -8.649  15.040  0.874   1.00 13.71 ? 11  LYS A CA  1 
ATOM   63   C C   . LYS A 1 11  ? -8.917  13.609  0.415   1.00 14.11 ? 11  LYS A C   1 
ATOM   64   O O   . LYS A 1 11  ? -8.689  12.657  1.159   1.00 12.82 ? 11  LYS A O   1 
ATOM   65   C CB  . LYS A 1 11  ? -9.959  15.706  1.304   1.00 12.48 ? 11  LYS A CB  1 
ATOM   66   C CG  . LYS A 1 11  ? -10.695 14.942  2.400   1.00 13.30 ? 11  LYS A CG  1 
ATOM   67   C CD  . LYS A 1 11  ? -12.063 15.527  2.691   1.00 9.02  ? 11  LYS A CD  1 
ATOM   68   C CE  . LYS A 1 11  ? -12.820 14.644  3.667   1.00 10.58 ? 11  LYS A CE  1 
ATOM   69   N NZ  . LYS A 1 11  ? -14.127 15.250  4.057   1.00 14.13 ? 11  LYS A NZ  1 
ATOM   70   N N   . GLY A 1 12  ? -9.402  13.470  -0.818  1.00 13.97 ? 12  GLY A N   1 
ATOM   71   C CA  . GLY A 1 12  ? -9.675  12.153  -1.360  1.00 14.79 ? 12  GLY A CA  1 
ATOM   72   C C   . GLY A 1 12  ? -8.415  11.309  -1.433  1.00 16.42 ? 12  GLY A C   1 
ATOM   73   O O   . GLY A 1 12  ? -8.418  10.135  -1.057  1.00 14.58 ? 12  GLY A O   1 
ATOM   74   N N   . GLU A 1 13  ? -7.333  11.912  -1.912  1.00 17.23 ? 13  GLU A N   1 
ATOM   75   C CA  . GLU A 1 13  ? -6.055  11.215  -2.029  1.00 19.59 ? 13  GLU A CA  1 
ATOM   76   C C   . GLU A 1 13  ? -5.501  10.784  -0.679  1.00 17.58 ? 13  GLU A C   1 
ATOM   77   O O   . GLU A 1 13  ? -4.936  9.696   -0.553  1.00 15.36 ? 13  GLU A O   1 
ATOM   78   C CB  . GLU A 1 13  ? -5.027  12.101  -2.734  1.00 22.24 ? 13  GLU A CB  1 
ATOM   79   C CG  . GLU A 1 13  ? -5.234  12.192  -4.232  1.00 27.47 ? 13  GLU A CG  1 
ATOM   80   C CD  . GLU A 1 13  ? -5.306  10.820  -4.870  1.00 32.27 ? 13  GLU A CD  1 
ATOM   81   O OE1 . GLU A 1 13  ? -4.358  10.024  -4.681  1.00 32.39 ? 13  GLU A OE1 1 
ATOM   82   O OE2 . GLU A 1 13  ? -6.313  10.534  -5.555  1.00 34.75 ? 13  GLU A OE2 1 
ATOM   83   N N   . VAL A 1 14  ? -5.663  11.650  0.320   1.00 16.00 ? 14  VAL A N   1 
ATOM   84   C CA  . VAL A 1 14  ? -5.176  11.381  1.666   1.00 14.05 ? 14  VAL A CA  1 
ATOM   85   C C   . VAL A 1 14  ? -5.941  10.226  2.298   1.00 14.35 ? 14  VAL A C   1 
ATOM   86   O O   . VAL A 1 14  ? -5.343  9.345   2.910   1.00 14.61 ? 14  VAL A O   1 
ATOM   87   C CB  . VAL A 1 14  ? -5.295  12.643  2.562   1.00 13.90 ? 14  VAL A CB  1 
ATOM   88   C CG1 . VAL A 1 14  ? -4.990  12.293  4.020   1.00 9.68  ? 14  VAL A CG1 1 
ATOM   89   C CG2 . VAL A 1 14  ? -4.328  13.720  2.067   1.00 9.63  ? 14  VAL A CG2 1 
ATOM   90   N N   . GLN A 1 15  ? -7.264  10.231  2.143   1.00 13.49 ? 15  GLN A N   1 
ATOM   91   C CA  . GLN A 1 15  ? -8.095  9.174   2.696   1.00 12.57 ? 15  GLN A CA  1 
ATOM   92   C C   . GLN A 1 15  ? -7.758  7.827   2.067   1.00 13.35 ? 15  GLN A C   1 
ATOM   93   O O   . GLN A 1 15  ? -7.745  6.805   2.750   1.00 12.66 ? 15  GLN A O   1 
ATOM   94   C CB  . GLN A 1 15  ? -9.576  9.485   2.477   1.00 14.05 ? 15  GLN A CB  1 
ATOM   95   C CG  . GLN A 1 15  ? -10.134 10.566  3.390   1.00 13.72 ? 15  GLN A CG  1 
ATOM   96   C CD  . GLN A 1 15  ? -11.563 10.937  3.031   1.00 12.32 ? 15  GLN A CD  1 
ATOM   97   O OE1 . GLN A 1 15  ? -12.405 11.117  3.903   1.00 17.82 ? 15  GLN A OE1 1 
ATOM   98   N NE2 . GLN A 1 15  ? -11.836 11.056  1.740   1.00 11.57 ? 15  GLN A NE2 1 
ATOM   99   N N   . LYS A 1 16  ? -7.499  7.821   0.763   1.00 13.94 ? 16  LYS A N   1 
ATOM   100  C CA  . LYS A 1 16  ? -7.152  6.574   0.083   1.00 15.63 ? 16  LYS A CA  1 
ATOM   101  C C   . LYS A 1 16  ? -5.804  6.073   0.605   1.00 15.60 ? 16  LYS A C   1 
ATOM   102  O O   . LYS A 1 16  ? -5.633  4.881   0.866   1.00 15.97 ? 16  LYS A O   1 
ATOM   103  C CB  . LYS A 1 16  ? -7.076  6.799   -1.425  1.00 14.27 ? 16  LYS A CB  1 
ATOM   104  C CG  . LYS A 1 16  ? -6.730  5.564   -2.233  1.00 17.35 ? 16  LYS A CG  1 
ATOM   105  C CD  . LYS A 1 16  ? -6.594  5.933   -3.709  1.00 19.85 ? 16  LYS A CD  1 
ATOM   106  C CE  . LYS A 1 16  ? -6.160  4.756   -4.557  1.00 19.71 ? 16  LYS A CE  1 
ATOM   107  N NZ  . LYS A 1 16  ? -6.048  5.159   -5.986  1.00 23.41 ? 16  LYS A NZ  1 
ATOM   108  N N   . ALA A 1 17  ? -4.853  6.995   0.763   1.00 15.70 ? 17  ALA A N   1 
ATOM   109  C CA  . ALA A 1 17  ? -3.522  6.651   1.263   1.00 15.78 ? 17  ALA A CA  1 
ATOM   110  C C   . ALA A 1 17  ? -3.611  6.099   2.689   1.00 13.82 ? 17  ALA A C   1 
ATOM   111  O O   . ALA A 1 17  ? -2.925  5.130   3.036   1.00 10.14 ? 17  ALA A O   1 
ATOM   112  C CB  . ALA A 1 17  ? -2.622  7.876   1.232   1.00 17.37 ? 17  ALA A CB  1 
ATOM   113  N N   . VAL A 1 18  ? -4.453  6.727   3.506   1.00 13.33 ? 18  VAL A N   1 
ATOM   114  C CA  . VAL A 1 18  ? -4.654  6.294   4.886   1.00 13.06 ? 18  VAL A CA  1 
ATOM   115  C C   . VAL A 1 18  ? -5.173  4.858   4.890   1.00 12.60 ? 18  VAL A C   1 
ATOM   116  O O   . VAL A 1 18  ? -4.704  4.017   5.656   1.00 13.24 ? 18  VAL A O   1 
ATOM   117  C CB  . VAL A 1 18  ? -5.677  7.204   5.611   1.00 14.99 ? 18  VAL A CB  1 
ATOM   118  C CG1 . VAL A 1 18  ? -6.063  6.591   6.959   1.00 15.86 ? 18  VAL A CG1 1 
ATOM   119  C CG2 . VAL A 1 18  ? -5.080  8.595   5.815   1.00 15.34 ? 18  VAL A CG2 1 
ATOM   120  N N   . ASN A 1 19  ? -6.143  4.590   4.025   1.00 10.78 ? 19  ASN A N   1 
ATOM   121  C CA  . ASN A 1 19  ? -6.730  3.264   3.915   1.00 11.48 ? 19  ASN A CA  1 
ATOM   122  C C   . ASN A 1 19  ? -5.665  2.210   3.621   1.00 10.96 ? 19  ASN A C   1 
ATOM   123  O O   . ASN A 1 19  ? -5.667  1.134   4.223   1.00 10.72 ? 19  ASN A O   1 
ATOM   124  C CB  . ASN A 1 19  ? -7.789  3.249   2.813   1.00 11.53 ? 19  ASN A CB  1 
ATOM   125  C CG  . ASN A 1 19  ? -8.433  1.895   2.655   1.00 12.19 ? 19  ASN A CG  1 
ATOM   126  O OD1 . ASN A 1 19  ? -9.166  1.432   3.537   1.00 12.70 ? 19  ASN A OD1 1 
ATOM   127  N ND2 . ASN A 1 19  ? -8.158  1.238   1.531   1.00 12.07 ? 19  ASN A ND2 1 
ATOM   128  N N   . THR A 1 20  ? -4.758  2.518   2.698   1.00 12.26 ? 20  THR A N   1 
ATOM   129  C CA  . THR A 1 20  ? -3.691  1.588   2.350   1.00 14.28 ? 20  THR A CA  1 
ATOM   130  C C   . THR A 1 20  ? -2.714  1.442   3.514   1.00 14.64 ? 20  THR A C   1 
ATOM   131  O O   . THR A 1 20  ? -2.192  0.361   3.757   1.00 15.98 ? 20  THR A O   1 
ATOM   132  C CB  . THR A 1 20  ? -2.910  2.052   1.104   1.00 13.40 ? 20  THR A CB  1 
ATOM   133  O OG1 . THR A 1 20  ? -3.769  1.999   -0.038  1.00 17.48 ? 20  THR A OG1 1 
ATOM   134  C CG2 . THR A 1 20  ? -1.702  1.146   0.855   1.00 13.85 ? 20  THR A CG2 1 
ATOM   135  N N   . ALA A 1 21  ? -2.480  2.531   4.236   1.00 15.60 ? 21  ALA A N   1 
ATOM   136  C CA  . ALA A 1 21  ? -1.566  2.491   5.369   1.00 14.98 ? 21  ALA A CA  1 
ATOM   137  C C   . ALA A 1 21  ? -2.136  1.579   6.452   1.00 15.01 ? 21  ALA A C   1 
ATOM   138  O O   . ALA A 1 21  ? -1.387  0.928   7.172   1.00 15.68 ? 21  ALA A O   1 
ATOM   139  C CB  . ALA A 1 21  ? -1.341  3.893   5.917   1.00 15.37 ? 21  ALA A CB  1 
ATOM   140  N N   . GLN A 1 22  ? -3.461  1.530   6.561   1.00 14.88 ? 22  GLN A N   1 
ATOM   141  C CA  . GLN A 1 22  ? -4.118  0.678   7.550   1.00 16.42 ? 22  GLN A CA  1 
ATOM   142  C C   . GLN A 1 22  ? -3.764  -0.779  7.256   1.00 15.31 ? 22  GLN A C   1 
ATOM   143  O O   . GLN A 1 22  ? -3.459  -1.550  8.164   1.00 14.22 ? 22  GLN A O   1 
ATOM   144  C CB  . GLN A 1 22  ? -5.642  0.833   7.480   1.00 18.72 ? 22  GLN A CB  1 
ATOM   145  C CG  . GLN A 1 22  ? -6.199  2.229   7.768   1.00 23.19 ? 22  GLN A CG  1 
ATOM   146  C CD  . GLN A 1 22  ? -6.108  2.635   9.229   1.00 26.97 ? 22  GLN A CD  1 
ATOM   147  O OE1 . GLN A 1 22  ? -6.682  3.647   9.635   1.00 29.78 ? 22  GLN A OE1 1 
ATOM   148  N NE2 . GLN A 1 22  ? -5.385  1.852   10.028  1.00 26.49 ? 22  GLN A NE2 1 
ATOM   149  N N   . GLY A 1 23  ? -3.810  -1.141  5.973   1.00 15.58 ? 23  GLY A N   1 
ATOM   150  C CA  . GLY A 1 23  ? -3.500  -2.500  5.565   1.00 12.97 ? 23  GLY A CA  1 
ATOM   151  C C   . GLY A 1 23  ? -2.042  -2.845  5.794   1.00 13.25 ? 23  GLY A C   1 
ATOM   152  O O   . GLY A 1 23  ? -1.720  -3.920  6.298   1.00 13.86 ? 23  GLY A O   1 
ATOM   153  N N   . LEU A 1 24  ? -1.154  -1.931  5.419   1.00 13.39 ? 24  LEU A N   1 
ATOM   154  C CA  . LEU A 1 24  ? 0.274   -2.144  5.595   1.00 14.47 ? 24  LEU A CA  1 
ATOM   155  C C   . LEU A 1 24  ? 0.630   -2.235  7.070   1.00 13.55 ? 24  LEU A C   1 
ATOM   156  O O   . LEU A 1 24  ? 1.493   -3.023  7.455   1.00 12.28 ? 24  LEU A O   1 
ATOM   157  C CB  . LEU A 1 24  ? 1.068   -1.014  4.934   1.00 14.64 ? 24  LEU A CB  1 
ATOM   158  C CG  . LEU A 1 24  ? 1.156   -1.069  3.410   1.00 20.06 ? 24  LEU A CG  1 
ATOM   159  C CD1 . LEU A 1 24  ? 1.868   0.166   2.878   1.00 18.91 ? 24  LEU A CD1 1 
ATOM   160  C CD2 . LEU A 1 24  ? 1.897   -2.333  2.999   1.00 20.71 ? 24  LEU A CD2 1 
ATOM   161  N N   . PHE A 1 25  ? -0.046  -1.433  7.890   1.00 13.60 ? 25  PHE A N   1 
ATOM   162  C CA  . PHE A 1 25  ? 0.194   -1.426  9.330   1.00 13.68 ? 25  PHE A CA  1 
ATOM   163  C C   . PHE A 1 25  ? -0.196  -2.760  9.950   1.00 15.54 ? 25  PHE A C   1 
ATOM   164  O O   . PHE A 1 25  ? 0.529   -3.303  10.792  1.00 13.54 ? 25  PHE A O   1 
ATOM   165  C CB  . PHE A 1 25  ? -0.605  -0.315  10.012  1.00 14.23 ? 25  PHE A CB  1 
ATOM   166  C CG  . PHE A 1 25  ? -0.265  -0.139  11.471  1.00 16.16 ? 25  PHE A CG  1 
ATOM   167  C CD1 . PHE A 1 25  ? 1.003   0.294   11.854  1.00 17.08 ? 25  PHE A CD1 1 
ATOM   168  C CD2 . PHE A 1 25  ? -1.205  -0.414  12.461  1.00 18.64 ? 25  PHE A CD2 1 
ATOM   169  C CE1 . PHE A 1 25  ? 1.335   0.455   13.201  1.00 17.67 ? 25  PHE A CE1 1 
ATOM   170  C CE2 . PHE A 1 25  ? -0.887  -0.259  13.813  1.00 20.11 ? 25  PHE A CE2 1 
ATOM   171  C CZ  . PHE A 1 25  ? 0.388   0.177   14.185  1.00 18.95 ? 25  PHE A CZ  1 
ATOM   172  N N   . GLN A 1 26  ? -1.359  -3.268  9.549   1.00 15.03 ? 26  GLN A N   1 
ATOM   173  C CA  . GLN A 1 26  ? -1.843  -4.551  10.040  1.00 15.74 ? 26  GLN A CA  1 
ATOM   174  C C   . GLN A 1 26  ? -0.826  -5.628  9.685   1.00 15.64 ? 26  GLN A C   1 
ATOM   175  O O   . GLN A 1 26  ? -0.494  -6.475  10.511  1.00 18.37 ? 26  GLN A O   1 
ATOM   176  C CB  . GLN A 1 26  ? -3.200  -4.890  9.413   1.00 20.43 ? 26  GLN A CB  1 
ATOM   177  C CG  . GLN A 1 26  ? -4.322  -3.921  9.778   1.00 24.80 ? 26  GLN A CG  1 
ATOM   178  C CD  . GLN A 1 26  ? -5.612  -4.190  9.007   1.00 28.31 ? 26  GLN A CD  1 
ATOM   179  O OE1 . GLN A 1 26  ? -6.539  -3.377  9.019   1.00 30.42 ? 26  GLN A OE1 1 
ATOM   180  N NE2 . GLN A 1 26  ? -5.676  -5.333  8.337   1.00 27.51 ? 26  GLN A NE2 1 
ATOM   181  N N   . ARG A 1 27  ? -0.328  -5.603  8.455   1.00 16.20 ? 27  ARG A N   1 
ATOM   182  C CA  . ARG A 1 27  ? 0.662   -6.590  8.039   1.00 14.40 ? 27  ARG A CA  1 
ATOM   183  C C   . ARG A 1 27  ? 1.958   -6.412  8.834   1.00 16.05 ? 27  ARG A C   1 
ATOM   184  O O   . ARG A 1 27  ? 2.533   -7.384  9.330   1.00 15.64 ? 27  ARG A O   1 
ATOM   185  C CB  . ARG A 1 27  ? 0.957   -6.465  6.547   1.00 14.76 ? 27  ARG A CB  1 
ATOM   186  C CG  . ARG A 1 27  ? 2.027   -7.443  6.073   1.00 16.60 ? 27  ARG A CG  1 
ATOM   187  C CD  . ARG A 1 27  ? 2.243   -7.372  4.570   1.00 17.59 ? 27  ARG A CD  1 
ATOM   188  N NE  . ARG A 1 27  ? 3.462   -8.070  4.172   1.00 17.90 ? 27  ARG A NE  1 
ATOM   189  C CZ  . ARG A 1 27  ? 3.661   -9.381  4.287   1.00 18.61 ? 27  ARG A CZ  1 
ATOM   190  N NH1 . ARG A 1 27  ? 2.714   -10.167 4.788   1.00 15.97 ? 27  ARG A NH1 1 
ATOM   191  N NH2 . ARG A 1 27  ? 4.819   -9.906  3.901   1.00 16.85 ? 27  ARG A NH2 1 
ATOM   192  N N   . TRP A 1 28  ? 2.417   -5.168  8.939   1.00 15.58 ? 28  TRP A N   1 
ATOM   193  C CA  . TRP A 1 28  ? 3.630   -4.856  9.687   1.00 16.96 ? 28  TRP A CA  1 
ATOM   194  C C   . TRP A 1 28  ? 3.511   -5.444  11.088  1.00 17.78 ? 28  TRP A C   1 
ATOM   195  O O   . TRP A 1 28  ? 4.450   -6.053  11.595  1.00 18.09 ? 28  TRP A O   1 
ATOM   196  C CB  . TRP A 1 28  ? 3.813   -3.345  9.783   1.00 18.57 ? 28  TRP A CB  1 
ATOM   197  C CG  . TRP A 1 28  ? 4.947   -2.935  10.672  1.00 19.53 ? 28  TRP A CG  1 
ATOM   198  C CD1 . TRP A 1 28  ? 6.275   -2.920  10.359  1.00 19.68 ? 28  TRP A CD1 1 
ATOM   199  C CD2 . TRP A 1 28  ? 4.849   -2.497  12.033  1.00 20.72 ? 28  TRP A CD2 1 
ATOM   200  N NE1 . TRP A 1 28  ? 7.011   -2.497  11.440  1.00 22.18 ? 28  TRP A NE1 1 
ATOM   201  C CE2 . TRP A 1 28  ? 6.161   -2.231  12.482  1.00 21.13 ? 28  TRP A CE2 1 
ATOM   202  C CE3 . TRP A 1 28  ? 3.777   -2.305  12.917  1.00 20.26 ? 28  TRP A CE3 1 
ATOM   203  C CZ2 . TRP A 1 28  ? 6.433   -1.781  13.781  1.00 20.83 ? 28  TRP A CZ2 1 
ATOM   204  C CZ3 . TRP A 1 28  ? 4.048   -1.857  14.209  1.00 20.85 ? 28  TRP A CZ3 1 
ATOM   205  C CH2 . TRP A 1 28  ? 5.366   -1.601  14.626  1.00 18.95 ? 28  TRP A CH2 1 
ATOM   206  N N   . THR A 1 29  ? 2.345   -5.264  11.701  1.00 19.34 ? 29  THR A N   1 
ATOM   207  C CA  . THR A 1 29  ? 2.083   -5.773  13.042  1.00 21.16 ? 29  THR A CA  1 
ATOM   208  C C   . THR A 1 29  ? 2.255   -7.290  13.091  1.00 22.63 ? 29  THR A C   1 
ATOM   209  O O   . THR A 1 29  ? 2.924   -7.814  13.978  1.00 25.10 ? 29  THR A O   1 
ATOM   210  C CB  . THR A 1 29  ? 0.656   -5.379  13.502  1.00 22.85 ? 29  THR A CB  1 
ATOM   211  O OG1 . THR A 1 29  ? 0.583   -3.952  13.622  1.00 23.55 ? 29  THR A OG1 1 
ATOM   212  C CG2 . THR A 1 29  ? 0.314   -6.007  14.852  1.00 22.55 ? 29  THR A CG2 1 
ATOM   213  N N   . GLU A 1 30  ? 1.674   -7.994  12.125  1.00 23.09 ? 30  GLU A N   1 
ATOM   214  C CA  . GLU A 1 30  ? 1.786   -9.450  12.069  1.00 24.92 ? 30  GLU A CA  1 
ATOM   215  C C   . GLU A 1 30  ? 3.241   -9.903  11.940  1.00 24.85 ? 30  GLU A C   1 
ATOM   216  O O   . GLU A 1 30  ? 3.650   -10.899 12.538  1.00 27.21 ? 30  GLU A O   1 
ATOM   217  C CB  . GLU A 1 30  ? 0.986   -9.992  10.884  1.00 28.60 ? 30  GLU A CB  1 
ATOM   218  C CG  . GLU A 1 30  ? -0.501  -9.702  10.961  1.00 32.73 ? 30  GLU A CG  1 
ATOM   219  C CD  . GLU A 1 30  ? -1.125  -10.272 12.215  1.00 37.07 ? 30  GLU A CD  1 
ATOM   220  O OE1 . GLU A 1 30  ? -1.015  -11.497 12.428  1.00 39.41 ? 30  GLU A OE1 1 
ATOM   221  O OE2 . GLU A 1 30  ? -1.722  -9.494  12.989  1.00 39.17 ? 30  GLU A OE2 1 
ATOM   222  N N   . LEU A 1 31  ? 4.024   -9.170  11.157  1.00 22.05 ? 31  LEU A N   1 
ATOM   223  C CA  . LEU A 1 31  ? 5.419   -9.517  10.957  1.00 24.40 ? 31  LEU A CA  1 
ATOM   224  C C   . LEU A 1 31  ? 6.240   -9.377  12.243  1.00 25.97 ? 31  LEU A C   1 
ATOM   225  O O   . LEU A 1 31  ? 7.318   -9.961  12.359  1.00 26.00 ? 31  LEU A O   1 
ATOM   226  C CB  . LEU A 1 31  ? 6.013   -8.662  9.832   1.00 20.08 ? 31  LEU A CB  1 
ATOM   227  C CG  . LEU A 1 31  ? 5.328   -8.883  8.471   1.00 20.69 ? 31  LEU A CG  1 
ATOM   228  C CD1 . LEU A 1 31  ? 6.035   -8.079  7.393   1.00 16.35 ? 31  LEU A CD1 1 
ATOM   229  C CD2 . LEU A 1 31  ? 5.347   -10.379 8.119   1.00 16.30 ? 31  LEU A CD2 1 
ATOM   230  N N   . LEU A 1 32  ? 5.721   -8.612  13.202  1.00 26.14 ? 32  LEU A N   1 
ATOM   231  C CA  . LEU A 1 32  ? 6.394   -8.408  14.485  1.00 27.00 ? 32  LEU A CA  1 
ATOM   232  C C   . LEU A 1 32  ? 6.463   -9.694  15.306  1.00 29.02 ? 32  LEU A C   1 
ATOM   233  O O   . LEU A 1 32  ? 7.091   -9.727  16.368  1.00 30.74 ? 32  LEU A O   1 
ATOM   234  C CB  . LEU A 1 32  ? 5.669   -7.340  15.315  1.00 24.65 ? 32  LEU A CB  1 
ATOM   235  C CG  . LEU A 1 32  ? 5.716   -5.887  14.842  1.00 25.44 ? 32  LEU A CG  1 
ATOM   236  C CD1 . LEU A 1 32  ? 4.926   -5.009  15.815  1.00 23.01 ? 32  LEU A CD1 1 
ATOM   237  C CD2 . LEU A 1 32  ? 7.161   -5.425  14.745  1.00 24.04 ? 32  LEU A CD2 1 
ATOM   238  N N   . GLN A 1 33  ? 5.816   -10.748 14.821  1.00 29.28 ? 33  GLN A N   1 
ATOM   239  C CA  . GLN A 1 33  ? 5.811   -12.024 15.527  1.00 30.71 ? 33  GLN A CA  1 
ATOM   240  C C   . GLN A 1 33  ? 7.140   -12.776 15.461  1.00 30.22 ? 33  GLN A C   1 
ATOM   241  O O   . GLN A 1 33  ? 7.365   -13.715 16.230  1.00 29.57 ? 33  GLN A O   1 
ATOM   242  C CB  . GLN A 1 33  ? 4.669   -12.904 15.008  1.00 31.80 ? 33  GLN A CB  1 
ATOM   243  C CG  . GLN A 1 33  ? 3.345   -12.635 15.712  1.00 36.01 ? 33  GLN A CG  1 
ATOM   244  C CD  . GLN A 1 33  ? 2.146   -13.186 14.962  1.00 38.84 ? 33  GLN A CD  1 
ATOM   245  O OE1 . GLN A 1 33  ? 2.137   -14.343 14.529  1.00 41.02 ? 33  GLN A OE1 1 
ATOM   246  N NE2 . GLN A 1 33  ? 1.119   -12.358 14.811  1.00 39.35 ? 33  GLN A NE2 1 
ATOM   247  N N   . GLY A 1 34  ? 8.015   -12.370 14.548  1.00 30.13 ? 34  GLY A N   1 
ATOM   248  C CA  . GLY A 1 34  ? 9.314   -13.016 14.444  1.00 30.06 ? 34  GLY A CA  1 
ATOM   249  C C   . GLY A 1 34  ? 9.581   -13.867 13.211  1.00 29.70 ? 34  GLY A C   1 
ATOM   250  O O   . GLY A 1 34  ? 8.799   -13.859 12.264  1.00 29.68 ? 34  GLY A O   1 
ATOM   251  N N   . PRO A 1 35  ? 10.701  -14.616 13.207  1.00 30.54 ? 35  PRO A N   1 
ATOM   252  C CA  . PRO A 1 35  ? 11.162  -15.508 12.134  1.00 30.76 ? 35  PRO A CA  1 
ATOM   253  C C   . PRO A 1 35  ? 10.197  -16.645 11.793  1.00 32.08 ? 35  PRO A C   1 
ATOM   254  O O   . PRO A 1 35  ? 10.320  -17.279 10.740  1.00 32.54 ? 35  PRO A O   1 
ATOM   255  C CB  . PRO A 1 35  ? 12.489  -16.044 12.674  1.00 29.83 ? 35  PRO A CB  1 
ATOM   256  C CG  . PRO A 1 35  ? 12.969  -14.950 13.561  1.00 30.43 ? 35  PRO A CG  1 
ATOM   257  C CD  . PRO A 1 35  ? 11.708  -14.544 14.281  1.00 28.35 ? 35  PRO A CD  1 
ATOM   258  N N   . SER A 1 36  ? 9.250   -16.912 12.685  1.00 31.43 ? 36  SER A N   1 
ATOM   259  C CA  . SER A 1 36  ? 8.286   -17.979 12.452  1.00 32.29 ? 36  SER A CA  1 
ATOM   260  C C   . SER A 1 36  ? 7.160   -17.505 11.547  1.00 32.96 ? 36  SER A C   1 
ATOM   261  O O   . SER A 1 36  ? 6.378   -18.310 11.044  1.00 34.44 ? 36  SER A O   1 
ATOM   262  C CB  . SER A 1 36  ? 7.697   -18.475 13.776  1.00 31.96 ? 36  SER A CB  1 
ATOM   263  O OG  . SER A 1 36  ? 6.868   -17.493 14.374  1.00 31.63 ? 36  SER A OG  1 
ATOM   264  N N   . ALA A 1 37  ? 7.077   -16.198 11.330  1.00 32.15 ? 37  ALA A N   1 
ATOM   265  C CA  . ALA A 1 37  ? 6.017   -15.660 10.491  1.00 31.85 ? 37  ALA A CA  1 
ATOM   266  C C   . ALA A 1 37  ? 6.493   -14.550 9.565   1.00 31.73 ? 37  ALA A C   1 
ATOM   267  O O   . ALA A 1 37  ? 5.674   -13.820 9.005   1.00 32.70 ? 37  ALA A O   1 
ATOM   268  C CB  . ALA A 1 37  ? 4.876   -15.148 11.372  1.00 30.66 ? 37  ALA A CB  1 
ATOM   269  N N   . ALA A 1 38  ? 7.803   -14.417 9.387   1.00 30.15 ? 38  ALA A N   1 
ATOM   270  C CA  . ALA A 1 38  ? 8.311   -13.354 8.528   1.00 28.99 ? 38  ALA A CA  1 
ATOM   271  C C   . ALA A 1 38  ? 9.773   -13.490 8.126   1.00 27.47 ? 38  ALA A C   1 
ATOM   272  O O   . ALA A 1 38  ? 10.606  -13.944 8.906   1.00 27.06 ? 38  ALA A O   1 
ATOM   273  C CB  . ALA A 1 38  ? 8.099   -12.001 9.215   1.00 27.42 ? 38  ALA A CB  1 
ATOM   274  N N   . THR A 1 39  ? 10.072  -13.096 6.893   1.00 27.19 ? 39  THR A N   1 
ATOM   275  C CA  . THR A 1 39  ? 11.442  -13.125 6.399   1.00 25.60 ? 39  THR A CA  1 
ATOM   276  C C   . THR A 1 39  ? 11.909  -11.685 6.535   1.00 26.87 ? 39  THR A C   1 
ATOM   277  O O   . THR A 1 39  ? 11.090  -10.774 6.663   1.00 27.74 ? 39  THR A O   1 
ATOM   278  C CB  . THR A 1 39  ? 11.529  -13.542 4.913   1.00 23.81 ? 39  THR A CB  1 
ATOM   279  O OG1 . THR A 1 39  ? 10.932  -12.532 4.091   1.00 20.86 ? 39  THR A OG1 1 
ATOM   280  C CG2 . THR A 1 39  ? 10.810  -14.860 4.688   1.00 22.13 ? 39  THR A CG2 1 
ATOM   281  N N   . ARG A 1 40  ? 13.219  -11.481 6.515   1.00 27.76 ? 40  ARG A N   1 
ATOM   282  C CA  . ARG A 1 40  ? 13.784  -10.150 6.645   1.00 28.18 ? 40  ARG A CA  1 
ATOM   283  C C   . ARG A 1 40  ? 13.371  -9.225  5.504   1.00 27.30 ? 40  ARG A C   1 
ATOM   284  O O   . ARG A 1 40  ? 13.202  -8.022  5.706   1.00 26.96 ? 40  ARG A O   1 
ATOM   285  C CB  . ARG A 1 40  ? 15.312  -10.247 6.733   1.00 31.31 ? 40  ARG A CB  1 
ATOM   286  C CG  . ARG A 1 40  ? 15.815  -10.941 8.007   1.00 32.65 ? 40  ARG A CG  1 
ATOM   287  C CD  . ARG A 1 40  ? 17.334  -11.052 8.023   1.00 34.26 ? 40  ARG A CD  1 
ATOM   288  N NE  . ARG A 1 40  ? 17.866  -11.398 9.343   1.00 36.72 ? 40  ARG A NE  1 
ATOM   289  C CZ  . ARG A 1 40  ? 17.689  -10.663 10.439  1.00 36.94 ? 40  ARG A CZ  1 
ATOM   290  N NH1 . ARG A 1 40  ? 16.988  -9.539  10.381  1.00 38.61 ? 40  ARG A NH1 1 
ATOM   291  N NH2 . ARG A 1 40  ? 18.224  -11.041 11.593  1.00 35.67 ? 40  ARG A NH2 1 
ATOM   292  N N   . GLU A 1 41  ? 13.198  -9.784  4.309   1.00 26.28 ? 41  GLU A N   1 
ATOM   293  C CA  . GLU A 1 41  ? 12.802  -8.991  3.144   1.00 27.02 ? 41  GLU A CA  1 
ATOM   294  C C   . GLU A 1 41  ? 11.359  -8.494  3.271   1.00 25.47 ? 41  GLU A C   1 
ATOM   295  O O   . GLU A 1 41  ? 11.037  -7.377  2.853   1.00 23.95 ? 41  GLU A O   1 
ATOM   296  C CB  . GLU A 1 41  ? 12.941  -9.815  1.859   1.00 28.37 ? 41  GLU A CB  1 
ATOM   297  C CG  . GLU A 1 41  ? 14.263  -10.555 1.737   1.00 33.99 ? 41  GLU A CG  1 
ATOM   298  C CD  . GLU A 1 41  ? 14.351  -11.736 2.688   1.00 37.07 ? 41  GLU A CD  1 
ATOM   299  O OE1 . GLU A 1 41  ? 13.614  -12.724 2.486   1.00 39.91 ? 41  GLU A OE1 1 
ATOM   300  O OE2 . GLU A 1 41  ? 15.150  -11.673 3.644   1.00 40.18 ? 41  GLU A OE2 1 
ATOM   301  N N   . GLU A 1 42  ? 10.496  -9.326  3.845   1.00 24.14 ? 42  GLU A N   1 
ATOM   302  C CA  . GLU A 1 42  ? 9.095   -8.959  4.025   1.00 23.07 ? 42  GLU A CA  1 
ATOM   303  C C   . GLU A 1 42  ? 8.990   -7.738  4.919   1.00 22.29 ? 42  GLU A C   1 
ATOM   304  O O   . GLU A 1 42  ? 8.259   -6.795  4.616   1.00 22.36 ? 42  GLU A O   1 
ATOM   305  C CB  . GLU A 1 42  ? 8.308   -10.112 4.646   1.00 20.55 ? 42  GLU A CB  1 
ATOM   306  C CG  . GLU A 1 42  ? 8.155   -11.316 3.741   1.00 20.85 ? 42  GLU A CG  1 
ATOM   307  C CD  . GLU A 1 42  ? 7.294   -12.389 4.366   1.00 22.55 ? 42  GLU A CD  1 
ATOM   308  O OE1 . GLU A 1 42  ? 7.699   -12.934 5.419   1.00 23.46 ? 42  GLU A OE1 1 
ATOM   309  O OE2 . GLU A 1 42  ? 6.215   -12.683 3.808   1.00 21.26 ? 42  GLU A OE2 1 
ATOM   310  N N   . ILE A 1 43  ? 9.729   -7.765  6.022   1.00 23.34 ? 43  ILE A N   1 
ATOM   311  C CA  . ILE A 1 43  ? 9.743   -6.663  6.975   1.00 22.49 ? 43  ILE A CA  1 
ATOM   312  C C   . ILE A 1 43  ? 10.307  -5.405  6.312   1.00 22.87 ? 43  ILE A C   1 
ATOM   313  O O   . ILE A 1 43  ? 9.769   -4.311  6.475   1.00 22.86 ? 43  ILE A O   1 
ATOM   314  C CB  . ILE A 1 43  ? 10.592  -7.030  8.214   1.00 22.26 ? 43  ILE A CB  1 
ATOM   315  C CG1 . ILE A 1 43  ? 10.032  -8.304  8.853   1.00 22.39 ? 43  ILE A CG1 1 
ATOM   316  C CG2 . ILE A 1 43  ? 10.574  -5.884  9.233   1.00 20.20 ? 43  ILE A CG2 1 
ATOM   317  C CD1 . ILE A 1 43  ? 10.850  -8.832  10.011  1.00 19.95 ? 43  ILE A CD1 1 
ATOM   318  N N   . ASP A 1 44  ? 11.382  -5.563  5.551   1.00 22.95 ? 44  ASP A N   1 
ATOM   319  C CA  . ASP A 1 44  ? 11.997  -4.422  4.870   1.00 23.11 ? 44  ASP A CA  1 
ATOM   320  C C   . ASP A 1 44  ? 11.038  -3.749  3.877   1.00 21.06 ? 44  ASP A C   1 
ATOM   321  O O   . ASP A 1 44  ? 10.794  -2.542  3.958   1.00 19.94 ? 44  ASP A O   1 
ATOM   322  C CB  . ASP A 1 44  ? 13.268  -4.867  4.141   1.00 26.61 ? 44  ASP A CB  1 
ATOM   323  C CG  . ASP A 1 44  ? 14.073  -3.693  3.599   1.00 30.57 ? 44  ASP A CG  1 
ATOM   324  O OD1 . ASP A 1 44  ? 14.478  -2.821  4.401   1.00 35.73 ? 44  ASP A OD1 1 
ATOM   325  O OD2 . ASP A 1 44  ? 14.303  -3.645  2.374   1.00 31.97 ? 44  ASP A OD2 1 
ATOM   326  N N   . TRP A 1 45  ? 10.495  -4.516  2.935   1.00 19.06 ? 45  TRP A N   1 
ATOM   327  C CA  . TRP A 1 45  ? 9.572   -3.929  1.967   1.00 19.01 ? 45  TRP A CA  1 
ATOM   328  C C   . TRP A 1 45  ? 8.298   -3.413  2.619   1.00 17.49 ? 45  TRP A C   1 
ATOM   329  O O   . TRP A 1 45  ? 7.823   -2.333  2.280   1.00 16.38 ? 45  TRP A O   1 
ATOM   330  C CB  . TRP A 1 45  ? 9.206   -4.928  0.861   1.00 17.10 ? 45  TRP A CB  1 
ATOM   331  C CG  . TRP A 1 45  ? 10.237  -4.994  -0.218  1.00 16.60 ? 45  TRP A CG  1 
ATOM   332  C CD1 . TRP A 1 45  ? 11.162  -5.975  -0.410  1.00 16.84 ? 45  TRP A CD1 1 
ATOM   333  C CD2 . TRP A 1 45  ? 10.487  -4.001  -1.222  1.00 15.48 ? 45  TRP A CD2 1 
ATOM   334  N NE1 . TRP A 1 45  ? 11.978  -5.655  -1.474  1.00 15.85 ? 45  TRP A NE1 1 
ATOM   335  C CE2 . TRP A 1 45  ? 11.584  -4.450  -1.989  1.00 14.40 ? 45  TRP A CE2 1 
ATOM   336  C CE3 . TRP A 1 45  ? 9.886   -2.774  -1.548  1.00 14.13 ? 45  TRP A CE3 1 
ATOM   337  C CZ2 . TRP A 1 45  ? 12.098  -3.715  -3.066  1.00 15.96 ? 45  TRP A CZ2 1 
ATOM   338  C CZ3 . TRP A 1 45  ? 10.395  -2.044  -2.617  1.00 13.32 ? 45  TRP A CZ3 1 
ATOM   339  C CH2 . TRP A 1 45  ? 11.492  -2.518  -3.364  1.00 15.26 ? 45  TRP A CH2 1 
ATOM   340  N N   . THR A 1 46  ? 7.744   -4.185  3.549   1.00 17.14 ? 46  THR A N   1 
ATOM   341  C CA  . THR A 1 46  ? 6.519   -3.776  4.227   1.00 18.88 ? 46  THR A CA  1 
ATOM   342  C C   . THR A 1 46  ? 6.746   -2.467  4.968   1.00 18.16 ? 46  THR A C   1 
ATOM   343  O O   . THR A 1 46  ? 5.941   -1.545  4.868   1.00 18.73 ? 46  THR A O   1 
ATOM   344  C CB  . THR A 1 46  ? 6.036   -4.856  5.215   1.00 17.19 ? 46  THR A CB  1 
ATOM   345  O OG1 . THR A 1 46  ? 5.656   -6.028  4.482   1.00 20.52 ? 46  THR A OG1 1 
ATOM   346  C CG2 . THR A 1 46  ? 4.836   -4.354  6.024   1.00 16.28 ? 46  THR A CG2 1 
ATOM   347  N N   . THR A 1 47  ? 7.849   -2.391  5.703   1.00 19.41 ? 47  THR A N   1 
ATOM   348  C CA  . THR A 1 47  ? 8.183   -1.181  6.443   1.00 19.25 ? 47  THR A CA  1 
ATOM   349  C C   . THR A 1 47  ? 8.358   -0.029  5.466   1.00 17.43 ? 47  THR A C   1 
ATOM   350  O O   . THR A 1 47  ? 7.816   1.054   5.670   1.00 17.64 ? 47  THR A O   1 
ATOM   351  C CB  . THR A 1 47  ? 9.489   -1.360  7.248   1.00 19.29 ? 47  THR A CB  1 
ATOM   352  O OG1 . THR A 1 47  ? 9.320   -2.434  8.181   1.00 20.28 ? 47  THR A OG1 1 
ATOM   353  C CG2 . THR A 1 47  ? 9.841   -0.080  8.011   1.00 19.52 ? 47  THR A CG2 1 
ATOM   354  N N   . ASN A 1 48  ? 9.103   -0.278  4.394   1.00 18.27 ? 48  ASN A N   1 
ATOM   355  C CA  . ASN A 1 48  ? 9.356   0.742   3.377   1.00 18.99 ? 48  ASN A CA  1 
ATOM   356  C C   . ASN A 1 48  ? 8.089   1.342   2.758   1.00 18.85 ? 48  ASN A C   1 
ATOM   357  O O   . ASN A 1 48  ? 7.957   2.563   2.662   1.00 18.40 ? 48  ASN A O   1 
ATOM   358  C CB  . ASN A 1 48  ? 10.210  0.167   2.248   1.00 16.96 ? 48  ASN A CB  1 
ATOM   359  C CG  . ASN A 1 48  ? 10.689  1.237   1.282   1.00 19.99 ? 48  ASN A CG  1 
ATOM   360  O OD1 . ASN A 1 48  ? 11.568  2.034   1.614   1.00 18.60 ? 48  ASN A OD1 1 
ATOM   361  N ND2 . ASN A 1 48  ? 10.110  1.266   0.082   1.00 19.12 ? 48  ASN A ND2 1 
ATOM   362  N N   . GLU A 1 49  ? 7.168   0.485   2.326   1.00 16.73 ? 49  GLU A N   1 
ATOM   363  C CA  . GLU A 1 49  ? 5.941   0.961   1.702   1.00 16.61 ? 49  GLU A CA  1 
ATOM   364  C C   . GLU A 1 49  ? 5.052   1.690   2.697   1.00 16.72 ? 49  GLU A C   1 
ATOM   365  O O   . GLU A 1 49  ? 4.427   2.695   2.360   1.00 17.73 ? 49  GLU A O   1 
ATOM   366  C CB  . GLU A 1 49  ? 5.184   -0.205  1.060   1.00 15.88 ? 49  GLU A CB  1 
ATOM   367  C CG  . GLU A 1 49  ? 5.971   -0.894  -0.044  1.00 19.25 ? 49  GLU A CG  1 
ATOM   368  C CD  . GLU A 1 49  ? 6.533   0.094   -1.049  1.00 19.89 ? 49  GLU A CD  1 
ATOM   369  O OE1 . GLU A 1 49  ? 5.743   0.865   -1.630  1.00 19.43 ? 49  GLU A OE1 1 
ATOM   370  O OE2 . GLU A 1 49  ? 7.764   0.100   -1.257  1.00 20.10 ? 49  GLU A OE2 1 
ATOM   371  N N   . LEU A 1 50  ? 4.999   1.180   3.922   1.00 17.97 ? 50  LEU A N   1 
ATOM   372  C CA  . LEU A 1 50  ? 4.191   1.803   4.962   1.00 17.10 ? 50  LEU A CA  1 
ATOM   373  C C   . LEU A 1 50  ? 4.718   3.209   5.204   1.00 18.39 ? 50  LEU A C   1 
ATOM   374  O O   . LEU A 1 50  ? 3.947   4.175   5.228   1.00 18.30 ? 50  LEU A O   1 
ATOM   375  C CB  . LEU A 1 50  ? 4.256   0.979   6.255   1.00 15.20 ? 50  LEU A CB  1 
ATOM   376  C CG  . LEU A 1 50  ? 3.517   1.531   7.484   1.00 15.95 ? 50  LEU A CG  1 
ATOM   377  C CD1 . LEU A 1 50  ? 2.082   1.920   7.120   1.00 17.70 ? 50  LEU A CD1 1 
ATOM   378  C CD2 . LEU A 1 50  ? 3.527   0.485   8.581   1.00 17.36 ? 50  LEU A CD2 1 
ATOM   379  N N   . ARG A 1 51  ? 6.035   3.319   5.365   1.00 17.09 ? 51  ARG A N   1 
ATOM   380  C CA  . ARG A 1 51  ? 6.672   4.609   5.590   1.00 18.63 ? 51  ARG A CA  1 
ATOM   381  C C   . ARG A 1 51  ? 6.421   5.565   4.432   1.00 16.96 ? 51  ARG A C   1 
ATOM   382  O O   . ARG A 1 51  ? 6.192   6.755   4.653   1.00 15.56 ? 51  ARG A O   1 
ATOM   383  C CB  . ARG A 1 51  ? 8.184   4.444   5.809   1.00 19.75 ? 51  ARG A CB  1 
ATOM   384  C CG  . ARG A 1 51  ? 8.530   3.765   7.130   1.00 23.93 ? 51  ARG A CG  1 
ATOM   385  C CD  . ARG A 1 51  ? 10.015  3.880   7.470   1.00 29.00 ? 51  ARG A CD  1 
ATOM   386  N NE  . ARG A 1 51  ? 10.368  3.117   8.670   1.00 31.57 ? 51  ARG A NE  1 
ATOM   387  C CZ  . ARG A 1 51  ? 9.906   3.369   9.893   1.00 32.93 ? 51  ARG A CZ  1 
ATOM   388  N NH1 . ARG A 1 51  ? 9.066   4.374   10.094  1.00 34.34 ? 51  ARG A NH1 1 
ATOM   389  N NH2 . ARG A 1 51  ? 10.271  2.602   10.915  1.00 33.97 ? 51  ARG A NH2 1 
ATOM   390  N N   . ASN A 1 52  ? 6.451   5.047   3.204   1.00 16.40 ? 52  ASN A N   1 
ATOM   391  C CA  . ASN A 1 52  ? 6.214   5.888   2.035   1.00 16.25 ? 52  ASN A CA  1 
ATOM   392  C C   . ASN A 1 52  ? 4.819   6.509   2.118   1.00 15.95 ? 52  ASN A C   1 
ATOM   393  O O   . ASN A 1 52  ? 4.650   7.705   1.889   1.00 15.32 ? 52  ASN A O   1 
ATOM   394  C CB  . ASN A 1 52  ? 6.328   5.083   0.733   1.00 17.35 ? 52  ASN A CB  1 
ATOM   395  C CG  . ASN A 1 52  ? 7.753   4.632   0.435   1.00 21.55 ? 52  ASN A CG  1 
ATOM   396  O OD1 . ASN A 1 52  ? 8.722   5.227   0.909   1.00 21.35 ? 52  ASN A OD1 1 
ATOM   397  N ND2 . ASN A 1 52  ? 7.884   3.588   -0.375  1.00 19.70 ? 52  ASN A ND2 1 
ATOM   398  N N   . ASN A 1 53  ? 3.825   5.688   2.445   1.00 14.63 ? 53  ASN A N   1 
ATOM   399  C CA  . ASN A 1 53  ? 2.455   6.166   2.549   1.00 14.45 ? 53  ASN A CA  1 
ATOM   400  C C   . ASN A 1 53  ? 2.265   7.214   3.641   1.00 13.72 ? 53  ASN A C   1 
ATOM   401  O O   . ASN A 1 53  ? 1.593   8.224   3.421   1.00 14.54 ? 53  ASN A O   1 
ATOM   402  C CB  . ASN A 1 53  ? 1.503   4.990   2.781   1.00 16.46 ? 53  ASN A CB  1 
ATOM   403  C CG  . ASN A 1 53  ? 1.095   4.315   1.490   1.00 19.59 ? 53  ASN A CG  1 
ATOM   404  O OD1 . ASN A 1 53  ? 0.235   4.815   0.767   1.00 17.87 ? 53  ASN A OD1 1 
ATOM   405  N ND2 . ASN A 1 53  ? 1.721   3.182   1.185   1.00 20.47 ? 53  ASN A ND2 1 
ATOM   406  N N   . LEU A 1 54  ? 2.856   6.981   4.813   1.00 13.32 ? 54  LEU A N   1 
ATOM   407  C CA  . LEU A 1 54  ? 2.729   7.925   5.924   1.00 14.29 ? 54  LEU A CA  1 
ATOM   408  C C   . LEU A 1 54  ? 3.392   9.261   5.601   1.00 13.97 ? 54  LEU A C   1 
ATOM   409  O O   . LEU A 1 54  ? 2.852   10.318  5.920   1.00 13.31 ? 54  LEU A O   1 
ATOM   410  C CB  . LEU A 1 54  ? 3.332   7.344   7.209   1.00 14.59 ? 54  LEU A CB  1 
ATOM   411  C CG  . LEU A 1 54  ? 2.695   6.066   7.765   1.00 16.63 ? 54  LEU A CG  1 
ATOM   412  C CD1 . LEU A 1 54  ? 3.512   5.569   8.951   1.00 16.20 ? 54  LEU A CD1 1 
ATOM   413  C CD2 . LEU A 1 54  ? 1.253   6.334   8.178   1.00 17.98 ? 54  LEU A CD2 1 
ATOM   414  N N   . ARG A 1 55  ? 4.567   9.202   4.982   1.00 15.29 ? 55  ARG A N   1 
ATOM   415  C CA  . ARG A 1 55  ? 5.301   10.401  4.585   1.00 16.23 ? 55  ARG A CA  1 
ATOM   416  C C   . ARG A 1 55  ? 4.443   11.185  3.588   1.00 17.24 ? 55  ARG A C   1 
ATOM   417  O O   . ARG A 1 55  ? 4.286   12.407  3.694   1.00 16.32 ? 55  ARG A O   1 
ATOM   418  C CB  . ARG A 1 55  ? 6.619   9.995   3.921   1.00 18.56 ? 55  ARG A CB  1 
ATOM   419  C CG  . ARG A 1 55  ? 7.550   11.147  3.535   1.00 18.71 ? 55  ARG A CG  1 
ATOM   420  C CD  . ARG A 1 55  ? 8.743   10.606  2.748   1.00 21.15 ? 55  ARG A CD  1 
ATOM   421  N NE  . ARG A 1 55  ? 9.336   9.448   3.416   1.00 21.65 ? 55  ARG A NE  1 
ATOM   422  C CZ  . ARG A 1 55  ? 9.421   8.228   2.888   1.00 21.70 ? 55  ARG A CZ  1 
ATOM   423  N NH1 . ARG A 1 55  ? 8.959   7.992   1.668   1.00 22.37 ? 55  ARG A NH1 1 
ATOM   424  N NH2 . ARG A 1 55  ? 9.954   7.234   3.590   1.00 19.97 ? 55  ARG A NH2 1 
ATOM   425  N N   . SER A 1 56  ? 3.893   10.464  2.614   1.00 15.88 ? 56  SER A N   1 
ATOM   426  C CA  . SER A 1 56  ? 3.047   11.064  1.595   1.00 16.59 ? 56  SER A CA  1 
ATOM   427  C C   . SER A 1 56  ? 1.836   11.772  2.205   1.00 15.52 ? 56  SER A C   1 
ATOM   428  O O   . SER A 1 56  ? 1.440   12.850  1.758   1.00 14.13 ? 56  SER A O   1 
ATOM   429  C CB  . SER A 1 56  ? 2.564   9.988   0.614   1.00 18.28 ? 56  SER A CB  1 
ATOM   430  O OG  . SER A 1 56  ? 1.570   10.518  -0.249  1.00 21.79 ? 56  SER A OG  1 
ATOM   431  N N   . ILE A 1 57  ? 1.252   11.156  3.226   1.00 14.64 ? 57  ILE A N   1 
ATOM   432  C CA  . ILE A 1 57  ? 0.092   11.719  3.895   1.00 13.87 ? 57  ILE A CA  1 
ATOM   433  C C   . ILE A 1 57  ? 0.466   13.007  4.630   1.00 15.83 ? 57  ILE A C   1 
ATOM   434  O O   . ILE A 1 57  ? -0.221  14.021  4.514   1.00 13.72 ? 57  ILE A O   1 
ATOM   435  C CB  . ILE A 1 57  ? -0.512  10.697  4.893   1.00 13.62 ? 57  ILE A CB  1 
ATOM   436  C CG1 . ILE A 1 57  ? -1.052  9.485   4.120   1.00 13.09 ? 57  ILE A CG1 1 
ATOM   437  C CG2 . ILE A 1 57  ? -1.613  11.350  5.718   1.00 13.56 ? 57  ILE A CG2 1 
ATOM   438  C CD1 . ILE A 1 57  ? -1.464  8.313   4.983   1.00 12.51 ? 57  ILE A CD1 1 
ATOM   439  N N   . GLU A 1 58  ? 1.569   12.978  5.369   1.00 16.35 ? 58  GLU A N   1 
ATOM   440  C CA  . GLU A 1 58  ? 1.980   14.162  6.109   1.00 16.85 ? 58  GLU A CA  1 
ATOM   441  C C   . GLU A 1 58  ? 2.265   15.353  5.199   1.00 15.45 ? 58  GLU A C   1 
ATOM   442  O O   . GLU A 1 58  ? 1.906   16.488  5.525   1.00 16.23 ? 58  GLU A O   1 
ATOM   443  C CB  . GLU A 1 58  ? 3.198   13.847  6.983   1.00 15.37 ? 58  GLU A CB  1 
ATOM   444  C CG  . GLU A 1 58  ? 2.921   12.788  8.038   1.00 17.00 ? 58  GLU A CG  1 
ATOM   445  C CD  . GLU A 1 58  ? 4.061   12.655  9.031   1.00 21.26 ? 58  GLU A CD  1 
ATOM   446  O OE1 . GLU A 1 58  ? 4.294   13.622  9.782   1.00 22.21 ? 58  GLU A OE1 1 
ATOM   447  O OE2 . GLU A 1 58  ? 4.724   11.593  9.057   1.00 20.87 ? 58  GLU A OE2 1 
ATOM   448  N N   . TRP A 1 59  ? 2.898   15.112  4.056   1.00 16.16 ? 59  TRP A N   1 
ATOM   449  C CA  . TRP A 1 59  ? 3.180   16.211  3.136   1.00 16.53 ? 59  TRP A CA  1 
ATOM   450  C C   . TRP A 1 59  ? 1.903   16.812  2.550   1.00 16.83 ? 59  TRP A C   1 
ATOM   451  O O   . TRP A 1 59  ? 1.799   18.035  2.397   1.00 17.66 ? 59  TRP A O   1 
ATOM   452  C CB  . TRP A 1 59  ? 4.136   15.759  2.023   1.00 16.43 ? 59  TRP A CB  1 
ATOM   453  C CG  . TRP A 1 59  ? 5.570   15.817  2.478   1.00 17.83 ? 59  TRP A CG  1 
ATOM   454  C CD1 . TRP A 1 59  ? 6.418   14.764  2.693   1.00 19.04 ? 59  TRP A CD1 1 
ATOM   455  C CD2 . TRP A 1 59  ? 6.290   16.995  2.858   1.00 18.66 ? 59  TRP A CD2 1 
ATOM   456  N NE1 . TRP A 1 59  ? 7.620   15.216  3.189   1.00 18.57 ? 59  TRP A NE1 1 
ATOM   457  C CE2 . TRP A 1 59  ? 7.566   16.582  3.302   1.00 20.28 ? 59  TRP A CE2 1 
ATOM   458  C CE3 . TRP A 1 59  ? 5.977   18.363  2.872   1.00 19.79 ? 59  TRP A CE3 1 
ATOM   459  C CZ2 . TRP A 1 59  ? 8.532   17.489  3.754   1.00 21.42 ? 59  TRP A CZ2 1 
ATOM   460  C CZ3 . TRP A 1 59  ? 6.940   19.267  3.323   1.00 19.96 ? 59  TRP A CZ3 1 
ATOM   461  C CH2 . TRP A 1 59  ? 8.199   18.823  3.758   1.00 21.40 ? 59  TRP A CH2 1 
ATOM   462  N N   . ASP A 1 60  ? 0.928   15.963  2.230   1.00 16.07 ? 60  ASP A N   1 
ATOM   463  C CA  . ASP A 1 60  ? -0.332  16.458  1.691   1.00 15.07 ? 60  ASP A CA  1 
ATOM   464  C C   . ASP A 1 60  ? -1.047  17.289  2.752   1.00 15.42 ? 60  ASP A C   1 
ATOM   465  O O   . ASP A 1 60  ? -1.599  18.349  2.451   1.00 14.89 ? 60  ASP A O   1 
ATOM   466  C CB  . ASP A 1 60  ? -1.242  15.308  1.256   1.00 16.11 ? 60  ASP A CB  1 
ATOM   467  C CG  . ASP A 1 60  ? -0.748  14.602  0.000   1.00 19.09 ? 60  ASP A CG  1 
ATOM   468  O OD1 . ASP A 1 60  ? 0.091   15.173  -0.732  1.00 18.83 ? 60  ASP A OD1 1 
ATOM   469  O OD2 . ASP A 1 60  ? -1.219  13.476  -0.261  1.00 16.80 ? 60  ASP A OD2 1 
ATOM   470  N N   . LEU A 1 61  ? -1.037  16.801  3.992   1.00 15.10 ? 61  LEU A N   1 
ATOM   471  C CA  . LEU A 1 61  ? -1.684  17.510  5.089   1.00 14.81 ? 61  LEU A CA  1 
ATOM   472  C C   . LEU A 1 61  ? -0.972  18.840  5.271   1.00 15.80 ? 61  LEU A C   1 
ATOM   473  O O   . LEU A 1 61  ? -1.606  19.875  5.493   1.00 15.42 ? 61  LEU A O   1 
ATOM   474  C CB  . LEU A 1 61  ? -1.621  16.691  6.388   1.00 12.58 ? 61  LEU A CB  1 
ATOM   475  C CG  . LEU A 1 61  ? -2.394  15.363  6.444   1.00 12.71 ? 61  LEU A CG  1 
ATOM   476  C CD1 . LEU A 1 61  ? -2.219  14.729  7.815   1.00 9.29  ? 61  LEU A CD1 1 
ATOM   477  C CD2 . LEU A 1 61  ? -3.874  15.600  6.157   1.00 13.10 ? 61  LEU A CD2 1 
ATOM   478  N N   . GLU A 1 62  ? 0.353   18.805  5.169   1.00 15.68 ? 62  GLU A N   1 
ATOM   479  C CA  . GLU A 1 62  ? 1.159   20.012  5.298   1.00 16.97 ? 62  GLU A CA  1 
ATOM   480  C C   . GLU A 1 62  ? 0.645   21.007  4.255   1.00 15.99 ? 62  GLU A C   1 
ATOM   481  O O   . GLU A 1 62  ? 0.365   22.163  4.571   1.00 13.71 ? 62  GLU A O   1 
ATOM   482  C CB  . GLU A 1 62  ? 2.632   19.693  5.027   1.00 20.40 ? 62  GLU A CB  1 
ATOM   483  C CG  . GLU A 1 62  ? 3.607   20.812  5.379   1.00 26.72 ? 62  GLU A CG  1 
ATOM   484  C CD  . GLU A 1 62  ? 3.794   20.982  6.875   1.00 30.62 ? 62  GLU A CD  1 
ATOM   485  O OE1 . GLU A 1 62  ? 4.683   21.761  7.279   1.00 32.87 ? 62  GLU A OE1 1 
ATOM   486  O OE2 . GLU A 1 62  ? 3.055   20.339  7.653   1.00 34.51 ? 62  GLU A OE2 1 
ATOM   487  N N   . ASP A 1 63  ? 0.514   20.550  3.012   1.00 14.03 ? 63  ASP A N   1 
ATOM   488  C CA  . ASP A 1 63  ? 0.018   21.424  1.951   1.00 15.76 ? 63  ASP A CA  1 
ATOM   489  C C   . ASP A 1 63  ? -1.363  21.982  2.306   1.00 14.20 ? 63  ASP A C   1 
ATOM   490  O O   . ASP A 1 63  ? -1.599  23.178  2.163   1.00 14.07 ? 63  ASP A O   1 
ATOM   491  C CB  . ASP A 1 63  ? -0.053  20.691  0.600   1.00 14.80 ? 63  ASP A CB  1 
ATOM   492  C CG  . ASP A 1 63  ? 1.322   20.388  0.017   1.00 16.67 ? 63  ASP A CG  1 
ATOM   493  O OD1 . ASP A 1 63  ? 2.316   21.006  0.445   1.00 16.60 ? 63  ASP A OD1 1 
ATOM   494  O OD2 . ASP A 1 63  ? 1.404   19.540  -0.891  1.00 19.13 ? 63  ASP A OD2 1 
ATOM   495  N N   . LEU A 1 64  ? -2.271  21.130  2.778   1.00 13.93 ? 64  LEU A N   1 
ATOM   496  C CA  . LEU A 1 64  ? -3.611  21.591  3.144   1.00 15.28 ? 64  LEU A CA  1 
ATOM   497  C C   . LEU A 1 64  ? -3.576  22.626  4.283   1.00 16.99 ? 64  LEU A C   1 
ATOM   498  O O   . LEU A 1 64  ? -4.348  23.591  4.279   1.00 15.94 ? 64  LEU A O   1 
ATOM   499  C CB  . LEU A 1 64  ? -4.503  20.404  3.533   1.00 16.15 ? 64  LEU A CB  1 
ATOM   500  C CG  . LEU A 1 64  ? -4.860  19.397  2.424   1.00 16.94 ? 64  LEU A CG  1 
ATOM   501  C CD1 . LEU A 1 64  ? -5.744  18.297  2.998   1.00 18.21 ? 64  LEU A CD1 1 
ATOM   502  C CD2 . LEU A 1 64  ? -5.575  20.106  1.280   1.00 16.72 ? 64  LEU A CD2 1 
ATOM   503  N N   . ASP A 1 65  ? -2.686  22.425  5.252   1.00 17.15 ? 65  ASP A N   1 
ATOM   504  C CA  . ASP A 1 65  ? -2.542  23.358  6.368   1.00 19.57 ? 65  ASP A CA  1 
ATOM   505  C C   . ASP A 1 65  ? -2.127  24.736  5.841   1.00 20.67 ? 65  ASP A C   1 
ATOM   506  O O   . ASP A 1 65  ? -2.763  25.747  6.143   1.00 18.54 ? 65  ASP A O   1 
ATOM   507  C CB  . ASP A 1 65  ? -1.476  22.855  7.344   1.00 24.09 ? 65  ASP A CB  1 
ATOM   508  C CG  . ASP A 1 65  ? -2.062  22.369  8.648   1.00 27.55 ? 65  ASP A CG  1 
ATOM   509  O OD1 . ASP A 1 65  ? -3.022  21.572  8.617   1.00 28.57 ? 65  ASP A OD1 1 
ATOM   510  O OD2 . ASP A 1 65  ? -1.556  22.780  9.712   1.00 34.04 ? 65  ASP A OD2 1 
ATOM   511  N N   . GLU A 1 66  ? -1.056  24.755  5.051   1.00 20.65 ? 66  GLU A N   1 
ATOM   512  C CA  . GLU A 1 66  ? -0.521  25.982  4.466   1.00 21.50 ? 66  GLU A CA  1 
ATOM   513  C C   . GLU A 1 66  ? -1.553  26.731  3.633   1.00 20.85 ? 66  GLU A C   1 
ATOM   514  O O   . GLU A 1 66  ? -1.571  27.967  3.614   1.00 20.16 ? 66  GLU A O   1 
ATOM   515  C CB  . GLU A 1 66  ? 0.685   25.662  3.582   1.00 23.95 ? 66  GLU A CB  1 
ATOM   516  C CG  . GLU A 1 66  ? 1.924   25.201  4.324   1.00 25.64 ? 66  GLU A CG  1 
ATOM   517  C CD  . GLU A 1 66  ? 3.067   24.916  3.375   1.00 28.10 ? 66  GLU A CD  1 
ATOM   518  O OE1 . GLU A 1 66  ? 3.325   25.762  2.495   1.00 29.69 ? 66  GLU A OE1 1 
ATOM   519  O OE2 . GLU A 1 66  ? 3.710   23.852  3.503   1.00 30.11 ? 66  GLU A OE2 1 
ATOM   520  N N   . THR A 1 67  ? -2.393  25.983  2.926   1.00 19.65 ? 67  THR A N   1 
ATOM   521  C CA  . THR A 1 67  ? -3.428  26.586  2.098   1.00 20.42 ? 67  THR A CA  1 
ATOM   522  C C   . THR A 1 67  ? -4.454  27.274  2.990   1.00 19.98 ? 67  THR A C   1 
ATOM   523  O O   . THR A 1 67  ? -4.790  28.438  2.777   1.00 19.98 ? 67  THR A O   1 
ATOM   524  C CB  . THR A 1 67  ? -4.133  25.523  1.220   1.00 18.85 ? 67  THR A CB  1 
ATOM   525  O OG1 . THR A 1 67  ? -3.175  24.931  0.332   1.00 19.60 ? 67  THR A OG1 1 
ATOM   526  C CG2 . THR A 1 67  ? -5.249  26.161  0.391   1.00 17.43 ? 67  THR A CG2 1 
ATOM   527  N N   . ILE A 1 68  ? -4.939  26.552  3.994   1.00 20.86 ? 68  ILE A N   1 
ATOM   528  C CA  . ILE A 1 68  ? -5.923  27.087  4.932   1.00 20.70 ? 68  ILE A CA  1 
ATOM   529  C C   . ILE A 1 68  ? -5.363  28.319  5.652   1.00 20.91 ? 68  ILE A C   1 
ATOM   530  O O   . ILE A 1 68  ? -6.069  29.307  5.852   1.00 20.39 ? 68  ILE A O   1 
ATOM   531  C CB  . ILE A 1 68  ? -6.332  26.010  5.975   1.00 20.51 ? 68  ILE A CB  1 
ATOM   532  C CG1 . ILE A 1 68  ? -7.205  24.945  5.303   1.00 21.98 ? 68  ILE A CG1 1 
ATOM   533  C CG2 . ILE A 1 68  ? -7.070  26.646  7.141   1.00 21.65 ? 68  ILE A CG2 1 
ATOM   534  C CD1 . ILE A 1 68  ? -7.601  23.792  6.222   1.00 20.66 ? 68  ILE A CD1 1 
ATOM   535  N N   . SER A 1 69  ? -4.095  28.258  6.038   1.00 22.31 ? 69  SER A N   1 
ATOM   536  C CA  . SER A 1 69  ? -3.460  29.375  6.722   1.00 23.02 ? 69  SER A CA  1 
ATOM   537  C C   . SER A 1 69  ? -3.704  30.660  5.935   1.00 23.99 ? 69  SER A C   1 
ATOM   538  O O   . SER A 1 69  ? -4.012  31.706  6.511   1.00 24.74 ? 69  SER A O   1 
ATOM   539  C CB  . SER A 1 69  ? -1.957  29.125  6.857   1.00 23.62 ? 69  SER A CB  1 
ATOM   540  O OG  . SER A 1 69  ? -1.296  30.236  7.442   1.00 27.77 ? 69  SER A OG  1 
ATOM   541  N N   . ILE A 1 70  ? -3.580  30.567  4.614   1.00 23.32 ? 70  ILE A N   1 
ATOM   542  C CA  . ILE A 1 70  ? -3.781  31.713  3.729   1.00 24.31 ? 70  ILE A CA  1 
ATOM   543  C C   . ILE A 1 70  ? -5.201  32.288  3.772   1.00 24.90 ? 70  ILE A C   1 
ATOM   544  O O   . ILE A 1 70  ? -5.383  33.487  3.977   1.00 24.94 ? 70  ILE A O   1 
ATOM   545  C CB  . ILE A 1 70  ? -3.448  31.339  2.261   1.00 23.88 ? 70  ILE A CB  1 
ATOM   546  C CG1 . ILE A 1 70  ? -1.970  30.956  2.141   1.00 25.09 ? 70  ILE A CG1 1 
ATOM   547  C CG2 . ILE A 1 70  ? -3.773  32.500  1.339   1.00 22.31 ? 70  ILE A CG2 1 
ATOM   548  C CD1 . ILE A 1 70  ? -1.571  30.431  0.764   1.00 24.27 ? 70  ILE A CD1 1 
ATOM   549  N N   . VAL A 1 71  ? -6.198  31.426  3.572   1.00 27.54 ? 71  VAL A N   1 
ATOM   550  C CA  . VAL A 1 71  ? -7.609  31.825  3.557   1.00 27.39 ? 71  VAL A CA  1 
ATOM   551  C C   . VAL A 1 71  ? -8.189  32.105  4.943   1.00 29.53 ? 71  VAL A C   1 
ATOM   552  O O   . VAL A 1 71  ? -9.172  32.841  5.088   1.00 27.71 ? 71  VAL A O   1 
ATOM   553  C CB  . VAL A 1 71  ? -8.463  30.728  2.885   1.00 28.42 ? 71  VAL A CB  1 
ATOM   554  C CG1 . VAL A 1 71  ? -9.944  30.995  3.094   1.00 30.30 ? 71  VAL A CG1 1 
ATOM   555  C CG2 . VAL A 1 71  ? -8.146  30.674  1.404   1.00 28.48 ? 71  VAL A CG2 1 
ATOM   556  N N   . GLU A 1 72  ? -7.565  31.515  5.954   1.00 29.95 ? 72  GLU A N   1 
ATOM   557  C CA  . GLU A 1 72  ? -7.996  31.646  7.339   1.00 31.57 ? 72  GLU A CA  1 
ATOM   558  C C   . GLU A 1 72  ? -8.291  33.079  7.779   1.00 33.47 ? 72  GLU A C   1 
ATOM   559  O O   . GLU A 1 72  ? -9.227  33.321  8.541   1.00 33.04 ? 72  GLU A O   1 
ATOM   560  C CB  . GLU A 1 72  ? -6.935  31.036  8.251   1.00 32.19 ? 72  GLU A CB  1 
ATOM   561  C CG  . GLU A 1 72  ? -7.479  30.407  9.501   1.00 33.88 ? 72  GLU A CG  1 
ATOM   562  C CD  . GLU A 1 72  ? -6.385  29.837  10.376  1.00 34.80 ? 72  GLU A CD  1 
ATOM   563  O OE1 . GLU A 1 72  ? -6.720  29.128  11.346  1.00 34.92 ? 72  GLU A OE1 1 
ATOM   564  O OE2 . GLU A 1 72  ? -5.195  30.101  10.096  1.00 34.11 ? 72  GLU A OE2 1 
ATOM   565  N N   . ALA A 1 73  ? -7.490  34.027  7.300   1.00 34.77 ? 73  ALA A N   1 
ATOM   566  C CA  . ALA A 1 73  ? -7.669  35.430  7.665   1.00 37.28 ? 73  ALA A CA  1 
ATOM   567  C C   . ALA A 1 73  ? -8.964  36.029  7.125   1.00 38.18 ? 73  ALA A C   1 
ATOM   568  O O   . ALA A 1 73  ? -9.736  36.636  7.870   1.00 38.64 ? 73  ALA A O   1 
ATOM   569  C CB  . ALA A 1 73  ? -6.481  36.244  7.176   1.00 38.07 ? 73  ALA A CB  1 
ATOM   570  N N   . ASN A 1 74  ? -9.200  35.853  5.829   1.00 38.46 ? 74  ASN A N   1 
ATOM   571  C CA  . ASN A 1 74  ? -10.387 36.395  5.178   1.00 37.56 ? 74  ASN A CA  1 
ATOM   572  C C   . ASN A 1 74  ? -11.197 35.283  4.504   1.00 36.69 ? 74  ASN A C   1 
ATOM   573  O O   . ASN A 1 74  ? -11.227 35.176  3.280   1.00 34.38 ? 74  ASN A O   1 
ATOM   574  C CB  . ASN A 1 74  ? -9.957  37.432  4.134   1.00 39.35 ? 74  ASN A CB  1 
ATOM   575  C CG  . ASN A 1 74  ? -11.056 38.417  3.797   1.00 40.77 ? 74  ASN A CG  1 
ATOM   576  O OD1 . ASN A 1 74  ? -12.183 38.031  3.478   1.00 43.03 ? 74  ASN A OD1 1 
ATOM   577  N ND2 . ASN A 1 74  ? -10.732 39.704  3.858   1.00 40.48 ? 74  ASN A ND2 1 
ATOM   578  N N   . PRO A 1 75  ? -11.877 34.445  5.304   1.00 36.62 ? 75  PRO A N   1 
ATOM   579  C CA  . PRO A 1 75  ? -12.693 33.330  4.810   1.00 37.39 ? 75  PRO A CA  1 
ATOM   580  C C   . PRO A 1 75  ? -13.674 33.699  3.693   1.00 36.50 ? 75  PRO A C   1 
ATOM   581  O O   . PRO A 1 75  ? -13.621 33.140  2.598   1.00 35.41 ? 75  PRO A O   1 
ATOM   582  C CB  . PRO A 1 75  ? -13.414 32.854  6.069   1.00 37.22 ? 75  PRO A CB  1 
ATOM   583  C CG  . PRO A 1 75  ? -12.421 33.139  7.141   1.00 37.49 ? 75  PRO A CG  1 
ATOM   584  C CD  . PRO A 1 75  ? -11.937 34.518  6.775   1.00 36.96 ? 75  PRO A CD  1 
ATOM   585  N N   . ARG A 1 76  ? -14.565 34.639  3.988   1.00 35.72 ? 76  ARG A N   1 
ATOM   586  C CA  . ARG A 1 76  ? -15.581 35.085  3.044   1.00 37.00 ? 76  ARG A CA  1 
ATOM   587  C C   . ARG A 1 76  ? -15.034 35.565  1.694   1.00 36.59 ? 76  ARG A C   1 
ATOM   588  O O   . ARG A 1 76  ? -15.696 35.413  0.663   1.00 35.50 ? 76  ARG A O   1 
ATOM   589  C CB  . ARG A 1 76  ? -16.431 36.184  3.700   1.00 39.60 ? 76  ARG A CB  1 
ATOM   590  C CG  . ARG A 1 76  ? -17.512 36.786  2.808   1.00 44.73 ? 76  ARG A CG  1 
ATOM   591  C CD  . ARG A 1 76  ? -18.497 37.625  3.622   1.00 48.36 ? 76  ARG A CD  1 
ATOM   592  N NE  . ARG A 1 76  ? -19.360 36.798  4.465   1.00 52.91 ? 76  ARG A NE  1 
ATOM   593  C CZ  . ARG A 1 76  ? -20.336 36.016  4.005   1.00 53.99 ? 76  ARG A CZ  1 
ATOM   594  N NH1 . ARG A 1 76  ? -20.584 35.951  2.702   1.00 55.04 ? 76  ARG A NH1 1 
ATOM   595  N NH2 . ARG A 1 76  ? -21.063 35.292  4.847   1.00 53.70 ? 76  ARG A NH2 1 
ATOM   596  N N   . LYS A 1 77  ? -13.834 36.139  1.693   1.00 34.87 ? 77  LYS A N   1 
ATOM   597  C CA  . LYS A 1 77  ? -13.238 36.623  0.452   1.00 33.91 ? 77  LYS A CA  1 
ATOM   598  C C   . LYS A 1 77  ? -13.165 35.501  -0.578  1.00 32.80 ? 77  LYS A C   1 
ATOM   599  O O   . LYS A 1 77  ? -13.306 35.731  -1.781  1.00 31.51 ? 77  LYS A O   1 
ATOM   600  C CB  . LYS A 1 77  ? -11.825 37.157  0.698   1.00 36.02 ? 77  LYS A CB  1 
ATOM   601  C CG  . LYS A 1 77  ? -11.172 37.723  -0.553  1.00 37.50 ? 77  LYS A CG  1 
ATOM   602  C CD  . LYS A 1 77  ? -9.666  37.478  -0.583  1.00 39.21 ? 77  LYS A CD  1 
ATOM   603  C CE  . LYS A 1 77  ? -8.943  38.169  0.552   1.00 39.04 ? 77  LYS A CE  1 
ATOM   604  N NZ  . LYS A 1 77  ? -7.466  38.087  0.364   1.00 39.72 ? 77  LYS A NZ  1 
ATOM   605  N N   . PHE A 1 78  ? -12.941 34.283  -0.097  1.00 30.47 ? 78  PHE A N   1 
ATOM   606  C CA  . PHE A 1 78  ? -12.837 33.130  -0.978  1.00 29.85 ? 78  PHE A CA  1 
ATOM   607  C C   . PHE A 1 78  ? -14.149 32.362  -1.037  1.00 28.98 ? 78  PHE A C   1 
ATOM   608  O O   . PHE A 1 78  ? -14.190 31.244  -1.543  1.00 28.13 ? 78  PHE A O   1 
ATOM   609  C CB  . PHE A 1 78  ? -11.735 32.186  -0.490  1.00 28.56 ? 78  PHE A CB  1 
ATOM   610  C CG  . PHE A 1 78  ? -10.404 32.855  -0.287  1.00 29.47 ? 78  PHE A CG  1 
ATOM   611  C CD1 . PHE A 1 78  ? -10.184 33.686  0.811   1.00 26.73 ? 78  PHE A CD1 1 
ATOM   612  C CD2 . PHE A 1 78  ? -9.367  32.652  -1.194  1.00 28.04 ? 78  PHE A CD2 1 
ATOM   613  C CE1 . PHE A 1 78  ? -8.948  34.306  1.004   1.00 28.55 ? 78  PHE A CE1 1 
ATOM   614  C CE2 . PHE A 1 78  ? -8.124  33.268  -1.011  1.00 29.84 ? 78  PHE A CE2 1 
ATOM   615  C CZ  . PHE A 1 78  ? -7.916  34.097  0.093   1.00 27.24 ? 78  PHE A CZ  1 
ATOM   616  N N   . ASN A 1 79  ? -15.216 32.974  -0.529  1.00 29.97 ? 79  ASN A N   1 
ATOM   617  C CA  . ASN A 1 79  ? -16.525 32.326  -0.486  1.00 32.52 ? 79  ASN A CA  1 
ATOM   618  C C   . ASN A 1 79  ? -16.428 31.008  0.281   1.00 33.10 ? 79  ASN A C   1 
ATOM   619  O O   . ASN A 1 79  ? -16.858 29.956  -0.197  1.00 34.01 ? 79  ASN A O   1 
ATOM   620  C CB  . ASN A 1 79  ? -17.062 32.081  -1.900  1.00 32.20 ? 79  ASN A CB  1 
ATOM   621  C CG  . ASN A 1 79  ? -17.720 33.313  -2.491  1.00 34.10 ? 79  ASN A CG  1 
ATOM   622  O OD1 . ASN A 1 79  ? -18.240 33.279  -3.606  1.00 36.49 ? 79  ASN A OD1 1 
ATOM   623  N ND2 . ASN A 1 79  ? -17.705 34.412  -1.741  1.00 33.13 ? 79  ASN A ND2 1 
ATOM   624  N N   . LEU A 1 80  ? -15.846 31.087  1.473   1.00 34.57 ? 80  LEU A N   1 
ATOM   625  C CA  . LEU A 1 80  ? -15.672 29.939  2.354   1.00 35.53 ? 80  LEU A CA  1 
ATOM   626  C C   . LEU A 1 80  ? -16.040 30.383  3.765   1.00 36.29 ? 80  LEU A C   1 
ATOM   627  O O   . LEU A 1 80  ? -15.512 31.378  4.260   1.00 36.85 ? 80  LEU A O   1 
ATOM   628  C CB  . LEU A 1 80  ? -14.213 29.474  2.330   1.00 37.63 ? 80  LEU A CB  1 
ATOM   629  C CG  . LEU A 1 80  ? -13.872 28.166  3.048   1.00 39.15 ? 80  LEU A CG  1 
ATOM   630  C CD1 . LEU A 1 80  ? -14.433 27.003  2.253   1.00 39.87 ? 80  LEU A CD1 1 
ATOM   631  C CD2 . LEU A 1 80  ? -12.361 28.026  3.187   1.00 41.97 ? 80  LEU A CD2 1 
ATOM   632  N N   . ASP A 1 81  ? -16.948 29.661  4.413   1.00 36.87 ? 81  ASP A N   1 
ATOM   633  C CA  . ASP A 1 81  ? -17.347 30.022  5.770   1.00 36.75 ? 81  ASP A CA  1 
ATOM   634  C C   . ASP A 1 81  ? -16.321 29.543  6.791   1.00 35.93 ? 81  ASP A C   1 
ATOM   635  O O   . ASP A 1 81  ? -15.604 28.568  6.559   1.00 34.87 ? 81  ASP A O   1 
ATOM   636  C CB  . ASP A 1 81  ? -18.741 29.456  6.100   1.00 38.37 ? 81  ASP A CB  1 
ATOM   637  C CG  . ASP A 1 81  ? -18.862 27.972  5.817   1.00 40.29 ? 81  ASP A CG  1 
ATOM   638  O OD1 . ASP A 1 81  ? -18.576 27.553  4.674   1.00 43.94 ? 81  ASP A OD1 1 
ATOM   639  O OD2 . ASP A 1 81  ? -19.257 27.220  6.735   1.00 40.81 ? 81  ASP A OD2 1 
ATOM   640  N N   . ALA A 1 82  ? -16.245 30.248  7.915   1.00 33.59 ? 82  ALA A N   1 
ATOM   641  C CA  . ALA A 1 82  ? -15.309 29.899  8.972   1.00 32.30 ? 82  ALA A CA  1 
ATOM   642  C C   . ALA A 1 82  ? -15.626 28.515  9.537   1.00 29.48 ? 82  ALA A C   1 
ATOM   643  O O   . ALA A 1 82  ? -14.728 27.802  9.977   1.00 29.92 ? 82  ALA A O   1 
ATOM   644  C CB  . ALA A 1 82  ? -15.357 30.947  10.078  1.00 32.28 ? 82  ALA A CB  1 
ATOM   645  N N   . THR A 1 83  ? -16.901 28.138  9.527   1.00 27.82 ? 83  THR A N   1 
ATOM   646  C CA  . THR A 1 83  ? -17.307 26.827  10.030  1.00 26.18 ? 83  THR A CA  1 
ATOM   647  C C   . THR A 1 83  ? -16.657 25.749  9.168   1.00 25.78 ? 83  THR A C   1 
ATOM   648  O O   . THR A 1 83  ? -16.043 24.814  9.685   1.00 23.80 ? 83  THR A O   1 
ATOM   649  C CB  . THR A 1 83  ? -18.840 26.639  9.972   1.00 24.84 ? 83  THR A CB  1 
ATOM   650  O OG1 . THR A 1 83  ? -19.483 27.626  10.792  1.00 26.18 ? 83  THR A OG1 1 
ATOM   651  C CG2 . THR A 1 83  ? -19.222 25.254  10.471  1.00 24.31 ? 83  THR A CG2 1 
ATOM   652  N N   . GLU A 1 84  ? -16.795 25.899  7.851   1.00 24.37 ? 84  GLU A N   1 
ATOM   653  C CA  . GLU A 1 84  ? -16.224 24.961  6.892   1.00 25.67 ? 84  GLU A CA  1 
ATOM   654  C C   . GLU A 1 84  ? -14.712 24.854  7.087   1.00 24.96 ? 84  GLU A C   1 
ATOM   655  O O   . GLU A 1 84  ? -14.145 23.765  7.018   1.00 24.84 ? 84  GLU A O   1 
ATOM   656  C CB  . GLU A 1 84  ? -16.548 25.427  5.468   1.00 26.87 ? 84  GLU A CB  1 
ATOM   657  C CG  . GLU A 1 84  ? -15.893 24.631  4.345   1.00 29.22 ? 84  GLU A CG  1 
ATOM   658  C CD  . GLU A 1 84  ? -16.209 23.149  4.393   1.00 30.85 ? 84  GLU A CD  1 
ATOM   659  O OE1 . GLU A 1 84  ? -17.285 22.785  4.907   1.00 32.56 ? 84  GLU A OE1 1 
ATOM   660  O OE2 . GLU A 1 84  ? -15.382 22.349  3.901   1.00 30.30 ? 84  GLU A OE2 1 
ATOM   661  N N   . LEU A 1 85  ? -14.069 25.992  7.331   1.00 24.66 ? 85  LEU A N   1 
ATOM   662  C CA  . LEU A 1 85  ? -12.629 26.027  7.549   1.00 25.59 ? 85  LEU A CA  1 
ATOM   663  C C   . LEU A 1 85  ? -12.296 25.260  8.835   1.00 23.42 ? 85  LEU A C   1 
ATOM   664  O O   . LEU A 1 85  ? -11.259 24.601  8.930   1.00 22.70 ? 85  LEU A O   1 
ATOM   665  C CB  . LEU A 1 85  ? -12.148 27.474  7.666   1.00 28.21 ? 85  LEU A CB  1 
ATOM   666  C CG  . LEU A 1 85  ? -10.663 27.709  7.381   1.00 33.60 ? 85  LEU A CG  1 
ATOM   667  C CD1 . LEU A 1 85  ? -10.338 27.230  5.966   1.00 35.21 ? 85  LEU A CD1 1 
ATOM   668  C CD2 . LEU A 1 85  ? -10.337 29.191  7.521   1.00 34.83 ? 85  LEU A CD2 1 
ATOM   669  N N   . SER A 1 86  ? -13.182 25.354  9.822   1.00 19.23 ? 86  SER A N   1 
ATOM   670  C CA  . SER A 1 86  ? -12.984 24.654  11.084  1.00 18.36 ? 86  SER A CA  1 
ATOM   671  C C   . SER A 1 86  ? -13.034 23.151  10.836  1.00 16.59 ? 86  SER A C   1 
ATOM   672  O O   . SER A 1 86  ? -12.215 22.396  11.363  1.00 14.77 ? 86  SER A O   1 
ATOM   673  C CB  . SER A 1 86  ? -14.068 25.042  12.090  1.00 15.77 ? 86  SER A CB  1 
ATOM   674  O OG  . SER A 1 86  ? -13.953 26.397  12.477  1.00 16.40 ? 86  SER A OG  1 
ATOM   675  N N   . ILE A 1 87  ? -14.009 22.737  10.026  1.00 15.96 ? 87  ILE A N   1 
ATOM   676  C CA  . ILE A 1 87  ? -14.202 21.340  9.666   1.00 13.65 ? 87  ILE A CA  1 
ATOM   677  C C   . ILE A 1 87  ? -13.003 20.812  8.878   1.00 14.71 ? 87  ILE A C   1 
ATOM   678  O O   . ILE A 1 87  ? -12.568 19.671  9.080   1.00 14.63 ? 87  ILE A O   1 
ATOM   679  C CB  . ILE A 1 87  ? -15.470 21.158  8.795   1.00 14.06 ? 87  ILE A CB  1 
ATOM   680  C CG1 . ILE A 1 87  ? -16.710 21.644  9.554   1.00 14.37 ? 87  ILE A CG1 1 
ATOM   681  C CG2 . ILE A 1 87  ? -15.598 19.709  8.368   1.00 11.30 ? 87  ILE A CG2 1 
ATOM   682  C CD1 . ILE A 1 87  ? -16.913 20.996  10.895  1.00 16.70 ? 87  ILE A CD1 1 
ATOM   683  N N   . ARG A 1 88  ? -12.476 21.634  7.972   1.00 14.08 ? 88  ARG A N   1 
ATOM   684  C CA  . ARG A 1 88  ? -11.329 21.219  7.174   1.00 16.15 ? 88  ARG A CA  1 
ATOM   685  C C   . ARG A 1 88  ? -10.105 21.017  8.058   1.00 17.26 ? 88  ARG A C   1 
ATOM   686  O O   . ARG A 1 88  ? -9.356  20.054  7.878   1.00 18.44 ? 88  ARG A O   1 
ATOM   687  C CB  . ARG A 1 88  ? -11.046 22.243  6.065   1.00 16.56 ? 88  ARG A CB  1 
ATOM   688  C CG  . ARG A 1 88  ? -12.194 22.334  5.049   1.00 17.23 ? 88  ARG A CG  1 
ATOM   689  C CD  . ARG A 1 88  ? -11.875 23.216  3.846   1.00 19.15 ? 88  ARG A CD  1 
ATOM   690  N NE  . ARG A 1 88  ? -13.043 23.342  2.975   1.00 20.18 ? 88  ARG A NE  1 
ATOM   691  C CZ  . ARG A 1 88  ? -13.018 23.825  1.737   1.00 21.89 ? 88  ARG A CZ  1 
ATOM   692  N NH1 . ARG A 1 88  ? -11.878 24.237  1.201   1.00 22.20 ? 88  ARG A NH1 1 
ATOM   693  N NH2 . ARG A 1 88  ? -14.140 23.885  1.027   1.00 22.78 ? 88  ARG A NH2 1 
ATOM   694  N N   . LYS A 1 89  ? -9.910  21.917  9.019   1.00 14.94 ? 89  LYS A N   1 
ATOM   695  C CA  . LYS A 1 89  ? -8.782  21.808  9.932   1.00 16.74 ? 89  LYS A CA  1 
ATOM   696  C C   . LYS A 1 89  ? -8.943  20.539  10.768  1.00 16.66 ? 89  LYS A C   1 
ATOM   697  O O   . LYS A 1 89  ? -7.959  19.892  11.131  1.00 15.42 ? 89  LYS A O   1 
ATOM   698  C CB  . LYS A 1 89  ? -8.728  23.035  10.845  1.00 16.45 ? 89  LYS A CB  1 
ATOM   699  C CG  . LYS A 1 89  ? -8.568  24.340  10.088  1.00 21.54 ? 89  LYS A CG  1 
ATOM   700  C CD  . LYS A 1 89  ? -8.860  25.563  10.954  1.00 23.09 ? 89  LYS A CD  1 
ATOM   701  C CE  . LYS A 1 89  ? -7.794  25.794  12.002  1.00 25.02 ? 89  LYS A CE  1 
ATOM   702  N NZ  . LYS A 1 89  ? -7.981  27.117  12.682  1.00 25.98 ? 89  LYS A NZ  1 
ATOM   703  N N   . ALA A 1 90  ? -10.198 20.186  11.050  1.00 16.07 ? 90  ALA A N   1 
ATOM   704  C CA  . ALA A 1 90  ? -10.519 19.000  11.843  1.00 15.07 ? 90  ALA A CA  1 
ATOM   705  C C   . ALA A 1 90  ? -10.147 17.721  11.102  1.00 14.61 ? 90  ALA A C   1 
ATOM   706  O O   . ALA A 1 90  ? -9.719  16.739  11.715  1.00 15.60 ? 90  ALA A O   1 
ATOM   707  C CB  . ALA A 1 90  ? -12.012 18.991  12.201  1.00 13.66 ? 90  ALA A CB  1 
ATOM   708  N N   . PHE A 1 91  ? -10.312 17.721  9.785   1.00 14.59 ? 91  PHE A N   1 
ATOM   709  C CA  . PHE A 1 91  ? -9.950  16.543  9.014   1.00 15.72 ? 91  PHE A CA  1 
ATOM   710  C C   . PHE A 1 91  ? -8.437  16.358  9.079   1.00 14.85 ? 91  PHE A C   1 
ATOM   711  O O   . PHE A 1 91  ? -7.945  15.237  9.125   1.00 14.14 ? 91  PHE A O   1 
ATOM   712  C CB  . PHE A 1 91  ? -10.394 16.673  7.556   1.00 16.21 ? 91  PHE A CB  1 
ATOM   713  C CG  . PHE A 1 91  ? -9.823  15.607  6.665   1.00 19.42 ? 91  PHE A CG  1 
ATOM   714  C CD1 . PHE A 1 91  ? -10.229 14.280  6.799   1.00 21.45 ? 91  PHE A CD1 1 
ATOM   715  C CD2 . PHE A 1 91  ? -8.833  15.916  5.735   1.00 18.75 ? 91  PHE A CD2 1 
ATOM   716  C CE1 . PHE A 1 91  ? -9.654  13.275  6.022   1.00 20.43 ? 91  PHE A CE1 1 
ATOM   717  C CE2 . PHE A 1 91  ? -8.253  14.917  4.952   1.00 18.03 ? 91  PHE A CE2 1 
ATOM   718  C CZ  . PHE A 1 91  ? -8.663  13.595  5.096   1.00 19.53 ? 91  PHE A CZ  1 
ATOM   719  N N   . ILE A 1 92  ? -7.698  17.462  9.078   1.00 16.30 ? 92  ILE A N   1 
ATOM   720  C CA  . ILE A 1 92  ? -6.240  17.392  9.156   1.00 16.93 ? 92  ILE A CA  1 
ATOM   721  C C   . ILE A 1 92  ? -5.850  16.819  10.517  1.00 15.07 ? 92  ILE A C   1 
ATOM   722  O O   . ILE A 1 92  ? -5.037  15.904  10.612  1.00 15.31 ? 92  ILE A O   1 
ATOM   723  C CB  . ILE A 1 92  ? -5.589  18.791  9.007   1.00 17.88 ? 92  ILE A CB  1 
ATOM   724  C CG1 . ILE A 1 92  ? -5.980  19.416  7.662   1.00 20.46 ? 92  ILE A CG1 1 
ATOM   725  C CG2 . ILE A 1 92  ? -4.074  18.680  9.152   1.00 16.95 ? 92  ILE A CG2 1 
ATOM   726  C CD1 . ILE A 1 92  ? -5.723  18.534  6.464   1.00 21.75 ? 92  ILE A CD1 1 
ATOM   727  N N   . THR A 1 93  ? -6.456  17.356  11.570  1.00 15.31 ? 93  THR A N   1 
ATOM   728  C CA  . THR A 1 93  ? -6.181  16.907  12.927  1.00 15.51 ? 93  THR A CA  1 
ATOM   729  C C   . THR A 1 93  ? -6.469  15.420  13.106  1.00 14.92 ? 93  THR A C   1 
ATOM   730  O O   . THR A 1 93  ? -5.624  14.669  13.602  1.00 15.85 ? 93  THR A O   1 
ATOM   731  C CB  . THR A 1 93  ? -7.011  17.717  13.949  1.00 14.18 ? 93  THR A CB  1 
ATOM   732  O OG1 . THR A 1 93  ? -6.648  19.097  13.864  1.00 16.89 ? 93  THR A OG1 1 
ATOM   733  C CG2 . THR A 1 93  ? -6.747  17.222  15.368  1.00 17.31 ? 93  THR A CG2 1 
ATOM   734  N N   . SER A 1 94  ? -7.661  14.992  12.710  1.00 15.64 ? 94  SER A N   1 
ATOM   735  C CA  . SER A 1 94  ? -8.035  13.584  12.826  1.00 16.48 ? 94  SER A CA  1 
ATOM   736  C C   . SER A 1 94  ? -7.067  12.686  12.055  1.00 16.73 ? 94  SER A C   1 
ATOM   737  O O   . SER A 1 94  ? -6.655  11.632  12.547  1.00 16.87 ? 94  SER A O   1 
ATOM   738  C CB  . SER A 1 94  ? -9.457  13.372  12.301  1.00 16.54 ? 94  SER A CB  1 
ATOM   739  O OG  . SER A 1 94  ? -10.387 14.115  13.064  1.00 19.40 ? 94  SER A OG  1 
ATOM   740  N N   . THR A 1 95  ? -6.707  13.102  10.842  1.00 16.08 ? 95  THR A N   1 
ATOM   741  C CA  . THR A 1 95  ? -5.789  12.312  10.029  1.00 14.68 ? 95  THR A CA  1 
ATOM   742  C C   . THR A 1 95  ? -4.397  12.259  10.650  1.00 15.33 ? 95  THR A C   1 
ATOM   743  O O   . THR A 1 95  ? -3.771  11.199  10.691  1.00 13.29 ? 95  THR A O   1 
ATOM   744  C CB  . THR A 1 95  ? -5.669  12.880  8.601   1.00 13.32 ? 95  THR A CB  1 
ATOM   745  O OG1 . THR A 1 95  ? -6.961  12.895  7.987   1.00 14.02 ? 95  THR A OG1 1 
ATOM   746  C CG2 . THR A 1 95  ? -4.727  12.017  7.758   1.00 12.48 ? 95  THR A CG2 1 
ATOM   747  N N   . ARG A 1 96  ? -3.913  13.401  11.133  1.00 16.41 ? 96  ARG A N   1 
ATOM   748  C CA  . ARG A 1 96  ? -2.587  13.444  11.730  1.00 17.01 ? 96  ARG A CA  1 
ATOM   749  C C   . ARG A 1 96  ? -2.521  12.528  12.949  1.00 17.10 ? 96  ARG A C   1 
ATOM   750  O O   . ARG A 1 96  ? -1.494  11.903  13.195  1.00 17.76 ? 96  ARG A O   1 
ATOM   751  C CB  . ARG A 1 96  ? -2.204  14.880  12.101  1.00 19.54 ? 96  ARG A CB  1 
ATOM   752  C CG  . ARG A 1 96  ? -0.730  15.036  12.499  1.00 24.21 ? 96  ARG A CG  1 
ATOM   753  C CD  . ARG A 1 96  ? -0.279  16.496  12.513  1.00 26.45 ? 96  ARG A CD  1 
ATOM   754  N NE  . ARG A 1 96  ? -0.177  17.074  11.170  1.00 28.04 ? 96  ARG A NE  1 
ATOM   755  C CZ  . ARG A 1 96  ? -0.867  18.135  10.759  1.00 25.83 ? 96  ARG A CZ  1 
ATOM   756  N NH1 . ARG A 1 96  ? -1.710  18.726  11.587  1.00 26.65 ? 96  ARG A NH1 1 
ATOM   757  N NH2 . ARG A 1 96  ? -0.708  18.610  9.531   1.00 26.15 ? 96  ARG A NH2 1 
ATOM   758  N N   . GLN A 1 97  ? -3.625  12.432  13.689  1.00 15.62 ? 97  GLN A N   1 
ATOM   759  C CA  . GLN A 1 97  ? -3.695  11.569  14.868  1.00 18.85 ? 97  GLN A CA  1 
ATOM   760  C C   . GLN A 1 97  ? -3.528  10.094  14.470  1.00 18.22 ? 97  GLN A C   1 
ATOM   761  O O   . GLN A 1 97  ? -2.791  9.338   15.115  1.00 16.83 ? 97  GLN A O   1 
ATOM   762  C CB  . GLN A 1 97  ? -5.040  11.759  15.582  1.00 21.40 ? 97  GLN A CB  1 
ATOM   763  C CG  . GLN A 1 97  ? -5.174  11.001  16.899  1.00 24.00 ? 97  GLN A CG  1 
ATOM   764  C CD  . GLN A 1 97  ? -4.129  11.415  17.920  1.00 28.01 ? 97  GLN A CD  1 
ATOM   765  O OE1 . GLN A 1 97  ? -4.009  12.594  18.261  1.00 28.91 ? 97  GLN A OE1 1 
ATOM   766  N NE2 . GLN A 1 97  ? -3.363  10.443  18.415  1.00 28.88 ? 97  GLN A NE2 1 
ATOM   767  N N   . ILE A 1 98  ? -4.217  9.689   13.407  1.00 15.66 ? 98  ILE A N   1 
ATOM   768  C CA  . ILE A 1 98  ? -4.128  8.314   12.928  1.00 15.35 ? 98  ILE A CA  1 
ATOM   769  C C   . ILE A 1 98  ? -2.682  8.007   12.546  1.00 16.82 ? 98  ILE A C   1 
ATOM   770  O O   . ILE A 1 98  ? -2.144  6.945   12.882  1.00 15.23 ? 98  ILE A O   1 
ATOM   771  C CB  . ILE A 1 98  ? -5.046  8.097   11.696  1.00 14.12 ? 98  ILE A CB  1 
ATOM   772  C CG1 . ILE A 1 98  ? -6.511  8.137   12.141  1.00 14.41 ? 98  ILE A CG1 1 
ATOM   773  C CG2 . ILE A 1 98  ? -4.697  6.783   11.000  1.00 11.17 ? 98  ILE A CG2 1 
ATOM   774  C CD1 . ILE A 1 98  ? -7.509  7.983   11.016  1.00 16.16 ? 98  ILE A CD1 1 
ATOM   775  N N   . VAL A 1 99  ? -2.058  8.949   11.846  1.00 17.12 ? 99  VAL A N   1 
ATOM   776  C CA  . VAL A 1 99  ? -0.676  8.799   11.423  1.00 17.96 ? 99  VAL A CA  1 
ATOM   777  C C   . VAL A 1 99  ? 0.241   8.722   12.633  1.00 21.06 ? 99  VAL A C   1 
ATOM   778  O O   . VAL A 1 99  ? 1.095   7.837   12.714  1.00 20.25 ? 99  VAL A O   1 
ATOM   779  C CB  . VAL A 1 99  ? -0.223  9.976   10.536  1.00 17.60 ? 99  VAL A CB  1 
ATOM   780  C CG1 . VAL A 1 99  ? 1.277   9.873   10.251  1.00 16.78 ? 99  VAL A CG1 1 
ATOM   781  C CG2 . VAL A 1 99  ? -1.009  9.967   9.230   1.00 18.17 ? 99  VAL A CG2 1 
ATOM   782  N N   . ARG A 1 100 ? 0.064   9.656   13.566  1.00 21.25 ? 100 ARG A N   1 
ATOM   783  C CA  . ARG A 1 100 ? 0.881   9.690   14.770  1.00 22.47 ? 100 ARG A CA  1 
ATOM   784  C C   . ARG A 1 100 ? 0.854   8.367   15.523  1.00 21.98 ? 100 ARG A C   1 
ATOM   785  O O   . ARG A 1 100 ? 1.897   7.849   15.915  1.00 22.02 ? 100 ARG A O   1 
ATOM   786  C CB  . ARG A 1 100 ? 0.415   10.801  15.715  1.00 26.08 ? 100 ARG A CB  1 
ATOM   787  C CG  . ARG A 1 100 ? 0.865   10.570  17.157  1.00 32.54 ? 100 ARG A CG  1 
ATOM   788  C CD  . ARG A 1 100 ? 0.445   11.675  18.103  1.00 37.59 ? 100 ARG A CD  1 
ATOM   789  N NE  . ARG A 1 100 ? 0.632   11.269  19.494  1.00 42.59 ? 100 ARG A NE  1 
ATOM   790  C CZ  . ARG A 1 100 ? 0.520   12.084  20.539  1.00 44.77 ? 100 ARG A CZ  1 
ATOM   791  N NH1 . ARG A 1 100 ? 0.221   13.367  20.360  1.00 45.47 ? 100 ARG A NH1 1 
ATOM   792  N NH2 . ARG A 1 100 ? 0.697   11.612  21.768  1.00 46.27 ? 100 ARG A NH2 1 
ATOM   793  N N   . ASP A 1 101 ? -0.340  7.826   15.734  1.00 20.84 ? 101 ASP A N   1 
ATOM   794  C CA  . ASP A 1 101 ? -0.464  6.571   16.461  1.00 20.66 ? 101 ASP A CA  1 
ATOM   795  C C   . ASP A 1 101 ? 0.309   5.455   15.783  1.00 20.40 ? 101 ASP A C   1 
ATOM   796  O O   . ASP A 1 101 ? 0.920   4.628   16.459  1.00 18.17 ? 101 ASP A O   1 
ATOM   797  C CB  . ASP A 1 101 ? -1.934  6.180   16.619  1.00 21.72 ? 101 ASP A CB  1 
ATOM   798  C CG  . ASP A 1 101 ? -2.707  7.170   17.467  1.00 22.80 ? 101 ASP A CG  1 
ATOM   799  O OD1 . ASP A 1 101 ? -2.075  7.843   18.306  1.00 23.06 ? 101 ASP A OD1 1 
ATOM   800  O OD2 . ASP A 1 101 ? -3.940  7.272   17.305  1.00 25.89 ? 101 ASP A OD2 1 
ATOM   801  N N   . MET A 1 102 ? 0.286   5.429   14.452  1.00 18.55 ? 102 MET A N   1 
ATOM   802  C CA  . MET A 1 102 ? 1.014   4.406   13.719  1.00 18.33 ? 102 MET A CA  1 
ATOM   803  C C   . MET A 1 102 ? 2.524   4.603   13.860  1.00 18.35 ? 102 MET A C   1 
ATOM   804  O O   . MET A 1 102 ? 3.256   3.644   14.101  1.00 16.94 ? 102 MET A O   1 
ATOM   805  C CB  . MET A 1 102 ? 0.616   4.415   12.240  1.00 20.31 ? 102 MET A CB  1 
ATOM   806  C CG  . MET A 1 102 ? -0.718  3.742   11.959  1.00 20.30 ? 102 MET A CG  1 
ATOM   807  S SD  . MET A 1 102 ? -1.143  3.709   10.208  1.00 22.16 ? 102 MET A SD  1 
ATOM   808  C CE  . MET A 1 102 ? 0.107   2.714   9.565   1.00 27.36 ? 102 MET A CE  1 
ATOM   809  N N   . LYS A 1 103 ? 2.987   5.844   13.726  1.00 18.17 ? 103 LYS A N   1 
ATOM   810  C CA  . LYS A 1 103 ? 4.418   6.135   13.843  1.00 19.62 ? 103 LYS A CA  1 
ATOM   811  C C   . LYS A 1 103 ? 4.921   5.861   15.258  1.00 20.06 ? 103 LYS A C   1 
ATOM   812  O O   . LYS A 1 103 ? 6.039   5.374   15.441  1.00 21.40 ? 103 LYS A O   1 
ATOM   813  C CB  . LYS A 1 103 ? 4.708   7.592   13.472  1.00 19.21 ? 103 LYS A CB  1 
ATOM   814  C CG  . LYS A 1 103 ? 4.294   7.973   12.055  1.00 19.40 ? 103 LYS A CG  1 
ATOM   815  C CD  . LYS A 1 103 ? 4.541   9.452   11.762  1.00 20.39 ? 103 LYS A CD  1 
ATOM   816  C CE  . LYS A 1 103 ? 6.022   9.775   11.649  1.00 20.58 ? 103 LYS A CE  1 
ATOM   817  N NZ  . LYS A 1 103 ? 6.253   11.161  11.177  1.00 21.65 ? 103 LYS A NZ  1 
ATOM   818  N N   . ASP A 1 104 ? 4.095   6.183   16.252  1.00 20.46 ? 104 ASP A N   1 
ATOM   819  C CA  . ASP A 1 104 ? 4.453   5.958   17.650  1.00 20.87 ? 104 ASP A CA  1 
ATOM   820  C C   . ASP A 1 104 ? 4.671   4.476   17.921  1.00 20.71 ? 104 ASP A C   1 
ATOM   821  O O   . ASP A 1 104 ? 5.675   4.089   18.518  1.00 21.06 ? 104 ASP A O   1 
ATOM   822  C CB  . ASP A 1 104 ? 3.358   6.478   18.584  1.00 20.92 ? 104 ASP A CB  1 
ATOM   823  C CG  . ASP A 1 104 ? 3.343   7.989   18.680  1.00 22.79 ? 104 ASP A CG  1 
ATOM   824  O OD1 . ASP A 1 104 ? 4.242   8.633   18.093  1.00 20.71 ? 104 ASP A OD1 1 
ATOM   825  O OD2 . ASP A 1 104 ? 2.433   8.530   19.348  1.00 23.84 ? 104 ASP A OD2 1 
ATOM   826  N N   . GLN A 1 105 ? 3.726   3.647   17.491  1.00 19.67 ? 105 GLN A N   1 
ATOM   827  C CA  . GLN A 1 105 ? 3.865   2.214   17.706  1.00 21.17 ? 105 GLN A CA  1 
ATOM   828  C C   . GLN A 1 105 ? 5.094   1.670   16.964  1.00 20.69 ? 105 GLN A C   1 
ATOM   829  O O   . GLN A 1 105 ? 5.841   0.858   17.503  1.00 20.05 ? 105 GLN A O   1 
ATOM   830  C CB  . GLN A 1 105 ? 2.606   1.477   17.257  1.00 21.14 ? 105 GLN A CB  1 
ATOM   831  C CG  . GLN A 1 105 ? 2.706   -0.035  17.424  1.00 25.58 ? 105 GLN A CG  1 
ATOM   832  C CD  . GLN A 1 105 ? 2.992   -0.452  18.855  1.00 25.00 ? 105 GLN A CD  1 
ATOM   833  O OE1 . GLN A 1 105 ? 2.168   -0.257  19.745  1.00 28.73 ? 105 GLN A OE1 1 
ATOM   834  N NE2 . GLN A 1 105 ? 4.169   -1.027  19.083  1.00 26.78 ? 105 GLN A NE2 1 
ATOM   835  N N   . MET A 1 106 ? 5.312   2.121   15.734  1.00 20.28 ? 106 MET A N   1 
ATOM   836  C CA  . MET A 1 106 ? 6.470   1.658   14.981  1.00 22.80 ? 106 MET A CA  1 
ATOM   837  C C   . MET A 1 106 ? 7.762   2.036   15.711  1.00 24.15 ? 106 MET A C   1 
ATOM   838  O O   . MET A 1 106 ? 8.735   1.283   15.712  1.00 22.94 ? 106 MET A O   1 
ATOM   839  C CB  . MET A 1 106 ? 6.468   2.257   13.573  1.00 23.28 ? 106 MET A CB  1 
ATOM   840  C CG  . MET A 1 106 ? 5.422   1.649   12.641  1.00 23.95 ? 106 MET A CG  1 
ATOM   841  S SD  . MET A 1 106 ? 5.452   2.394   10.992  1.00 22.37 ? 106 MET A SD  1 
ATOM   842  C CE  . MET A 1 106 ? 6.841   1.503   10.239  1.00 23.27 ? 106 MET A CE  1 
ATOM   843  N N   . SER A 1 107 ? 7.760   3.204   16.343  1.00 25.16 ? 107 SER A N   1 
ATOM   844  C CA  . SER A 1 107 ? 8.925   3.664   17.079  1.00 27.73 ? 107 SER A CA  1 
ATOM   845  C C   . SER A 1 107 ? 9.068   2.891   18.390  1.00 28.26 ? 107 SER A C   1 
ATOM   846  O O   . SER A 1 107 ? 10.178  2.654   18.867  1.00 29.67 ? 107 SER A O   1 
ATOM   847  C CB  . SER A 1 107 ? 8.797   5.159   17.373  1.00 28.54 ? 107 SER A CB  1 
ATOM   848  O OG  . SER A 1 107 ? 9.874   5.605   18.177  1.00 31.67 ? 107 SER A OG  1 
ATOM   849  N N   . ALA A 1 108 ? 7.937   2.496   18.959  1.00 28.68 ? 108 ALA A N   1 
ATOM   850  C CA  . ALA A 1 108 ? 7.920   1.767   20.219  1.00 29.89 ? 108 ALA A CA  1 
ATOM   851  C C   . ALA A 1 108 ? 8.320   0.306   20.043  1.00 31.75 ? 108 ALA A C   1 
ATOM   852  O O   . ALA A 1 108 ? 8.606   -0.390  21.021  1.00 31.56 ? 108 ALA A O   1 
ATOM   853  C CB  . ALA A 1 108 ? 6.535   1.856   20.848  1.00 26.90 ? 108 ALA A CB  1 
ATOM   854  N N   . SER A 1 109 ? 8.341   -0.156  18.796  1.00 33.27 ? 109 SER A N   1 
ATOM   855  C CA  . SER A 1 109 ? 8.712   -1.535  18.499  1.00 34.30 ? 109 SER A CA  1 
ATOM   856  C C   . SER A 1 109 ? 10.169  -1.627  18.066  1.00 35.00 ? 109 SER A C   1 
ATOM   857  O O   . SER A 1 109 ? 10.817  -0.565  17.933  1.00 34.92 ? 109 SER A O   1 
ATOM   858  C CB  . SER A 1 109 ? 7.817   -2.105  17.394  1.00 34.60 ? 109 SER A CB  1 
ATOM   859  O OG  . SER A 1 109 ? 6.468   -2.187  17.820  1.00 37.12 ? 109 SER A OG  1 
ATOM   860  N N   . MET B 1 3   ? 24.818  -1.228  -16.486 1.00 36.41 ? 3   MET B N   1 
ATOM   861  C CA  . MET B 1 3   ? 23.624  -2.016  -16.912 1.00 37.70 ? 3   MET B CA  1 
ATOM   862  C C   . MET B 1 3   ? 23.685  -3.414  -16.308 1.00 36.64 ? 3   MET B C   1 
ATOM   863  O O   . MET B 1 3   ? 24.433  -4.275  -16.767 1.00 36.39 ? 3   MET B O   1 
ATOM   864  C CB  . MET B 1 3   ? 23.565  -2.097  -18.440 1.00 39.21 ? 3   MET B CB  1 
ATOM   865  C CG  . MET B 1 3   ? 23.616  -0.737  -19.121 1.00 41.24 ? 3   MET B CG  1 
ATOM   866  S SD  . MET B 1 3   ? 23.252  -0.790  -20.887 1.00 44.85 ? 3   MET B SD  1 
ATOM   867  C CE  . MET B 1 3   ? 21.639  0.034   -20.907 1.00 45.31 ? 3   MET B CE  1 
ATOM   868  N N   . GLU B 1 4   ? 22.882  -3.626  -15.273 1.00 35.74 ? 4   GLU B N   1 
ATOM   869  C CA  . GLU B 1 4   ? 22.839  -4.900  -14.565 1.00 33.94 ? 4   GLU B CA  1 
ATOM   870  C C   . GLU B 1 4   ? 21.781  -5.839  -15.127 1.00 30.28 ? 4   GLU B C   1 
ATOM   871  O O   . GLU B 1 4   ? 21.081  -5.510  -16.084 1.00 31.22 ? 4   GLU B O   1 
ATOM   872  C CB  . GLU B 1 4   ? 22.544  -4.644  -13.091 1.00 36.28 ? 4   GLU B CB  1 
ATOM   873  C CG  . GLU B 1 4   ? 23.279  -3.437  -12.526 1.00 41.88 ? 4   GLU B CG  1 
ATOM   874  C CD  . GLU B 1 4   ? 22.786  -3.042  -11.146 1.00 44.98 ? 4   GLU B CD  1 
ATOM   875  O OE1 . GLU B 1 4   ? 21.562  -2.817  -10.995 1.00 45.94 ? 4   GLU B OE1 1 
ATOM   876  O OE2 . GLU B 1 4   ? 23.622  -2.953  -10.219 1.00 45.46 ? 4   GLU B OE2 1 
ATOM   877  N N   . ASP B 1 5   ? 21.668  -7.010  -14.511 1.00 27.30 ? 5   ASP B N   1 
ATOM   878  C CA  . ASP B 1 5   ? 20.685  -8.011  -14.920 1.00 24.64 ? 5   ASP B CA  1 
ATOM   879  C C   . ASP B 1 5   ? 19.283  -7.514  -14.551 1.00 22.86 ? 5   ASP B C   1 
ATOM   880  O O   . ASP B 1 5   ? 18.991  -7.275  -13.382 1.00 23.07 ? 5   ASP B O   1 
ATOM   881  C CB  . ASP B 1 5   ? 20.965  -9.342  -14.213 1.00 20.84 ? 5   ASP B CB  1 
ATOM   882  C CG  . ASP B 1 5   ? 20.120  -10.483 -14.756 1.00 19.86 ? 5   ASP B CG  1 
ATOM   883  O OD1 . ASP B 1 5   ? 18.932  -10.252 -15.069 1.00 15.61 ? 5   ASP B OD1 1 
ATOM   884  O OD2 . ASP B 1 5   ? 20.642  -11.613 -14.858 1.00 16.76 ? 5   ASP B OD2 1 
ATOM   885  N N   . PRO B 1 6   ? 18.396  -7.358  -15.549 1.00 23.12 ? 6   PRO B N   1 
ATOM   886  C CA  . PRO B 1 6   ? 17.017  -6.890  -15.353 1.00 21.32 ? 6   PRO B CA  1 
ATOM   887  C C   . PRO B 1 6   ? 16.226  -7.698  -14.325 1.00 20.80 ? 6   PRO B C   1 
ATOM   888  O O   . PRO B 1 6   ? 15.297  -7.182  -13.707 1.00 19.99 ? 6   PRO B O   1 
ATOM   889  C CB  . PRO B 1 6   ? 16.410  -7.013  -16.745 1.00 21.61 ? 6   PRO B CB  1 
ATOM   890  C CG  . PRO B 1 6   ? 17.587  -6.799  -17.642 1.00 23.96 ? 6   PRO B CG  1 
ATOM   891  C CD  . PRO B 1 6   ? 18.659  -7.612  -16.977 1.00 21.41 ? 6   PRO B CD  1 
ATOM   892  N N   . PHE B 1 7   ? 16.590  -8.964  -14.151 1.00 19.39 ? 7   PHE B N   1 
ATOM   893  C CA  . PHE B 1 7   ? 15.899  -9.834  -13.205 1.00 19.18 ? 7   PHE B CA  1 
ATOM   894  C C   . PHE B 1 7   ? 15.716  -9.191  -11.831 1.00 19.00 ? 7   PHE B C   1 
ATOM   895  O O   . PHE B 1 7   ? 14.608  -9.151  -11.297 1.00 16.42 ? 7   PHE B O   1 
ATOM   896  C CB  . PHE B 1 7   ? 16.656  -11.156 -13.029 1.00 16.72 ? 7   PHE B CB  1 
ATOM   897  C CG  . PHE B 1 7   ? 16.072  -12.039 -11.963 1.00 18.23 ? 7   PHE B CG  1 
ATOM   898  C CD1 . PHE B 1 7   ? 14.896  -12.749 -12.196 1.00 19.34 ? 7   PHE B CD1 1 
ATOM   899  C CD2 . PHE B 1 7   ? 16.652  -12.100 -10.697 1.00 20.14 ? 7   PHE B CD2 1 
ATOM   900  C CE1 . PHE B 1 7   ? 14.303  -13.499 -11.188 1.00 16.50 ? 7   PHE B CE1 1 
ATOM   901  C CE2 . PHE B 1 7   ? 16.066  -12.848 -9.679  1.00 18.68 ? 7   PHE B CE2 1 
ATOM   902  C CZ  . PHE B 1 7   ? 14.887  -13.548 -9.927  1.00 17.45 ? 7   PHE B CZ  1 
ATOM   903  N N   . PHE B 1 8   ? 16.813  -8.697  -11.264 1.00 18.56 ? 8   PHE B N   1 
ATOM   904  C CA  . PHE B 1 8   ? 16.783  -8.080  -9.948  1.00 19.74 ? 8   PHE B CA  1 
ATOM   905  C C   . PHE B 1 8   ? 15.903  -6.848  -9.894  1.00 20.81 ? 8   PHE B C   1 
ATOM   906  O O   . PHE B 1 8   ? 15.237  -6.608  -8.890  1.00 21.97 ? 8   PHE B O   1 
ATOM   907  C CB  . PHE B 1 8   ? 18.206  -7.736  -9.510  1.00 20.64 ? 8   PHE B CB  1 
ATOM   908  C CG  . PHE B 1 8   ? 19.125  -8.920  -9.504  1.00 23.08 ? 8   PHE B CG  1 
ATOM   909  C CD1 . PHE B 1 8   ? 20.340  -8.878  -10.172 1.00 24.93 ? 8   PHE B CD1 1 
ATOM   910  C CD2 . PHE B 1 8   ? 18.758  -10.092 -8.849  1.00 24.34 ? 8   PHE B CD2 1 
ATOM   911  C CE1 . PHE B 1 8   ? 21.180  -9.988  -10.194 1.00 24.94 ? 8   PHE B CE1 1 
ATOM   912  C CE2 . PHE B 1 8   ? 19.590  -11.209 -8.863  1.00 23.73 ? 8   PHE B CE2 1 
ATOM   913  C CZ  . PHE B 1 8   ? 20.801  -11.156 -9.538  1.00 25.90 ? 8   PHE B CZ  1 
ATOM   914  N N   . VAL B 1 9   ? 15.904  -6.057  -10.962 1.00 21.49 ? 9   VAL B N   1 
ATOM   915  C CA  . VAL B 1 9   ? 15.069  -4.868  -10.988 1.00 21.00 ? 9   VAL B CA  1 
ATOM   916  C C   . VAL B 1 9   ? 13.619  -5.320  -10.846 1.00 19.62 ? 9   VAL B C   1 
ATOM   917  O O   . VAL B 1 9   ? 12.923  -4.928  -9.908  1.00 18.06 ? 9   VAL B O   1 
ATOM   918  C CB  . VAL B 1 9   ? 15.221  -4.092  -12.312 1.00 23.86 ? 9   VAL B CB  1 
ATOM   919  C CG1 . VAL B 1 9   ? 14.338  -2.852  -12.295 1.00 24.13 ? 9   VAL B CG1 1 
ATOM   920  C CG2 . VAL B 1 9   ? 16.678  -3.708  -12.526 1.00 27.34 ? 9   VAL B CG2 1 
ATOM   921  N N   . VAL B 1 10  ? 13.173  -6.164  -11.772 1.00 17.11 ? 10  VAL B N   1 
ATOM   922  C CA  . VAL B 1 10  ? 11.801  -6.653  -11.743 1.00 16.91 ? 10  VAL B CA  1 
ATOM   923  C C   . VAL B 1 10  ? 11.505  -7.429  -10.459 1.00 16.47 ? 10  VAL B C   1 
ATOM   924  O O   . VAL B 1 10  ? 10.376  -7.409  -9.962  1.00 15.54 ? 10  VAL B O   1 
ATOM   925  C CB  . VAL B 1 10  ? 11.505  -7.553  -12.962 1.00 17.22 ? 10  VAL B CB  1 
ATOM   926  C CG1 . VAL B 1 10  ? 10.032  -7.969  -12.952 1.00 15.36 ? 10  VAL B CG1 1 
ATOM   927  C CG2 . VAL B 1 10  ? 11.852  -6.810  -14.251 1.00 14.50 ? 10  VAL B CG2 1 
ATOM   928  N N   . LYS B 1 11  ? 12.510  -8.116  -9.926  1.00 17.36 ? 11  LYS B N   1 
ATOM   929  C CA  . LYS B 1 11  ? 12.313  -8.865  -8.692  1.00 16.97 ? 11  LYS B CA  1 
ATOM   930  C C   . LYS B 1 11  ? 11.944  -7.867  -7.597  1.00 16.85 ? 11  LYS B C   1 
ATOM   931  O O   . LYS B 1 11  ? 11.022  -8.098  -6.816  1.00 14.63 ? 11  LYS B O   1 
ATOM   932  C CB  . LYS B 1 11  ? 13.584  -9.618  -8.295  1.00 17.82 ? 11  LYS B CB  1 
ATOM   933  C CG  . LYS B 1 11  ? 13.419  -10.408 -7.004  1.00 19.29 ? 11  LYS B CG  1 
ATOM   934  C CD  . LYS B 1 11  ? 14.672  -11.165 -6.617  1.00 19.14 ? 11  LYS B CD  1 
ATOM   935  C CE  . LYS B 1 11  ? 14.445  -11.941 -5.325  1.00 21.63 ? 11  LYS B CE  1 
ATOM   936  N NZ  . LYS B 1 11  ? 15.644  -12.712 -4.893  1.00 23.91 ? 11  LYS B NZ  1 
ATOM   937  N N   . GLY B 1 12  ? 12.670  -6.753  -7.561  1.00 16.70 ? 12  GLY B N   1 
ATOM   938  C CA  . GLY B 1 12  ? 12.409  -5.719  -6.574  1.00 18.23 ? 12  GLY B CA  1 
ATOM   939  C C   . GLY B 1 12  ? 10.997  -5.184  -6.702  1.00 19.66 ? 12  GLY B C   1 
ATOM   940  O O   . GLY B 1 12  ? 10.336  -4.918  -5.694  1.00 20.54 ? 12  GLY B O   1 
ATOM   941  N N   . GLU B 1 13  ? 10.538  -5.026  -7.942  1.00 17.87 ? 13  GLU B N   1 
ATOM   942  C CA  . GLU B 1 13  ? 9.190   -4.537  -8.218  1.00 20.26 ? 13  GLU B CA  1 
ATOM   943  C C   . GLU B 1 13  ? 8.168   -5.531  -7.677  1.00 18.95 ? 13  GLU B C   1 
ATOM   944  O O   . GLU B 1 13  ? 7.159   -5.150  -7.090  1.00 19.69 ? 13  GLU B O   1 
ATOM   945  C CB  . GLU B 1 13  ? 8.965   -4.387  -9.727  1.00 23.66 ? 13  GLU B CB  1 
ATOM   946  C CG  . GLU B 1 13  ? 9.939   -3.471  -10.465 1.00 29.11 ? 13  GLU B CG  1 
ATOM   947  C CD  . GLU B 1 13  ? 9.879   -2.032  -9.990  1.00 33.65 ? 13  GLU B CD  1 
ATOM   948  O OE1 . GLU B 1 13  ? 8.760   -1.505  -9.813  1.00 35.40 ? 13  GLU B OE1 1 
ATOM   949  O OE2 . GLU B 1 13  ? 10.956  -1.422  -9.807  1.00 37.88 ? 13  GLU B OE2 1 
ATOM   950  N N   . VAL B 1 14  ? 8.438   -6.812  -7.899  1.00 17.88 ? 14  VAL B N   1 
ATOM   951  C CA  . VAL B 1 14  ? 7.561   -7.882  -7.450  1.00 16.60 ? 14  VAL B CA  1 
ATOM   952  C C   . VAL B 1 14  ? 7.452   -7.918  -5.925  1.00 17.75 ? 14  VAL B C   1 
ATOM   953  O O   . VAL B 1 14  ? 6.348   -7.967  -5.380  1.00 15.96 ? 14  VAL B O   1 
ATOM   954  C CB  . VAL B 1 14  ? 8.061   -9.252  -7.968  1.00 14.24 ? 14  VAL B CB  1 
ATOM   955  C CG1 . VAL B 1 14  ? 7.249   -10.381 -7.343  1.00 14.94 ? 14  VAL B CG1 1 
ATOM   956  C CG2 . VAL B 1 14  ? 7.949   -9.297  -9.493  1.00 11.31 ? 14  VAL B CG2 1 
ATOM   957  N N   . GLN B 1 15  ? 8.600   -7.895  -5.247  1.00 19.49 ? 15  GLN B N   1 
ATOM   958  C CA  . GLN B 1 15  ? 8.634   -7.918  -3.787  1.00 20.93 ? 15  GLN B CA  1 
ATOM   959  C C   . GLN B 1 15  ? 7.822   -6.759  -3.221  1.00 20.13 ? 15  GLN B C   1 
ATOM   960  O O   . GLN B 1 15  ? 7.065   -6.922  -2.264  1.00 20.51 ? 15  GLN B O   1 
ATOM   961  C CB  . GLN B 1 15  ? 10.081  -7.838  -3.292  1.00 22.89 ? 15  GLN B CB  1 
ATOM   962  C CG  . GLN B 1 15  ? 10.928  -9.040  -3.683  1.00 25.00 ? 15  GLN B CG  1 
ATOM   963  C CD  . GLN B 1 15  ? 12.344  -8.956  -3.144  1.00 29.15 ? 15  GLN B CD  1 
ATOM   964  O OE1 . GLN B 1 15  ? 13.074  -8.000  -3.421  1.00 28.56 ? 15  GLN B OE1 1 
ATOM   965  N NE2 . GLN B 1 15  ? 12.741  -9.959  -2.369  1.00 29.15 ? 15  GLN B NE2 1 
ATOM   966  N N   . LYS B 1 16  ? 7.984   -5.588  -3.827  1.00 20.23 ? 16  LYS B N   1 
ATOM   967  C CA  . LYS B 1 16  ? 7.262   -4.397  -3.408  1.00 18.74 ? 16  LYS B CA  1 
ATOM   968  C C   . LYS B 1 16  ? 5.757   -4.632  -3.492  1.00 17.00 ? 16  LYS B C   1 
ATOM   969  O O   . LYS B 1 16  ? 5.027   -4.392  -2.528  1.00 15.98 ? 16  LYS B O   1 
ATOM   970  C CB  . LYS B 1 16  ? 7.640   -3.217  -4.304  1.00 19.56 ? 16  LYS B CB  1 
ATOM   971  C CG  . LYS B 1 16  ? 6.798   -1.976  -4.080  1.00 20.80 ? 16  LYS B CG  1 
ATOM   972  C CD  . LYS B 1 16  ? 7.169   -0.866  -5.050  1.00 25.15 ? 16  LYS B CD  1 
ATOM   973  C CE  . LYS B 1 16  ? 6.249   0.331   -4.880  1.00 26.27 ? 16  LYS B CE  1 
ATOM   974  N NZ  . LYS B 1 16  ? 6.618   1.450   -5.784  1.00 30.25 ? 16  LYS B NZ  1 
ATOM   975  N N   . ALA B 1 17  ? 5.305   -5.111  -4.649  1.00 14.80 ? 17  ALA B N   1 
ATOM   976  C CA  . ALA B 1 17  ? 3.890   -5.367  -4.887  1.00 14.50 ? 17  ALA B CA  1 
ATOM   977  C C   . ALA B 1 17  ? 3.315   -6.502  -4.038  1.00 14.61 ? 17  ALA B C   1 
ATOM   978  O O   . ALA B 1 17  ? 2.174   -6.417  -3.586  1.00 12.88 ? 17  ALA B O   1 
ATOM   979  C CB  . ALA B 1 17  ? 3.655   -5.647  -6.379  1.00 14.07 ? 17  ALA B CB  1 
ATOM   980  N N   . VAL B 1 18  ? 4.091   -7.565  -3.834  1.00 13.60 ? 18  VAL B N   1 
ATOM   981  C CA  . VAL B 1 18  ? 3.630   -8.695  -3.035  1.00 12.96 ? 18  VAL B CA  1 
ATOM   982  C C   . VAL B 1 18  ? 3.332   -8.255  -1.606  1.00 12.53 ? 18  VAL B C   1 
ATOM   983  O O   . VAL B 1 18  ? 2.264   -8.536  -1.070  1.00 10.89 ? 18  VAL B O   1 
ATOM   984  C CB  . VAL B 1 18  ? 4.688   -9.823  -2.980  1.00 14.63 ? 18  VAL B CB  1 
ATOM   985  C CG1 . VAL B 1 18  ? 4.306   -10.836 -1.909  1.00 15.91 ? 18  VAL B CG1 1 
ATOM   986  C CG2 . VAL B 1 18  ? 4.789   -10.510 -4.342  1.00 14.02 ? 18  VAL B CG2 1 
ATOM   987  N N   . ASN B 1 19  ? 4.290   -7.577  -0.987  1.00 12.74 ? 19  ASN B N   1 
ATOM   988  C CA  . ASN B 1 19  ? 4.110   -7.095  0.377   1.00 13.50 ? 19  ASN B CA  1 
ATOM   989  C C   . ASN B 1 19  ? 3.019   -6.033  0.453   1.00 13.26 ? 19  ASN B C   1 
ATOM   990  O O   . ASN B 1 19  ? 2.302   -5.948  1.450   1.00 11.58 ? 19  ASN B O   1 
ATOM   991  C CB  . ASN B 1 19  ? 5.435   -6.558  0.912   1.00 14.99 ? 19  ASN B CB  1 
ATOM   992  C CG  . ASN B 1 19  ? 6.397   -7.674  1.274   1.00 14.33 ? 19  ASN B CG  1 
ATOM   993  O OD1 . ASN B 1 19  ? 6.232   -8.330  2.300   1.00 16.92 ? 19  ASN B OD1 1 
ATOM   994  N ND2 . ASN B 1 19  ? 7.385   -7.914  0.419   1.00 12.02 ? 19  ASN B ND2 1 
ATOM   995  N N   . THR B 1 20  ? 2.888   -5.226  -0.599  1.00 12.14 ? 20  THR B N   1 
ATOM   996  C CA  . THR B 1 20  ? 1.848   -4.205  -0.613  1.00 13.38 ? 20  THR B CA  1 
ATOM   997  C C   . THR B 1 20  ? 0.497   -4.923  -0.737  1.00 15.58 ? 20  THR B C   1 
ATOM   998  O O   . THR B 1 20  ? -0.471  -4.564  -0.058  1.00 13.82 ? 20  THR B O   1 
ATOM   999  C CB  . THR B 1 20  ? 2.023   -3.214  -1.794  1.00 14.31 ? 20  THR B CB  1 
ATOM   1000 O OG1 . THR B 1 20  ? 3.229   -2.453  -1.619  1.00 12.94 ? 20  THR B OG1 1 
ATOM   1001 C CG2 . THR B 1 20  ? 0.835   -2.252  -1.869  1.00 14.26 ? 20  THR B CG2 1 
ATOM   1002 N N   . ALA B 1 21  ? 0.452   -5.948  -1.594  1.00 12.85 ? 21  ALA B N   1 
ATOM   1003 C CA  . ALA B 1 21  ? -0.761  -6.730  -1.809  1.00 12.81 ? 21  ALA B CA  1 
ATOM   1004 C C   . ALA B 1 21  ? -1.170  -7.474  -0.539  1.00 13.43 ? 21  ALA B C   1 
ATOM   1005 O O   . ALA B 1 21  ? -2.349  -7.530  -0.185  1.00 11.71 ? 21  ALA B O   1 
ATOM   1006 C CB  . ALA B 1 21  ? -0.547  -7.730  -2.935  1.00 12.99 ? 21  ALA B CB  1 
ATOM   1007 N N   . GLN B 1 22  ? -0.189  -8.047  0.148   1.00 12.83 ? 22  GLN B N   1 
ATOM   1008 C CA  . GLN B 1 22  ? -0.482  -8.784  1.366   1.00 14.15 ? 22  GLN B CA  1 
ATOM   1009 C C   . GLN B 1 22  ? -1.079  -7.869  2.429   1.00 13.21 ? 22  GLN B C   1 
ATOM   1010 O O   . GLN B 1 22  ? -2.001  -8.266  3.155   1.00 12.77 ? 22  GLN B O   1 
ATOM   1011 C CB  . GLN B 1 22  ? 0.787   -9.482  1.852   1.00 13.35 ? 22  GLN B CB  1 
ATOM   1012 C CG  . GLN B 1 22  ? 1.268   -10.522 0.849   1.00 16.12 ? 22  GLN B CG  1 
ATOM   1013 C CD  . GLN B 1 22  ? 2.592   -11.147 1.226   1.00 17.37 ? 22  GLN B CD  1 
ATOM   1014 O OE1 . GLN B 1 22  ? 3.551   -10.449 1.549   1.00 18.76 ? 22  GLN B OE1 1 
ATOM   1015 N NE2 . GLN B 1 22  ? 2.655   -12.470 1.171   1.00 18.50 ? 22  GLN B NE2 1 
ATOM   1016 N N   . GLY B 1 23  ? -0.569  -6.641  2.500   1.00 12.08 ? 23  GLY B N   1 
ATOM   1017 C CA  . GLY B 1 23  ? -1.086  -5.676  3.455   1.00 13.42 ? 23  GLY B CA  1 
ATOM   1018 C C   . GLY B 1 23  ? -2.506  -5.281  3.083   1.00 14.54 ? 23  GLY B C   1 
ATOM   1019 O O   . GLY B 1 23  ? -3.381  -5.172  3.942   1.00 14.17 ? 23  GLY B O   1 
ATOM   1020 N N   . LEU B 1 24  ? -2.738  -5.076  1.792   1.00 12.81 ? 24  LEU B N   1 
ATOM   1021 C CA  . LEU B 1 24  ? -4.063  -4.710  1.320   1.00 14.67 ? 24  LEU B CA  1 
ATOM   1022 C C   . LEU B 1 24  ? -5.039  -5.879  1.487   1.00 13.48 ? 24  LEU B C   1 
ATOM   1023 O O   . LEU B 1 24  ? -6.243  -5.669  1.630   1.00 13.17 ? 24  LEU B O   1 
ATOM   1024 C CB  . LEU B 1 24  ? -3.997  -4.274  -0.148  1.00 11.92 ? 24  LEU B CB  1 
ATOM   1025 C CG  . LEU B 1 24  ? -3.431  -2.875  -0.415  1.00 11.89 ? 24  LEU B CG  1 
ATOM   1026 C CD1 . LEU B 1 24  ? -3.107  -2.729  -1.888  1.00 13.36 ? 24  LEU B CD1 1 
ATOM   1027 C CD2 . LEU B 1 24  ? -4.431  -1.809  0.025   1.00 12.78 ? 24  LEU B CD2 1 
ATOM   1028 N N   . PHE B 1 25  ? -4.516  -7.103  1.466   1.00 12.14 ? 25  PHE B N   1 
ATOM   1029 C CA  . PHE B 1 25  ? -5.344  -8.297  1.631   1.00 12.69 ? 25  PHE B CA  1 
ATOM   1030 C C   . PHE B 1 25  ? -5.766  -8.364  3.099   1.00 11.91 ? 25  PHE B C   1 
ATOM   1031 O O   . PHE B 1 25  ? -6.852  -8.832  3.424   1.00 14.02 ? 25  PHE B O   1 
ATOM   1032 C CB  . PHE B 1 25  ? -4.560  -9.566  1.239   1.00 11.40 ? 25  PHE B CB  1 
ATOM   1033 C CG  . PHE B 1 25  ? -5.379  -10.837 1.290   1.00 14.67 ? 25  PHE B CG  1 
ATOM   1034 C CD1 . PHE B 1 25  ? -6.353  -11.098 0.327   1.00 17.06 ? 25  PHE B CD1 1 
ATOM   1035 C CD2 . PHE B 1 25  ? -5.183  -11.767 2.309   1.00 12.95 ? 25  PHE B CD2 1 
ATOM   1036 C CE1 . PHE B 1 25  ? -7.120  -12.266 0.379   1.00 15.59 ? 25  PHE B CE1 1 
ATOM   1037 C CE2 . PHE B 1 25  ? -5.943  -12.934 2.368   1.00 16.55 ? 25  PHE B CE2 1 
ATOM   1038 C CZ  . PHE B 1 25  ? -6.914  -13.184 1.400   1.00 14.96 ? 25  PHE B CZ  1 
ATOM   1039 N N   . GLN B 1 26  ? -4.894  -7.892  3.983   1.00 14.63 ? 26  GLN B N   1 
ATOM   1040 C CA  . GLN B 1 26  ? -5.192  -7.865  5.413   1.00 16.59 ? 26  GLN B CA  1 
ATOM   1041 C C   . GLN B 1 26  ? -6.366  -6.918  5.605   1.00 15.35 ? 26  GLN B C   1 
ATOM   1042 O O   . GLN B 1 26  ? -7.360  -7.248  6.248   1.00 16.75 ? 26  GLN B O   1 
ATOM   1043 C CB  . GLN B 1 26  ? -3.992  -7.341  6.205   1.00 19.61 ? 26  GLN B CB  1 
ATOM   1044 C CG  . GLN B 1 26  ? -2.924  -8.367  6.493   1.00 24.47 ? 26  GLN B CG  1 
ATOM   1045 C CD  . GLN B 1 26  ? -3.413  -9.436  7.440   1.00 29.57 ? 26  GLN B CD  1 
ATOM   1046 O OE1 . GLN B 1 26  ? -4.226  -10.285 7.069   1.00 32.36 ? 26  GLN B OE1 1 
ATOM   1047 N NE2 . GLN B 1 26  ? -2.933  -9.393  8.680   1.00 29.35 ? 26  GLN B NE2 1 
ATOM   1048 N N   . ARG B 1 27  ? -6.234  -5.727  5.036   1.00 12.87 ? 27  ARG B N   1 
ATOM   1049 C CA  . ARG B 1 27  ? -7.281  -4.722  5.126   1.00 13.83 ? 27  ARG B CA  1 
ATOM   1050 C C   . ARG B 1 27  ? -8.572  -5.284  4.501   1.00 13.64 ? 27  ARG B C   1 
ATOM   1051 O O   . ARG B 1 27  ? -9.643  -5.218  5.103   1.00 12.35 ? 27  ARG B O   1 
ATOM   1052 C CB  . ARG B 1 27  ? -6.826  -3.465  4.386   1.00 11.77 ? 27  ARG B CB  1 
ATOM   1053 C CG  . ARG B 1 27  ? -7.840  -2.343  4.348   1.00 12.97 ? 27  ARG B CG  1 
ATOM   1054 C CD  . ARG B 1 27  ? -8.100  -1.749  5.715   1.00 9.78  ? 27  ARG B CD  1 
ATOM   1055 N NE  . ARG B 1 27  ? -8.852  -0.504  5.591   1.00 14.47 ? 27  ARG B NE  1 
ATOM   1056 C CZ  . ARG B 1 27  ? -9.408  0.150   6.607   1.00 13.09 ? 27  ARG B CZ  1 
ATOM   1057 N NH1 . ARG B 1 27  ? -9.304  -0.320  7.841   1.00 14.74 ? 27  ARG B NH1 1 
ATOM   1058 N NH2 . ARG B 1 27  ? -10.074 1.278   6.383   1.00 12.91 ? 27  ARG B NH2 1 
ATOM   1059 N N   . TRP B 1 28  ? -8.448  -5.835  3.296   1.00 13.45 ? 28  TRP B N   1 
ATOM   1060 C CA  . TRP B 1 28  ? -9.579  -6.417  2.573   1.00 14.34 ? 28  TRP B CA  1 
ATOM   1061 C C   . TRP B 1 28  ? -10.344 -7.412  3.444   1.00 14.59 ? 28  TRP B C   1 
ATOM   1062 O O   . TRP B 1 28  ? -11.577 -7.368  3.524   1.00 11.47 ? 28  TRP B O   1 
ATOM   1063 C CB  . TRP B 1 28  ? -9.088  -7.144  1.316   1.00 13.17 ? 28  TRP B CB  1 
ATOM   1064 C CG  . TRP B 1 28  ? -10.203 -7.647  0.442   1.00 15.05 ? 28  TRP B CG  1 
ATOM   1065 C CD1 . TRP B 1 28  ? -10.938 -6.917  -0.451  1.00 16.47 ? 28  TRP B CD1 1 
ATOM   1066 C CD2 . TRP B 1 28  ? -10.708 -8.984  0.376   1.00 14.91 ? 28  TRP B CD2 1 
ATOM   1067 N NE1 . TRP B 1 28  ? -11.864 -7.717  -1.069  1.00 16.68 ? 28  TRP B NE1 1 
ATOM   1068 C CE2 . TRP B 1 28  ? -11.747 -8.991  -0.582  1.00 17.28 ? 28  TRP B CE2 1 
ATOM   1069 C CE3 . TRP B 1 28  ? -10.386 -10.177 1.032   1.00 14.95 ? 28  TRP B CE3 1 
ATOM   1070 C CZ2 . TRP B 1 28  ? -12.466 -10.147 -0.902  1.00 17.90 ? 28  TRP B CZ2 1 
ATOM   1071 C CZ3 . TRP B 1 28  ? -11.099 -11.330 0.716   1.00 15.78 ? 28  TRP B CZ3 1 
ATOM   1072 C CH2 . TRP B 1 28  ? -12.129 -11.304 -0.245  1.00 17.83 ? 28  TRP B CH2 1 
ATOM   1073 N N   . THR B 1 29  ? -9.605  -8.315  4.085   1.00 15.13 ? 29  THR B N   1 
ATOM   1074 C CA  . THR B 1 29  ? -10.210 -9.325  4.947   1.00 15.50 ? 29  THR B CA  1 
ATOM   1075 C C   . THR B 1 29  ? -10.981 -8.703  6.098   1.00 15.55 ? 29  THR B C   1 
ATOM   1076 O O   . THR B 1 29  ? -12.107 -9.110  6.386   1.00 16.92 ? 29  THR B O   1 
ATOM   1077 C CB  . THR B 1 29  ? -9.152  -10.294 5.511   1.00 13.99 ? 29  THR B CB  1 
ATOM   1078 O OG1 . THR B 1 29  ? -8.533  -11.000 4.429   1.00 15.59 ? 29  THR B OG1 1 
ATOM   1079 C CG2 . THR B 1 29  ? -9.797  -11.305 6.454   1.00 15.61 ? 29  THR B CG2 1 
ATOM   1080 N N   . GLU B 1 30  ? -10.385 -7.715  6.755   1.00 17.86 ? 30  GLU B N   1 
ATOM   1081 C CA  . GLU B 1 30  ? -11.051 -7.044  7.866   1.00 17.11 ? 30  GLU B CA  1 
ATOM   1082 C C   . GLU B 1 30  ? -12.353 -6.381  7.407   1.00 16.56 ? 30  GLU B C   1 
ATOM   1083 O O   . GLU B 1 30  ? -13.389 -6.519  8.058   1.00 16.38 ? 30  GLU B O   1 
ATOM   1084 C CB  . GLU B 1 30  ? -10.127 -5.985  8.491   1.00 21.67 ? 30  GLU B CB  1 
ATOM   1085 C CG  . GLU B 1 30  ? -10.817 -5.097  9.524   1.00 25.35 ? 30  GLU B CG  1 
ATOM   1086 C CD  . GLU B 1 30  ? -9.937  -3.967  10.039  1.00 30.56 ? 30  GLU B CD  1 
ATOM   1087 O OE1 . GLU B 1 30  ? -9.474  -3.138  9.223   1.00 33.49 ? 30  GLU B OE1 1 
ATOM   1088 O OE2 . GLU B 1 30  ? -9.715  -3.905  11.269  1.00 34.17 ? 30  GLU B OE2 1 
ATOM   1089 N N   . LEU B 1 31  ? -12.297 -5.677  6.280   1.00 15.02 ? 31  LEU B N   1 
ATOM   1090 C CA  . LEU B 1 31  ? -13.465 -4.981  5.752   1.00 14.59 ? 31  LEU B CA  1 
ATOM   1091 C C   . LEU B 1 31  ? -14.603 -5.892  5.306   1.00 14.46 ? 31  LEU B C   1 
ATOM   1092 O O   . LEU B 1 31  ? -15.695 -5.408  4.998   1.00 14.53 ? 31  LEU B O   1 
ATOM   1093 C CB  . LEU B 1 31  ? -13.068 -4.078  4.581   1.00 12.91 ? 31  LEU B CB  1 
ATOM   1094 C CG  . LEU B 1 31  ? -11.940 -3.069  4.802   1.00 15.25 ? 31  LEU B CG  1 
ATOM   1095 C CD1 . LEU B 1 31  ? -11.850 -2.147  3.588   1.00 12.27 ? 31  LEU B CD1 1 
ATOM   1096 C CD2 . LEU B 1 31  ? -12.190 -2.267  6.075   1.00 13.72 ? 31  LEU B CD2 1 
ATOM   1097 N N   . LEU B 1 32  ? -14.355 -7.197  5.249   1.00 14.35 ? 32  LEU B N   1 
ATOM   1098 C CA  . LEU B 1 32  ? -15.403 -8.136  4.851   1.00 14.86 ? 32  LEU B CA  1 
ATOM   1099 C C   . LEU B 1 32  ? -16.529 -8.066  5.877   1.00 15.44 ? 32  LEU B C   1 
ATOM   1100 O O   . LEU B 1 32  ? -17.649 -8.499  5.616   1.00 15.50 ? 32  LEU B O   1 
ATOM   1101 C CB  . LEU B 1 32  ? -14.860 -9.574  4.773   1.00 13.98 ? 32  LEU B CB  1 
ATOM   1102 C CG  . LEU B 1 32  ? -13.871 -9.887  3.647   1.00 13.10 ? 32  LEU B CG  1 
ATOM   1103 C CD1 . LEU B 1 32  ? -13.396 -11.325 3.745   1.00 15.75 ? 32  LEU B CD1 1 
ATOM   1104 C CD2 . LEU B 1 32  ? -14.530 -9.633  2.305   1.00 12.22 ? 32  LEU B CD2 1 
ATOM   1105 N N   . GLN B 1 33  ? -16.229 -7.513  7.047   1.00 16.89 ? 33  GLN B N   1 
ATOM   1106 C CA  . GLN B 1 33  ? -17.241 -7.393  8.092   1.00 18.88 ? 33  GLN B CA  1 
ATOM   1107 C C   . GLN B 1 33  ? -18.414 -6.543  7.598   1.00 18.04 ? 33  GLN B C   1 
ATOM   1108 O O   . GLN B 1 33  ? -19.480 -6.545  8.198   1.00 19.08 ? 33  GLN B O   1 
ATOM   1109 C CB  . GLN B 1 33  ? -16.635 -6.778  9.355   1.00 20.67 ? 33  GLN B CB  1 
ATOM   1110 C CG  . GLN B 1 33  ? -15.517 -7.599  9.958   1.00 24.36 ? 33  GLN B CG  1 
ATOM   1111 C CD  . GLN B 1 33  ? -14.912 -6.936  11.177  1.00 28.16 ? 33  GLN B CD  1 
ATOM   1112 O OE1 . GLN B 1 33  ? -15.504 -6.941  12.259  1.00 32.14 ? 33  GLN B OE1 1 
ATOM   1113 N NE2 . GLN B 1 33  ? -13.729 -6.348  11.008  1.00 26.14 ? 33  GLN B NE2 1 
ATOM   1114 N N   . GLY B 1 34  ? -18.205 -5.817  6.501   1.00 17.91 ? 34  GLY B N   1 
ATOM   1115 C CA  . GLY B 1 34  ? -19.262 -4.996  5.934   1.00 15.69 ? 34  GLY B CA  1 
ATOM   1116 C C   . GLY B 1 34  ? -19.282 -3.538  6.356   1.00 17.22 ? 34  GLY B C   1 
ATOM   1117 O O   . GLY B 1 34  ? -18.267 -3.003  6.805   1.00 19.82 ? 34  GLY B O   1 
ATOM   1118 N N   . PRO B 1 35  ? -20.442 -2.867  6.223   1.00 17.20 ? 35  PRO B N   1 
ATOM   1119 C CA  . PRO B 1 35  ? -20.673 -1.460  6.566   1.00 16.01 ? 35  PRO B CA  1 
ATOM   1120 C C   . PRO B 1 35  ? -20.185 -1.062  7.960   1.00 16.22 ? 35  PRO B C   1 
ATOM   1121 O O   . PRO B 1 35  ? -19.817 0.088   8.196   1.00 14.35 ? 35  PRO B O   1 
ATOM   1122 C CB  . PRO B 1 35  ? -22.190 -1.316  6.434   1.00 16.70 ? 35  PRO B CB  1 
ATOM   1123 C CG  . PRO B 1 35  ? -22.538 -2.300  5.387   1.00 17.10 ? 35  PRO B CG  1 
ATOM   1124 C CD  . PRO B 1 35  ? -21.688 -3.491  5.736   1.00 16.43 ? 35  PRO B CD  1 
ATOM   1125 N N   . SER B 1 36  ? -20.201 -2.014  8.884   1.00 17.30 ? 36  SER B N   1 
ATOM   1126 C CA  . SER B 1 36  ? -19.764 -1.768  10.253  1.00 16.98 ? 36  SER B CA  1 
ATOM   1127 C C   . SER B 1 36  ? -18.262 -1.493  10.371  1.00 17.87 ? 36  SER B C   1 
ATOM   1128 O O   . SER B 1 36  ? -17.820 -0.785  11.280  1.00 18.51 ? 36  SER B O   1 
ATOM   1129 C CB  . SER B 1 36  ? -20.115 -2.972  11.132  1.00 16.50 ? 36  SER B CB  1 
ATOM   1130 O OG  . SER B 1 36  ? -19.446 -4.141  10.687  1.00 17.58 ? 36  SER B OG  1 
ATOM   1131 N N   . ALA B 1 37  ? -17.480 -2.058  9.457   1.00 16.50 ? 37  ALA B N   1 
ATOM   1132 C CA  . ALA B 1 37  ? -16.031 -1.890  9.496   1.00 16.99 ? 37  ALA B CA  1 
ATOM   1133 C C   . ALA B 1 37  ? -15.493 -1.009  8.385   1.00 17.34 ? 37  ALA B C   1 
ATOM   1134 O O   . ALA B 1 37  ? -14.369 -0.510  8.474   1.00 17.83 ? 37  ALA B O   1 
ATOM   1135 C CB  . ALA B 1 37  ? -15.347 -3.261  9.436   1.00 14.36 ? 37  ALA B CB  1 
ATOM   1136 N N   . ALA B 1 38  ? -16.295 -0.791  7.349   1.00 17.30 ? 38  ALA B N   1 
ATOM   1137 C CA  . ALA B 1 38  ? -15.824 -0.001  6.226   1.00 16.43 ? 38  ALA B CA  1 
ATOM   1138 C C   . ALA B 1 38  ? -16.826 0.936   5.591   1.00 16.88 ? 38  ALA B C   1 
ATOM   1139 O O   . ALA B 1 38  ? -18.032 0.698   5.611   1.00 17.35 ? 38  ALA B O   1 
ATOM   1140 C CB  . ALA B 1 38  ? -15.276 -0.937  5.154   1.00 18.07 ? 38  ALA B CB  1 
ATOM   1141 N N   . THR B 1 39  ? -16.302 2.010   5.014   1.00 18.03 ? 39  THR B N   1 
ATOM   1142 C CA  . THR B 1 39  ? -17.131 2.966   4.304   1.00 17.75 ? 39  THR B CA  1 
ATOM   1143 C C   . THR B 1 39  ? -17.143 2.392   2.894   1.00 17.16 ? 39  THR B C   1 
ATOM   1144 O O   . THR B 1 39  ? -16.301 1.555   2.554   1.00 16.11 ? 39  THR B O   1 
ATOM   1145 C CB  . THR B 1 39  ? -16.491 4.367   4.243   1.00 17.47 ? 39  THR B CB  1 
ATOM   1146 O OG1 . THR B 1 39  ? -15.270 4.297   3.492   1.00 19.00 ? 39  THR B OG1 1 
ATOM   1147 C CG2 . THR B 1 39  ? -16.212 4.899   5.646   1.00 17.52 ? 39  THR B CG2 1 
ATOM   1148 N N   . ARG B 1 40  ? -18.093 2.836   2.086   1.00 17.58 ? 40  ARG B N   1 
ATOM   1149 C CA  . ARG B 1 40  ? -18.213 2.379   0.711   1.00 19.47 ? 40  ARG B CA  1 
ATOM   1150 C C   . ARG B 1 40  ? -16.907 2.654   -0.027  1.00 18.86 ? 40  ARG B C   1 
ATOM   1151 O O   . ARG B 1 40  ? -16.394 1.793   -0.741  1.00 18.88 ? 40  ARG B O   1 
ATOM   1152 C CB  . ARG B 1 40  ? -19.371 3.120   0.032   1.00 22.98 ? 40  ARG B CB  1 
ATOM   1153 C CG  . ARG B 1 40  ? -19.673 2.680   -1.383  1.00 24.98 ? 40  ARG B CG  1 
ATOM   1154 C CD  . ARG B 1 40  ? -20.931 3.373   -1.923  1.00 27.72 ? 40  ARG B CD  1 
ATOM   1155 N NE  . ARG B 1 40  ? -22.131 3.084   -1.131  1.00 28.96 ? 40  ARG B NE  1 
ATOM   1156 C CZ  . ARG B 1 40  ? -22.622 3.874   -0.178  1.00 28.72 ? 40  ARG B CZ  1 
ATOM   1157 N NH1 . ARG B 1 40  ? -22.025 5.020   0.122   1.00 27.40 ? 40  ARG B NH1 1 
ATOM   1158 N NH2 . ARG B 1 40  ? -23.723 3.519   0.474   1.00 25.94 ? 40  ARG B NH2 1 
ATOM   1159 N N   . GLU B 1 41  ? -16.370 3.856   0.159   1.00 19.09 ? 41  GLU B N   1 
ATOM   1160 C CA  . GLU B 1 41  ? -15.127 4.256   -0.495  1.00 19.15 ? 41  GLU B CA  1 
ATOM   1161 C C   . GLU B 1 41  ? -13.953 3.346   -0.148  1.00 18.09 ? 41  GLU B C   1 
ATOM   1162 O O   . GLU B 1 41  ? -13.149 3.004   -1.021  1.00 16.61 ? 41  GLU B O   1 
ATOM   1163 C CB  . GLU B 1 41  ? -14.763 5.696   -0.128  1.00 20.94 ? 41  GLU B CB  1 
ATOM   1164 C CG  . GLU B 1 41  ? -15.744 6.741   -0.630  1.00 26.44 ? 41  GLU B CG  1 
ATOM   1165 C CD  . GLU B 1 41  ? -17.138 6.544   -0.063  1.00 31.16 ? 41  GLU B CD  1 
ATOM   1166 O OE1 . GLU B 1 41  ? -17.272 6.493   1.181   1.00 30.35 ? 41  GLU B OE1 1 
ATOM   1167 O OE2 . GLU B 1 41  ? -18.099 6.439   -0.862  1.00 35.08 ? 41  GLU B OE2 1 
ATOM   1168 N N   . GLU B 1 42  ? -13.857 2.957   1.123   1.00 16.13 ? 42  GLU B N   1 
ATOM   1169 C CA  . GLU B 1 42  ? -12.764 2.105   1.573   1.00 16.78 ? 42  GLU B CA  1 
ATOM   1170 C C   . GLU B 1 42  ? -12.806 0.723   0.940   1.00 16.40 ? 42  GLU B C   1 
ATOM   1171 O O   . GLU B 1 42  ? -11.768 0.138   0.640   1.00 14.39 ? 42  GLU B O   1 
ATOM   1172 C CB  . GLU B 1 42  ? -12.775 1.995   3.096   1.00 15.68 ? 42  GLU B CB  1 
ATOM   1173 C CG  . GLU B 1 42  ? -12.535 3.323   3.782   1.00 19.30 ? 42  GLU B CG  1 
ATOM   1174 C CD  . GLU B 1 42  ? -12.523 3.203   5.281   1.00 21.16 ? 42  GLU B CD  1 
ATOM   1175 O OE1 . GLU B 1 42  ? -13.423 2.533   5.827   1.00 25.74 ? 42  GLU B OE1 1 
ATOM   1176 O OE2 . GLU B 1 42  ? -11.622 3.784   5.919   1.00 24.25 ? 42  GLU B OE2 1 
ATOM   1177 N N   . ILE B 1 43  ? -14.011 0.201   0.741   1.00 17.30 ? 43  ILE B N   1 
ATOM   1178 C CA  . ILE B 1 43  ? -14.166 -1.100  0.105   1.00 18.59 ? 43  ILE B CA  1 
ATOM   1179 C C   . ILE B 1 43  ? -13.621 -1.037  -1.319  1.00 17.58 ? 43  ILE B C   1 
ATOM   1180 O O   . ILE B 1 43  ? -12.891 -1.923  -1.752  1.00 18.50 ? 43  ILE B O   1 
ATOM   1181 C CB  . ILE B 1 43  ? -15.648 -1.522  0.055   1.00 20.10 ? 43  ILE B CB  1 
ATOM   1182 C CG1 . ILE B 1 43  ? -16.077 -2.034  1.429   1.00 22.06 ? 43  ILE B CG1 1 
ATOM   1183 C CG2 . ILE B 1 43  ? -15.864 -2.580  -1.029  1.00 21.47 ? 43  ILE B CG2 1 
ATOM   1184 C CD1 . ILE B 1 43  ? -15.241 -3.210  1.927   1.00 20.36 ? 43  ILE B CD1 1 
ATOM   1185 N N   . ASP B 1 44  ? -13.971 0.017   -2.045  1.00 19.10 ? 44  ASP B N   1 
ATOM   1186 C CA  . ASP B 1 44  ? -13.509 0.153   -3.420  1.00 21.15 ? 44  ASP B CA  1 
ATOM   1187 C C   . ASP B 1 44  ? -12.013 0.448   -3.547  1.00 19.56 ? 44  ASP B C   1 
ATOM   1188 O O   . ASP B 1 44  ? -11.348 -0.113  -4.413  1.00 19.16 ? 44  ASP B O   1 
ATOM   1189 C CB  . ASP B 1 44  ? -14.334 1.213   -4.145  1.00 24.73 ? 44  ASP B CB  1 
ATOM   1190 C CG  . ASP B 1 44  ? -15.801 0.843   -4.221  1.00 29.04 ? 44  ASP B CG  1 
ATOM   1191 O OD1 . ASP B 1 44  ? -16.094 -0.363  -4.404  1.00 28.90 ? 44  ASP B OD1 1 
ATOM   1192 O OD2 . ASP B 1 44  ? -16.656 1.749   -4.111  1.00 30.75 ? 44  ASP B OD2 1 
ATOM   1193 N N   . TRP B 1 45  ? -11.479 1.319   -2.696  1.00 16.12 ? 45  TRP B N   1 
ATOM   1194 C CA  . TRP B 1 45  ? -10.051 1.611   -2.749  1.00 14.75 ? 45  TRP B CA  1 
ATOM   1195 C C   . TRP B 1 45  ? -9.252  0.343   -2.466  1.00 14.78 ? 45  TRP B C   1 
ATOM   1196 O O   . TRP B 1 45  ? -8.343  -0.004  -3.224  1.00 15.62 ? 45  TRP B O   1 
ATOM   1197 C CB  . TRP B 1 45  ? -9.638  2.659   -1.711  1.00 15.26 ? 45  TRP B CB  1 
ATOM   1198 C CG  . TRP B 1 45  ? -10.086 4.049   -1.988  1.00 17.74 ? 45  TRP B CG  1 
ATOM   1199 C CD1 . TRP B 1 45  ? -10.154 4.667   -3.208  1.00 15.17 ? 45  TRP B CD1 1 
ATOM   1200 C CD2 . TRP B 1 45  ? -10.468 5.032   -1.016  1.00 18.01 ? 45  TRP B CD2 1 
ATOM   1201 N NE1 . TRP B 1 45  ? -10.556 5.971   -3.052  1.00 15.81 ? 45  TRP B NE1 1 
ATOM   1202 C CE2 . TRP B 1 45  ? -10.757 6.222   -1.719  1.00 18.42 ? 45  TRP B CE2 1 
ATOM   1203 C CE3 . TRP B 1 45  ? -10.592 5.021   0.381   1.00 18.87 ? 45  TRP B CE3 1 
ATOM   1204 C CZ2 . TRP B 1 45  ? -11.167 7.397   -1.071  1.00 19.10 ? 45  TRP B CZ2 1 
ATOM   1205 C CZ3 . TRP B 1 45  ? -10.999 6.191   1.028   1.00 16.73 ? 45  TRP B CZ3 1 
ATOM   1206 C CH2 . TRP B 1 45  ? -11.282 7.361   0.297   1.00 16.91 ? 45  TRP B CH2 1 
ATOM   1207 N N   . THR B 1 46  ? -9.583  -0.346  -1.373  1.00 12.86 ? 46  THR B N   1 
ATOM   1208 C CA  . THR B 1 46  ? -8.857  -1.565  -1.011  1.00 14.32 ? 46  THR B CA  1 
ATOM   1209 C C   . THR B 1 46  ? -8.906  -2.608  -2.128  1.00 13.74 ? 46  THR B C   1 
ATOM   1210 O O   . THR B 1 46  ? -7.878  -3.135  -2.540  1.00 12.87 ? 46  THR B O   1 
ATOM   1211 C CB  . THR B 1 46  ? -9.412  -2.215  0.287   1.00 13.24 ? 46  THR B CB  1 
ATOM   1212 O OG1 . THR B 1 46  ? -9.392  -1.268  1.365   1.00 17.23 ? 46  THR B OG1 1 
ATOM   1213 C CG2 . THR B 1 46  ? -8.556  -3.418  0.677   1.00 15.65 ? 46  THR B CG2 1 
ATOM   1214 N N   . THR B 1 47  ? -10.105 -2.911  -2.611  1.00 15.51 ? 47  THR B N   1 
ATOM   1215 C CA  . THR B 1 47  ? -10.269 -3.891  -3.680  1.00 14.69 ? 47  THR B CA  1 
ATOM   1216 C C   . THR B 1 47  ? -9.482  -3.522  -4.942  1.00 16.35 ? 47  THR B C   1 
ATOM   1217 O O   . THR B 1 47  ? -8.734  -4.342  -5.472  1.00 16.37 ? 47  THR B O   1 
ATOM   1218 C CB  . THR B 1 47  ? -11.762 -4.062  -4.052  1.00 16.14 ? 47  THR B CB  1 
ATOM   1219 O OG1 . THR B 1 47  ? -12.481 -4.573  -2.922  1.00 16.36 ? 47  THR B OG1 1 
ATOM   1220 C CG2 . THR B 1 47  ? -11.920 -5.029  -5.220  1.00 14.34 ? 47  THR B CG2 1 
ATOM   1221 N N   . ASN B 1 48  ? -9.644  -2.293  -5.423  1.00 15.68 ? 48  ASN B N   1 
ATOM   1222 C CA  . ASN B 1 48  ? -8.940  -1.856  -6.626  1.00 18.26 ? 48  ASN B CA  1 
ATOM   1223 C C   . ASN B 1 48  ? -7.418  -1.900  -6.510  1.00 16.66 ? 48  ASN B C   1 
ATOM   1224 O O   . ASN B 1 48  ? -6.742  -2.443  -7.387  1.00 14.61 ? 48  ASN B O   1 
ATOM   1225 C CB  . ASN B 1 48  ? -9.380  -0.444  -7.028  1.00 19.33 ? 48  ASN B CB  1 
ATOM   1226 C CG  . ASN B 1 48  ? -10.811 -0.402  -7.521  1.00 24.07 ? 48  ASN B CG  1 
ATOM   1227 O OD1 . ASN B 1 48  ? -11.242 -1.274  -8.273  1.00 25.19 ? 48  ASN B OD1 1 
ATOM   1228 N ND2 . ASN B 1 48  ? -11.556 0.618   -7.103  1.00 25.17 ? 48  ASN B ND2 1 
ATOM   1229 N N   . GLU B 1 49  ? -6.883  -1.322  -5.438  1.00 15.96 ? 49  GLU B N   1 
ATOM   1230 C CA  . GLU B 1 49  ? -5.436  -1.308  -5.223  1.00 13.83 ? 49  GLU B CA  1 
ATOM   1231 C C   . GLU B 1 49  ? -4.908  -2.731  -5.019  1.00 12.48 ? 49  GLU B C   1 
ATOM   1232 O O   . GLU B 1 49  ? -3.798  -3.049  -5.439  1.00 9.41  ? 49  GLU B O   1 
ATOM   1233 C CB  . GLU B 1 49  ? -5.080  -0.437  -4.012  1.00 15.14 ? 49  GLU B CB  1 
ATOM   1234 C CG  . GLU B 1 49  ? -5.259  1.068   -4.223  1.00 22.95 ? 49  GLU B CG  1 
ATOM   1235 C CD  . GLU B 1 49  ? -4.292  1.660   -5.253  1.00 25.25 ? 49  GLU B CD  1 
ATOM   1236 O OE1 . GLU B 1 49  ? -4.445  1.387   -6.460  1.00 27.54 ? 49  GLU B OE1 1 
ATOM   1237 O OE2 . GLU B 1 49  ? -3.371  2.398   -4.852  1.00 27.82 ? 49  GLU B OE2 1 
ATOM   1238 N N   . LEU B 1 50  ? -5.703  -3.582  -4.373  1.00 11.87 ? 50  LEU B N   1 
ATOM   1239 C CA  . LEU B 1 50  ? -5.294  -4.972  -4.160  1.00 12.13 ? 50  LEU B CA  1 
ATOM   1240 C C   . LEU B 1 50  ? -5.235  -5.691  -5.513  1.00 12.03 ? 50  LEU B C   1 
ATOM   1241 O O   . LEU B 1 50  ? -4.318  -6.464  -5.770  1.00 13.14 ? 50  LEU B O   1 
ATOM   1242 C CB  . LEU B 1 50  ? -6.272  -5.691  -3.213  1.00 10.98 ? 50  LEU B CB  1 
ATOM   1243 C CG  . LEU B 1 50  ? -6.114  -7.203  -2.984  1.00 11.44 ? 50  LEU B CG  1 
ATOM   1244 C CD1 . LEU B 1 50  ? -4.661  -7.572  -2.690  1.00 11.49 ? 50  LEU B CD1 1 
ATOM   1245 C CD2 . LEU B 1 50  ? -7.007  -7.615  -1.814  1.00 12.53 ? 50  LEU B CD2 1 
ATOM   1246 N N   . ARG B 1 51  ? -6.211  -5.434  -6.378  1.00 12.51 ? 51  ARG B N   1 
ATOM   1247 C CA  . ARG B 1 51  ? -6.218  -6.062  -7.697  1.00 13.37 ? 51  ARG B CA  1 
ATOM   1248 C C   . ARG B 1 51  ? -5.086  -5.490  -8.552  1.00 11.67 ? 51  ARG B C   1 
ATOM   1249 O O   . ARG B 1 51  ? -4.487  -6.194  -9.348  1.00 11.19 ? 51  ARG B O   1 
ATOM   1250 C CB  . ARG B 1 51  ? -7.555  -5.834  -8.415  1.00 16.90 ? 51  ARG B CB  1 
ATOM   1251 C CG  . ARG B 1 51  ? -8.734  -6.593  -7.841  1.00 19.76 ? 51  ARG B CG  1 
ATOM   1252 C CD  . ARG B 1 51  ? -9.950  -6.440  -8.745  1.00 26.62 ? 51  ARG B CD  1 
ATOM   1253 N NE  . ARG B 1 51  ? -11.190 -6.808  -8.069  1.00 30.26 ? 51  ARG B NE  1 
ATOM   1254 C CZ  . ARG B 1 51  ? -11.455 -8.018  -7.584  1.00 31.84 ? 51  ARG B CZ  1 
ATOM   1255 N NH1 . ARG B 1 51  ? -10.563 -8.994  -7.698  1.00 33.60 ? 51  ARG B NH1 1 
ATOM   1256 N NH2 . ARG B 1 51  ? -12.612 -8.248  -6.978  1.00 32.45 ? 51  ARG B NH2 1 
ATOM   1257 N N   . ASN B 1 52  ? -4.795  -4.206  -8.380  1.00 12.15 ? 52  ASN B N   1 
ATOM   1258 C CA  . ASN B 1 52  ? -3.724  -3.589  -9.147  1.00 11.81 ? 52  ASN B CA  1 
ATOM   1259 C C   . ASN B 1 52  ? -2.392  -4.282  -8.871  1.00 12.07 ? 52  ASN B C   1 
ATOM   1260 O O   . ASN B 1 52  ? -1.644  -4.611  -9.798  1.00 11.09 ? 52  ASN B O   1 
ATOM   1261 C CB  . ASN B 1 52  ? -3.593  -2.102  -8.805  1.00 12.79 ? 52  ASN B CB  1 
ATOM   1262 C CG  . ASN B 1 52  ? -4.813  -1.296  -9.196  1.00 13.69 ? 52  ASN B CG  1 
ATOM   1263 O OD1 . ASN B 1 52  ? -5.633  -1.730  -10.008 1.00 16.36 ? 52  ASN B OD1 1 
ATOM   1264 N ND2 . ASN B 1 52  ? -4.933  -0.100  -8.625  1.00 13.87 ? 52  ASN B ND2 1 
ATOM   1265 N N   . ASN B 1 53  ? -2.099  -4.502  -7.593  1.00 10.91 ? 53  ASN B N   1 
ATOM   1266 C CA  . ASN B 1 53  ? -0.845  -5.132  -7.200  1.00 10.50 ? 53  ASN B CA  1 
ATOM   1267 C C   . ASN B 1 53  ? -0.744  -6.593  -7.633  1.00 11.16 ? 53  ASN B C   1 
ATOM   1268 O O   . ASN B 1 53  ? 0.307   -7.033  -8.097  1.00 9.11  ? 53  ASN B O   1 
ATOM   1269 C CB  . ASN B 1 53  ? -0.651  -4.995  -5.692  1.00 12.40 ? 53  ASN B CB  1 
ATOM   1270 C CG  . ASN B 1 53  ? -0.111  -3.636  -5.306  1.00 12.74 ? 53  ASN B CG  1 
ATOM   1271 O OD1 . ASN B 1 53  ? 1.090   -3.389  -5.404  1.00 10.22 ? 53  ASN B OD1 1 
ATOM   1272 N ND2 . ASN B 1 53  ? -0.998  -2.739  -4.887  1.00 10.04 ? 53  ASN B ND2 1 
ATOM   1273 N N   . LEU B 1 54  ? -1.837  -7.339  -7.482  1.00 11.42 ? 54  LEU B N   1 
ATOM   1274 C CA  . LEU B 1 54  ? -1.872  -8.737  -7.890  1.00 12.69 ? 54  LEU B CA  1 
ATOM   1275 C C   . LEU B 1 54  ? -1.606  -8.832  -9.393  1.00 14.46 ? 54  LEU B C   1 
ATOM   1276 O O   . LEU B 1 54  ? -0.811  -9.659  -9.842  1.00 14.31 ? 54  LEU B O   1 
ATOM   1277 C CB  . LEU B 1 54  ? -3.240  -9.353  -7.567  1.00 14.26 ? 54  LEU B CB  1 
ATOM   1278 C CG  . LEU B 1 54  ? -3.579  -9.474  -6.080  1.00 13.86 ? 54  LEU B CG  1 
ATOM   1279 C CD1 . LEU B 1 54  ? -4.993  -9.997  -5.904  1.00 15.51 ? 54  LEU B CD1 1 
ATOM   1280 C CD2 . LEU B 1 54  ? -2.573  -10.395 -5.409  1.00 14.80 ? 54  LEU B CD2 1 
ATOM   1281 N N   . ARG B 1 55  ? -2.291  -7.981  -10.156 1.00 13.93 ? 55  ARG B N   1 
ATOM   1282 C CA  . ARG B 1 55  ? -2.157  -7.909  -11.613 1.00 12.04 ? 55  ARG B CA  1 
ATOM   1283 C C   . ARG B 1 55  ? -0.707  -7.572  -11.988 1.00 12.89 ? 55  ARG B C   1 
ATOM   1284 O O   . ARG B 1 55  ? -0.126  -8.177  -12.887 1.00 9.81  ? 55  ARG B O   1 
ATOM   1285 C CB  . ARG B 1 55  ? -3.092  -6.816  -12.150 1.00 11.94 ? 55  ARG B CB  1 
ATOM   1286 C CG  . ARG B 1 55  ? -3.241  -6.746  -13.660 1.00 12.03 ? 55  ARG B CG  1 
ATOM   1287 C CD  . ARG B 1 55  ? -4.141  -5.567  -14.038 1.00 15.27 ? 55  ARG B CD  1 
ATOM   1288 N NE  . ARG B 1 55  ? -5.370  -5.566  -13.245 1.00 14.57 ? 55  ARG B NE  1 
ATOM   1289 C CZ  . ARG B 1 55  ? -5.796  -4.538  -12.516 1.00 15.82 ? 55  ARG B CZ  1 
ATOM   1290 N NH1 . ARG B 1 55  ? -5.104  -3.403  -12.473 1.00 13.36 ? 55  ARG B NH1 1 
ATOM   1291 N NH2 . ARG B 1 55  ? -6.900  -4.660  -11.791 1.00 17.93 ? 55  ARG B NH2 1 
ATOM   1292 N N   . SER B 1 56  ? -0.137  -6.592  -11.293 1.00 11.93 ? 56  SER B N   1 
ATOM   1293 C CA  . SER B 1 56  ? 1.238   -6.166  -11.547 1.00 12.54 ? 56  SER B CA  1 
ATOM   1294 C C   . SER B 1 56  ? 2.213   -7.320  -11.365 1.00 11.65 ? 56  SER B C   1 
ATOM   1295 O O   . SER B 1 56  ? 3.121   -7.517  -12.169 1.00 10.95 ? 56  SER B O   1 
ATOM   1296 C CB  . SER B 1 56  ? 1.628   -5.039  -10.589 1.00 13.55 ? 56  SER B CB  1 
ATOM   1297 O OG  . SER B 1 56  ? 2.974   -4.630  -10.789 1.00 14.07 ? 56  SER B OG  1 
ATOM   1298 N N   . ILE B 1 57  ? 2.024   -8.067  -10.287 1.00 11.91 ? 57  ILE B N   1 
ATOM   1299 C CA  . ILE B 1 57  ? 2.884   -9.196  -9.984  1.00 13.58 ? 57  ILE B CA  1 
ATOM   1300 C C   . ILE B 1 57  ? 2.786   -10.237 -11.092 1.00 14.13 ? 57  ILE B C   1 
ATOM   1301 O O   . ILE B 1 57  ? 3.804   -10.680 -11.632 1.00 13.97 ? 57  ILE B O   1 
ATOM   1302 C CB  . ILE B 1 57  ? 2.499   -9.825  -8.628  1.00 12.77 ? 57  ILE B CB  1 
ATOM   1303 C CG1 . ILE B 1 57  ? 2.641   -8.777  -7.520  1.00 13.56 ? 57  ILE B CG1 1 
ATOM   1304 C CG2 . ILE B 1 57  ? 3.382   -11.020 -8.332  1.00 12.65 ? 57  ILE B CG2 1 
ATOM   1305 C CD1 . ILE B 1 57  ? 2.072   -9.214  -6.190  1.00 13.96 ? 57  ILE B CD1 1 
ATOM   1306 N N   . GLU B 1 58  ? 1.557   -10.613 -11.437 1.00 13.75 ? 58  GLU B N   1 
ATOM   1307 C CA  . GLU B 1 58  ? 1.319   -11.599 -12.485 1.00 14.26 ? 58  GLU B CA  1 
ATOM   1308 C C   . GLU B 1 58  ? 2.032   -11.247 -13.789 1.00 13.02 ? 58  GLU B C   1 
ATOM   1309 O O   . GLU B 1 58  ? 2.612   -12.116 -14.437 1.00 11.98 ? 58  GLU B O   1 
ATOM   1310 C CB  . GLU B 1 58  ? -0.186  -11.741 -12.745 1.00 15.99 ? 58  GLU B CB  1 
ATOM   1311 C CG  . GLU B 1 58  ? -0.941  -12.461 -11.637 1.00 19.69 ? 58  GLU B CG  1 
ATOM   1312 C CD  . GLU B 1 58  ? -2.404  -12.671 -11.969 1.00 21.73 ? 58  GLU B CD  1 
ATOM   1313 O OE1 . GLU B 1 58  ? -3.093  -13.375 -11.205 1.00 23.53 ? 58  GLU B OE1 1 
ATOM   1314 O OE2 . GLU B 1 58  ? -2.868  -12.129 -12.993 1.00 26.33 ? 58  GLU B OE2 1 
ATOM   1315 N N   . TRP B 1 59  ? 1.979   -9.978  -14.181 1.00 12.23 ? 59  TRP B N   1 
ATOM   1316 C CA  . TRP B 1 59  ? 2.633   -9.563  -15.417 1.00 12.99 ? 59  TRP B CA  1 
ATOM   1317 C C   . TRP B 1 59  ? 4.151   -9.563  -15.308 1.00 12.45 ? 59  TRP B C   1 
ATOM   1318 O O   . TRP B 1 59  ? 4.840   -10.001 -16.226 1.00 13.27 ? 59  TRP B O   1 
ATOM   1319 C CB  . TRP B 1 59  ? 2.110   -8.195  -15.869 1.00 14.14 ? 59  TRP B CB  1 
ATOM   1320 C CG  . TRP B 1 59  ? 0.849   -8.326  -16.680 1.00 15.93 ? 59  TRP B CG  1 
ATOM   1321 C CD1 . TRP B 1 59  ? -0.391  -7.841  -16.370 1.00 16.54 ? 59  TRP B CD1 1 
ATOM   1322 C CD2 . TRP B 1 59  ? 0.707   -9.034  -17.920 1.00 16.68 ? 59  TRP B CD2 1 
ATOM   1323 N NE1 . TRP B 1 59  ? -1.301  -8.207  -17.342 1.00 16.20 ? 59  TRP B NE1 1 
ATOM   1324 C CE2 . TRP B 1 59  ? -0.651  -8.941  -18.302 1.00 18.16 ? 59  TRP B CE2 1 
ATOM   1325 C CE3 . TRP B 1 59  ? 1.598   -9.739  -18.743 1.00 18.55 ? 59  TRP B CE3 1 
ATOM   1326 C CZ2 . TRP B 1 59  ? -1.140  -9.529  -19.475 1.00 18.80 ? 59  TRP B CZ2 1 
ATOM   1327 C CZ3 . TRP B 1 59  ? 1.113   -10.324 -19.910 1.00 17.84 ? 59  TRP B CZ3 1 
ATOM   1328 C CH2 . TRP B 1 59  ? -0.248  -10.213 -20.264 1.00 19.04 ? 59  TRP B CH2 1 
ATOM   1329 N N   . ASP B 1 60  ? 4.682   -9.095  -14.185 1.00 14.07 ? 60  ASP B N   1 
ATOM   1330 C CA  . ASP B 1 60  ? 6.131   -9.092  -14.017 1.00 14.47 ? 60  ASP B CA  1 
ATOM   1331 C C   . ASP B 1 60  ? 6.617   -10.543 -13.975 1.00 13.81 ? 60  ASP B C   1 
ATOM   1332 O O   . ASP B 1 60  ? 7.644   -10.875 -14.566 1.00 15.37 ? 60  ASP B O   1 
ATOM   1333 C CB  . ASP B 1 60  ? 6.535   -8.357  -12.732 1.00 14.58 ? 60  ASP B CB  1 
ATOM   1334 C CG  . ASP B 1 60  ? 6.194   -6.877  -12.772 1.00 16.24 ? 60  ASP B CG  1 
ATOM   1335 O OD1 . ASP B 1 60  ? 6.051   -6.320  -13.879 1.00 17.88 ? 60  ASP B OD1 1 
ATOM   1336 O OD2 . ASP B 1 60  ? 6.081   -6.258  -11.696 1.00 20.30 ? 60  ASP B OD2 1 
ATOM   1337 N N   . LEU B 1 61  ? 5.872   -11.407 -13.290 1.00 12.73 ? 61  LEU B N   1 
ATOM   1338 C CA  . LEU B 1 61  ? 6.241   -12.816 -13.205 1.00 12.03 ? 61  LEU B CA  1 
ATOM   1339 C C   . LEU B 1 61  ? 6.125   -13.468 -14.577 1.00 14.89 ? 61  LEU B C   1 
ATOM   1340 O O   . LEU B 1 61  ? 6.916   -14.350 -14.934 1.00 14.28 ? 61  LEU B O   1 
ATOM   1341 C CB  . LEU B 1 61  ? 5.346   -13.558 -12.212 1.00 11.68 ? 61  LEU B CB  1 
ATOM   1342 C CG  . LEU B 1 61  ? 5.497   -13.211 -10.725 1.00 10.62 ? 61  LEU B CG  1 
ATOM   1343 C CD1 . LEU B 1 61  ? 4.533   -14.089 -9.949  1.00 11.23 ? 61  LEU B CD1 1 
ATOM   1344 C CD2 . LEU B 1 61  ? 6.932   -13.440 -10.245 1.00 9.77  ? 61  LEU B CD2 1 
ATOM   1345 N N   . GLU B 1 62  ? 5.128   -13.038 -15.340 1.00 14.47 ? 62  GLU B N   1 
ATOM   1346 C CA  . GLU B 1 62  ? 4.926   -13.561 -16.681 1.00 15.74 ? 62  GLU B CA  1 
ATOM   1347 C C   . GLU B 1 62  ? 6.162   -13.186 -17.505 1.00 11.33 ? 62  GLU B C   1 
ATOM   1348 O O   . GLU B 1 62  ? 6.735   -14.025 -18.192 1.00 12.76 ? 62  GLU B O   1 
ATOM   1349 C CB  . GLU B 1 62  ? 3.658   -12.948 -17.292 1.00 16.28 ? 62  GLU B CB  1 
ATOM   1350 C CG  . GLU B 1 62  ? 3.251   -13.506 -18.645 1.00 22.17 ? 62  GLU B CG  1 
ATOM   1351 C CD  . GLU B 1 62  ? 2.969   -15.000 -18.611 1.00 27.93 ? 62  GLU B CD  1 
ATOM   1352 O OE1 . GLU B 1 62  ? 2.319   -15.472 -17.649 1.00 27.92 ? 62  GLU B OE1 1 
ATOM   1353 O OE2 . GLU B 1 62  ? 3.386   -15.702 -19.557 1.00 30.33 ? 62  GLU B OE2 1 
ATOM   1354 N N   . ASP B 1 63  ? 6.586   -11.931 -17.413 1.00 11.30 ? 63  ASP B N   1 
ATOM   1355 C CA  . ASP B 1 63  ? 7.764   -11.480 -18.160 1.00 11.16 ? 63  ASP B CA  1 
ATOM   1356 C C   . ASP B 1 63  ? 9.049   -12.197 -17.739 1.00 10.36 ? 63  ASP B C   1 
ATOM   1357 O O   . ASP B 1 63  ? 9.900   -12.465 -18.574 1.00 10.79 ? 63  ASP B O   1 
ATOM   1358 C CB  . ASP B 1 63  ? 7.975   -9.972  -18.002 1.00 11.62 ? 63  ASP B CB  1 
ATOM   1359 C CG  . ASP B 1 63  ? 6.892   -9.147  -18.671 1.00 13.99 ? 63  ASP B CG  1 
ATOM   1360 O OD1 . ASP B 1 63  ? 6.035   -9.714  -19.385 1.00 14.26 ? 63  ASP B OD1 1 
ATOM   1361 O OD2 . ASP B 1 63  ? 6.905   -7.915  -18.482 1.00 14.18 ? 63  ASP B OD2 1 
ATOM   1362 N N   . LEU B 1 64  ? 9.199   -12.499 -16.451 1.00 12.04 ? 64  LEU B N   1 
ATOM   1363 C CA  . LEU B 1 64  ? 10.409  -13.174 -15.979 1.00 12.34 ? 64  LEU B CA  1 
ATOM   1364 C C   . LEU B 1 64  ? 10.383  -14.651 -16.373 1.00 14.64 ? 64  LEU B C   1 
ATOM   1365 O O   . LEU B 1 64  ? 11.413  -15.239 -16.721 1.00 13.10 ? 64  LEU B O   1 
ATOM   1366 C CB  . LEU B 1 64  ? 10.537  -13.046 -14.457 1.00 15.17 ? 64  LEU B CB  1 
ATOM   1367 C CG  . LEU B 1 64  ? 10.735  -11.643 -13.860 1.00 15.99 ? 64  LEU B CG  1 
ATOM   1368 C CD1 . LEU B 1 64  ? 10.716  -11.740 -12.343 1.00 17.75 ? 64  LEU B CD1 1 
ATOM   1369 C CD2 . LEU B 1 64  ? 12.060  -11.050 -14.332 1.00 14.17 ? 64  LEU B CD2 1 
ATOM   1370 N N   . ASP B 1 65  ? 9.194   -15.240 -16.327 1.00 14.38 ? 65  ASP B N   1 
ATOM   1371 C CA  . ASP B 1 65  ? 9.032   -16.641 -16.670 1.00 16.24 ? 65  ASP B CA  1 
ATOM   1372 C C   . ASP B 1 65  ? 9.388   -16.858 -18.138 1.00 16.81 ? 65  ASP B C   1 
ATOM   1373 O O   . ASP B 1 65  ? 10.189  -17.730 -18.464 1.00 15.42 ? 65  ASP B O   1 
ATOM   1374 C CB  . ASP B 1 65  ? 7.591   -17.075 -16.421 1.00 19.73 ? 65  ASP B CB  1 
ATOM   1375 C CG  . ASP B 1 65  ? 7.451   -18.573 -16.314 1.00 25.89 ? 65  ASP B CG  1 
ATOM   1376 O OD1 . ASP B 1 65  ? 6.318   -19.077 -16.468 1.00 30.70 ? 65  ASP B OD1 1 
ATOM   1377 O OD2 . ASP B 1 65  ? 8.474   -19.250 -16.065 1.00 27.75 ? 65  ASP B OD2 1 
ATOM   1378 N N   . GLU B 1 66  ? 8.787   -16.061 -19.017 1.00 16.71 ? 66  GLU B N   1 
ATOM   1379 C CA  . GLU B 1 66  ? 9.046   -16.161 -20.451 1.00 17.51 ? 66  GLU B CA  1 
ATOM   1380 C C   . GLU B 1 66  ? 10.523  -15.881 -20.727 1.00 16.75 ? 66  GLU B C   1 
ATOM   1381 O O   . GLU B 1 66  ? 11.101  -16.437 -21.657 1.00 15.75 ? 66  GLU B O   1 
ATOM   1382 C CB  . GLU B 1 66  ? 8.165   -15.168 -21.226 1.00 17.09 ? 66  GLU B CB  1 
ATOM   1383 C CG  . GLU B 1 66  ? 7.969   -15.515 -22.700 1.00 21.63 ? 66  GLU B CG  1 
ATOM   1384 C CD  . GLU B 1 66  ? 6.997   -14.580 -23.399 1.00 24.52 ? 66  GLU B CD  1 
ATOM   1385 O OE1 . GLU B 1 66  ? 5.984   -14.195 -22.768 1.00 23.31 ? 66  GLU B OE1 1 
ATOM   1386 O OE2 . GLU B 1 66  ? 7.236   -14.240 -24.582 1.00 25.99 ? 66  GLU B OE2 1 
ATOM   1387 N N   . THR B 1 67  ? 11.138  -15.023 -19.916 1.00 16.75 ? 67  THR B N   1 
ATOM   1388 C CA  . THR B 1 67  ? 12.559  -14.714 -20.093 1.00 18.26 ? 67  THR B CA  1 
ATOM   1389 C C   . THR B 1 67  ? 13.408  -15.951 -19.794 1.00 20.27 ? 67  THR B C   1 
ATOM   1390 O O   . THR B 1 67  ? 14.289  -16.312 -20.575 1.00 19.74 ? 67  THR B O   1 
ATOM   1391 C CB  . THR B 1 67  ? 13.016  -13.552 -19.175 1.00 18.17 ? 67  THR B CB  1 
ATOM   1392 O OG1 . THR B 1 67  ? 12.341  -12.350 -19.556 1.00 17.89 ? 67  THR B OG1 1 
ATOM   1393 C CG2 . THR B 1 67  ? 14.518  -13.321 -19.302 1.00 18.98 ? 67  THR B CG2 1 
ATOM   1394 N N   . ILE B 1 68  ? 13.135  -16.607 -18.669 1.00 22.55 ? 68  ILE B N   1 
ATOM   1395 C CA  . ILE B 1 68  ? 13.882  -17.805 -18.289 1.00 24.24 ? 68  ILE B CA  1 
ATOM   1396 C C   . ILE B 1 68  ? 13.597  -18.954 -19.252 1.00 24.02 ? 68  ILE B C   1 
ATOM   1397 O O   . ILE B 1 68  ? 14.467  -19.779 -19.518 1.00 22.35 ? 68  ILE B O   1 
ATOM   1398 C CB  . ILE B 1 68  ? 13.534  -18.260 -16.845 1.00 27.59 ? 68  ILE B CB  1 
ATOM   1399 C CG1 . ILE B 1 68  ? 14.091  -17.257 -15.832 1.00 29.48 ? 68  ILE B CG1 1 
ATOM   1400 C CG2 . ILE B 1 68  ? 14.121  -19.642 -16.574 1.00 29.54 ? 68  ILE B CG2 1 
ATOM   1401 C CD1 . ILE B 1 68  ? 13.850  -17.638 -14.382 1.00 30.97 ? 68  ILE B CD1 1 
ATOM   1402 N N   . SER B 1 69  ? 12.373  -19.002 -19.766 1.00 23.50 ? 69  SER B N   1 
ATOM   1403 C CA  . SER B 1 69  ? 11.974  -20.040 -20.701 1.00 25.41 ? 69  SER B CA  1 
ATOM   1404 C C   . SER B 1 69  ? 12.949  -20.067 -21.871 1.00 26.32 ? 69  SER B C   1 
ATOM   1405 O O   . SER B 1 69  ? 13.392  -21.130 -22.302 1.00 25.75 ? 69  SER B O   1 
ATOM   1406 C CB  . SER B 1 69  ? 10.558  -19.768 -21.206 1.00 28.42 ? 69  SER B CB  1 
ATOM   1407 O OG  . SER B 1 69  ? 10.173  -20.714 -22.184 1.00 33.31 ? 69  SER B OG  1 
ATOM   1408 N N   . ILE B 1 70  ? 13.281  -18.882 -22.373 1.00 26.13 ? 70  ILE B N   1 
ATOM   1409 C CA  . ILE B 1 70  ? 14.215  -18.738 -23.485 1.00 25.84 ? 70  ILE B CA  1 
ATOM   1410 C C   . ILE B 1 70  ? 15.602  -19.197 -23.039 1.00 26.92 ? 70  ILE B C   1 
ATOM   1411 O O   . ILE B 1 70  ? 16.277  -19.952 -23.742 1.00 25.50 ? 70  ILE B O   1 
ATOM   1412 C CB  . ILE B 1 70  ? 14.300  -17.264 -23.941 1.00 26.25 ? 70  ILE B CB  1 
ATOM   1413 C CG1 . ILE B 1 70  ? 12.890  -16.730 -24.232 1.00 25.83 ? 70  ILE B CG1 1 
ATOM   1414 C CG2 . ILE B 1 70  ? 15.180  -17.149 -25.180 1.00 25.86 ? 70  ILE B CG2 1 
ATOM   1415 C CD1 . ILE B 1 70  ? 12.828  -15.237 -24.474 1.00 24.20 ? 70  ILE B CD1 1 
ATOM   1416 N N   . VAL B 1 71  ? 16.015  -18.740 -21.858 1.00 27.82 ? 71  VAL B N   1 
ATOM   1417 C CA  . VAL B 1 71  ? 17.313  -19.094 -21.297 1.00 29.88 ? 71  VAL B CA  1 
ATOM   1418 C C   . VAL B 1 71  ? 17.493  -20.607 -21.170 1.00 31.68 ? 71  VAL B C   1 
ATOM   1419 O O   . VAL B 1 71  ? 18.595  -21.120 -21.359 1.00 32.18 ? 71  VAL B O   1 
ATOM   1420 C CB  . VAL B 1 71  ? 17.512  -18.449 -19.908 1.00 30.12 ? 71  VAL B CB  1 
ATOM   1421 C CG1 . VAL B 1 71  ? 18.793  -18.962 -19.267 1.00 30.61 ? 71  VAL B CG1 1 
ATOM   1422 C CG2 . VAL B 1 71  ? 17.572  -16.935 -20.047 1.00 29.11 ? 71  VAL B CG2 1 
ATOM   1423 N N   . GLU B 1 72  ? 16.415  -21.314 -20.847 1.00 33.07 ? 72  GLU B N   1 
ATOM   1424 C CA  . GLU B 1 72  ? 16.474  -22.765 -20.706 1.00 35.34 ? 72  GLU B CA  1 
ATOM   1425 C C   . GLU B 1 72  ? 16.483  -23.444 -22.070 1.00 36.57 ? 72  GLU B C   1 
ATOM   1426 O O   . GLU B 1 72  ? 17.070  -24.511 -22.239 1.00 37.05 ? 72  GLU B O   1 
ATOM   1427 C CB  . GLU B 1 72  ? 15.288  -23.270 -19.873 1.00 36.03 ? 72  GLU B CB  1 
ATOM   1428 C CG  . GLU B 1 72  ? 15.372  -22.898 -18.398 1.00 35.96 ? 72  GLU B CG  1 
ATOM   1429 C CD  . GLU B 1 72  ? 14.189  -23.394 -17.584 1.00 37.77 ? 72  GLU B CD  1 
ATOM   1430 O OE1 . GLU B 1 72  ? 13.049  -22.946 -17.835 1.00 37.70 ? 72  GLU B OE1 1 
ATOM   1431 O OE2 . GLU B 1 72  ? 14.403  -24.237 -16.687 1.00 39.32 ? 72  GLU B OE2 1 
ATOM   1432 N N   . ALA B 1 73  ? 15.837  -22.810 -23.043 1.00 38.71 ? 73  ALA B N   1 
ATOM   1433 C CA  . ALA B 1 73  ? 15.764  -23.344 -24.398 1.00 40.70 ? 73  ALA B CA  1 
ATOM   1434 C C   . ALA B 1 73  ? 17.140  -23.435 -25.054 1.00 42.06 ? 73  ALA B C   1 
ATOM   1435 O O   . ALA B 1 73  ? 17.451  -24.419 -25.724 1.00 42.19 ? 73  ALA B O   1 
ATOM   1436 C CB  . ALA B 1 73  ? 14.843  -22.477 -25.244 1.00 41.13 ? 73  ALA B CB  1 
ATOM   1437 N N   . ASN B 1 74  ? 17.959  -22.404 -24.865 1.00 42.95 ? 74  ASN B N   1 
ATOM   1438 C CA  . ASN B 1 74  ? 19.297  -22.374 -25.446 1.00 43.33 ? 74  ASN B CA  1 
ATOM   1439 C C   . ASN B 1 74  ? 20.185  -23.461 -24.844 1.00 44.28 ? 74  ASN B C   1 
ATOM   1440 O O   . ASN B 1 74  ? 20.730  -24.302 -25.563 1.00 44.46 ? 74  ASN B O   1 
ATOM   1441 C CB  . ASN B 1 74  ? 19.925  -21.005 -25.230 1.00 42.39 ? 74  ASN B CB  1 
ATOM   1442 N N   . ASN B 1 79  ? 25.187  -16.967 -19.609 1.00 35.74 ? 79  ASN B N   1 
ATOM   1443 C CA  . ASN B 1 79  ? 25.977  -17.715 -18.637 1.00 36.55 ? 79  ASN B CA  1 
ATOM   1444 C C   . ASN B 1 79  ? 25.400  -17.551 -17.237 1.00 36.21 ? 79  ASN B C   1 
ATOM   1445 O O   . ASN B 1 79  ? 25.997  -16.987 -16.331 1.00 37.03 ? 79  ASN B O   1 
ATOM   1446 C CB  . ASN B 1 79  ? 27.434  -17.298 -18.678 1.00 36.59 ? 79  ASN B CB  1 
ATOM   1447 C CG  . ASN B 1 79  ? 27.618  -15.853 -18.260 1.00 19.96 ? 79  ASN B CG  1 
ATOM   1448 O OD1 . ASN B 1 79  ? 26.775  -14.995 -18.513 1.00 19.96 ? 79  ASN B OD1 1 
ATOM   1449 N ND2 . ASN B 1 79  ? 28.729  -15.578 -17.594 1.00 19.96 ? 79  ASN B ND2 1 
ATOM   1450 N N   . LEU B 1 80  ? 24.180  -18.106 -17.106 1.00 34.61 ? 80  LEU B N   1 
ATOM   1451 C CA  . LEU B 1 80  ? 23.450  -18.151 -15.859 1.00 32.73 ? 80  LEU B CA  1 
ATOM   1452 C C   . LEU B 1 80  ? 23.699  -19.527 -15.250 1.00 31.11 ? 80  LEU B C   1 
ATOM   1453 O O   . LEU B 1 80  ? 23.360  -20.577 -15.815 1.00 30.20 ? 80  LEU B O   1 
ATOM   1454 C CB  . LEU B 1 80  ? 21.949  -17.925 -16.051 1.00 33.80 ? 80  LEU B CB  1 
ATOM   1455 C CG  . LEU B 1 80  ? 21.092  -17.807 -14.770 1.00 35.49 ? 80  LEU B CG  1 
ATOM   1456 C CD1 . LEU B 1 80  ? 21.536  -16.608 -13.952 1.00 35.39 ? 80  LEU B CD1 1 
ATOM   1457 C CD2 . LEU B 1 80  ? 19.609  -17.697 -15.106 1.00 36.85 ? 80  LEU B CD2 1 
ATOM   1458 N N   . ASP B 1 81  ? 24.294  -19.462 -14.077 1.00 28.86 ? 81  ASP B N   1 
ATOM   1459 C CA  . ASP B 1 81  ? 24.609  -20.619 -13.279 1.00 28.53 ? 81  ASP B CA  1 
ATOM   1460 C C   . ASP B 1 81  ? 23.355  -21.406 -13.005 1.00 27.41 ? 81  ASP B C   1 
ATOM   1461 O O   . ASP B 1 81  ? 22.299  -20.835 -12.717 1.00 24.99 ? 81  ASP B O   1 
ATOM   1462 C CB  . ASP B 1 81  ? 25.279  -20.217 -11.974 1.00 29.87 ? 81  ASP B CB  1 
ATOM   1463 C CG  . ASP B 1 81  ? 26.543  -19.411 -12.158 1.00 30.50 ? 81  ASP B CG  1 
ATOM   1464 O OD1 . ASP B 1 81  ? 27.234  -19.598 -13.183 1.00 32.33 ? 81  ASP B OD1 1 
ATOM   1465 O OD2 . ASP B 1 81  ? 26.852  -18.601 -11.265 1.00 32.78 ? 81  ASP B OD2 1 
ATOM   1466 N N   . ALA B 1 82  ? 23.480  -22.729 -13.072 1.00 24.99 ? 82  ALA B N   1 
ATOM   1467 C CA  . ALA B 1 82  ? 22.374  -23.640 -12.814 1.00 23.72 ? 82  ALA B CA  1 
ATOM   1468 C C   . ALA B 1 82  ? 21.718  -23.416 -11.450 1.00 23.96 ? 82  ALA B C   1 
ATOM   1469 O O   . ALA B 1 82  ? 20.508  -23.575 -11.311 1.00 23.70 ? 82  ALA B O   1 
ATOM   1470 C CB  . ALA B 1 82  ? 22.857  -25.074 -12.928 1.00 23.61 ? 82  ALA B CB  1 
ATOM   1471 N N   . THR B 1 83  ? 22.511  -23.053 -10.442 1.00 23.50 ? 83  THR B N   1 
ATOM   1472 C CA  . THR B 1 83  ? 21.964  -22.811 -9.107  1.00 23.36 ? 83  THR B CA  1 
ATOM   1473 C C   . THR B 1 83  ? 21.129  -21.532 -9.044  1.00 23.39 ? 83  THR B C   1 
ATOM   1474 O O   . THR B 1 83  ? 20.094  -21.494 -8.377  1.00 22.63 ? 83  THR B O   1 
ATOM   1475 C CB  . THR B 1 83  ? 23.078  -22.742 -8.028  1.00 22.82 ? 83  THR B CB  1 
ATOM   1476 O OG1 . THR B 1 83  ? 24.144  -21.896 -8.477  1.00 20.06 ? 83  THR B OG1 1 
ATOM   1477 C CG2 . THR B 1 83  ? 23.607  -24.140 -7.732  1.00 20.35 ? 83  THR B CG2 1 
ATOM   1478 N N   . GLU B 1 84  ? 21.586  -20.490 -9.733  1.00 23.84 ? 84  GLU B N   1 
ATOM   1479 C CA  . GLU B 1 84  ? 20.869  -19.216 -9.772  1.00 24.84 ? 84  GLU B CA  1 
ATOM   1480 C C   . GLU B 1 84  ? 19.570  -19.407 -10.555 1.00 24.47 ? 84  GLU B C   1 
ATOM   1481 O O   . GLU B 1 84  ? 18.548  -18.796 -10.245 1.00 24.62 ? 84  GLU B O   1 
ATOM   1482 C CB  . GLU B 1 84  ? 21.728  -18.146 -10.455 1.00 25.98 ? 84  GLU B CB  1 
ATOM   1483 C CG  . GLU B 1 84  ? 21.009  -16.826 -10.738 1.00 26.46 ? 84  GLU B CG  1 
ATOM   1484 C CD  . GLU B 1 84  ? 20.558  -16.112 -9.474  1.00 29.29 ? 84  GLU B CD  1 
ATOM   1485 O OE1 . GLU B 1 84  ? 20.982  -16.527 -8.374  1.00 30.96 ? 84  GLU B OE1 1 
ATOM   1486 O OE2 . GLU B 1 84  ? 19.788  -15.127 -9.580  1.00 27.47 ? 84  GLU B OE2 1 
ATOM   1487 N N   . LEU B 1 85  ? 19.623  -20.254 -11.576 1.00 23.25 ? 85  LEU B N   1 
ATOM   1488 C CA  . LEU B 1 85  ? 18.450  -20.537 -12.398 1.00 22.50 ? 85  LEU B CA  1 
ATOM   1489 C C   . LEU B 1 85  ? 17.373  -21.233 -11.564 1.00 22.24 ? 85  LEU B C   1 
ATOM   1490 O O   . LEU B 1 85  ? 16.176  -20.964 -11.725 1.00 22.01 ? 85  LEU B O   1 
ATOM   1491 C CB  . LEU B 1 85  ? 18.848  -21.413 -13.588 1.00 22.27 ? 85  LEU B CB  1 
ATOM   1492 C CG  . LEU B 1 85  ? 17.737  -21.957 -14.494 1.00 23.39 ? 85  LEU B CG  1 
ATOM   1493 C CD1 . LEU B 1 85  ? 16.840  -20.830 -14.959 1.00 21.76 ? 85  LEU B CD1 1 
ATOM   1494 C CD2 . LEU B 1 85  ? 18.365  -22.668 -15.686 1.00 25.23 ? 85  LEU B CD2 1 
ATOM   1495 N N   . SER B 1 86  ? 17.801  -22.121 -10.670 1.00 20.14 ? 86  SER B N   1 
ATOM   1496 C CA  . SER B 1 86  ? 16.863  -22.831 -9.806  1.00 20.14 ? 86  SER B CA  1 
ATOM   1497 C C   . SER B 1 86  ? 16.232  -21.849 -8.820  1.00 19.76 ? 86  SER B C   1 
ATOM   1498 O O   . SER B 1 86  ? 15.034  -21.920 -8.536  1.00 17.96 ? 86  SER B O   1 
ATOM   1499 C CB  . SER B 1 86  ? 17.574  -23.949 -9.034  1.00 18.13 ? 86  SER B CB  1 
ATOM   1500 O OG  . SER B 1 86  ? 18.070  -24.949 -9.907  1.00 22.19 ? 86  SER B OG  1 
ATOM   1501 N N   . ILE B 1 87  ? 17.045  -20.937 -8.299  1.00 19.99 ? 87  ILE B N   1 
ATOM   1502 C CA  . ILE B 1 87  ? 16.565  -19.947 -7.345  1.00 21.58 ? 87  ILE B CA  1 
ATOM   1503 C C   . ILE B 1 87  ? 15.535  -19.015 -7.984  1.00 21.13 ? 87  ILE B C   1 
ATOM   1504 O O   . ILE B 1 87  ? 14.521  -18.691 -7.375  1.00 19.52 ? 87  ILE B O   1 
ATOM   1505 C CB  . ILE B 1 87  ? 17.736  -19.118 -6.777  1.00 22.67 ? 87  ILE B CB  1 
ATOM   1506 C CG1 . ILE B 1 87  ? 18.645  -20.025 -5.940  1.00 23.40 ? 87  ILE B CG1 1 
ATOM   1507 C CG2 . ILE B 1 87  ? 17.208  -17.967 -5.941  1.00 21.99 ? 87  ILE B CG2 1 
ATOM   1508 C CD1 . ILE B 1 87  ? 19.967  -19.391 -5.550  1.00 24.04 ? 87  ILE B CD1 1 
ATOM   1509 N N   . ARG B 1 88  ? 15.787  -18.599 -9.220  1.00 21.04 ? 88  ARG B N   1 
ATOM   1510 C CA  . ARG B 1 88  ? 14.860  -17.711 -9.907  1.00 20.32 ? 88  ARG B CA  1 
ATOM   1511 C C   . ARG B 1 88  ? 13.543  -18.420 -10.204 1.00 19.65 ? 88  ARG B C   1 
ATOM   1512 O O   . ARG B 1 88  ? 12.472  -17.862 -9.982  1.00 18.44 ? 88  ARG B O   1 
ATOM   1513 C CB  . ARG B 1 88  ? 15.495  -17.178 -11.194 1.00 20.32 ? 88  ARG B CB  1 
ATOM   1514 C CG  . ARG B 1 88  ? 16.727  -16.328 -10.928 1.00 18.48 ? 88  ARG B CG  1 
ATOM   1515 C CD  . ARG B 1 88  ? 17.264  -15.677 -12.187 1.00 19.06 ? 88  ARG B CD  1 
ATOM   1516 N NE  . ARG B 1 88  ? 18.480  -14.915 -11.911 1.00 18.21 ? 88  ARG B NE  1 
ATOM   1517 C CZ  . ARG B 1 88  ? 19.107  -14.161 -12.807 1.00 18.38 ? 88  ARG B CZ  1 
ATOM   1518 N NH1 . ARG B 1 88  ? 18.634  -14.062 -14.042 1.00 16.55 ? 88  ARG B NH1 1 
ATOM   1519 N NH2 . ARG B 1 88  ? 20.207  -13.506 -12.469 1.00 19.00 ? 88  ARG B NH2 1 
ATOM   1520 N N   . LYS B 1 89  ? 13.622  -19.654 -10.696 1.00 18.85 ? 89  LYS B N   1 
ATOM   1521 C CA  . LYS B 1 89  ? 12.421  -20.413 -10.998 1.00 19.50 ? 89  LYS B CA  1 
ATOM   1522 C C   . LYS B 1 89  ? 11.563  -20.599 -9.747  1.00 18.95 ? 89  LYS B C   1 
ATOM   1523 O O   . LYS B 1 89  ? 10.338  -20.501 -9.812  1.00 17.58 ? 89  LYS B O   1 
ATOM   1524 C CB  . LYS B 1 89  ? 12.787  -21.772 -11.604 1.00 19.14 ? 89  LYS B CB  1 
ATOM   1525 C CG  . LYS B 1 89  ? 13.390  -21.665 -13.003 1.00 20.34 ? 89  LYS B CG  1 
ATOM   1526 C CD  . LYS B 1 89  ? 13.861  -23.016 -13.535 1.00 23.52 ? 89  LYS B CD  1 
ATOM   1527 C CE  . LYS B 1 89  ? 12.698  -23.982 -13.713 1.00 24.00 ? 89  LYS B CE  1 
ATOM   1528 N NZ  . LYS B 1 89  ? 11.629  -23.395 -14.577 1.00 24.45 ? 89  LYS B NZ  1 
ATOM   1529 N N   . ALA B 1 90  ? 12.210  -20.851 -8.609  1.00 18.93 ? 90  ALA B N   1 
ATOM   1530 C CA  . ALA B 1 90  ? 11.498  -21.043 -7.346  1.00 17.42 ? 90  ALA B CA  1 
ATOM   1531 C C   . ALA B 1 90  ? 10.826  -19.748 -6.901  1.00 17.34 ? 90  ALA B C   1 
ATOM   1532 O O   . ALA B 1 90  ? 9.737   -19.773 -6.332  1.00 17.13 ? 90  ALA B O   1 
ATOM   1533 C CB  . ALA B 1 90  ? 12.464  -21.534 -6.260  1.00 18.59 ? 90  ALA B CB  1 
ATOM   1534 N N   . PHE B 1 91  ? 11.490  -18.621 -7.147  1.00 16.39 ? 91  PHE B N   1 
ATOM   1535 C CA  . PHE B 1 91  ? 10.954  -17.307 -6.792  1.00 16.72 ? 91  PHE B CA  1 
ATOM   1536 C C   . PHE B 1 91  ? 9.661   -17.063 -7.568  1.00 16.38 ? 91  PHE B C   1 
ATOM   1537 O O   . PHE B 1 91  ? 8.664   -16.592 -7.020  1.00 17.39 ? 91  PHE B O   1 
ATOM   1538 C CB  . PHE B 1 91  ? 11.959  -16.210 -7.152  1.00 14.91 ? 91  PHE B CB  1 
ATOM   1539 C CG  . PHE B 1 91  ? 11.408  -14.821 -7.031  1.00 14.94 ? 91  PHE B CG  1 
ATOM   1540 C CD1 . PHE B 1 91  ? 11.207  -14.244 -5.781  1.00 16.92 ? 91  PHE B CD1 1 
ATOM   1541 C CD2 . PHE B 1 91  ? 11.064  -14.095 -8.166  1.00 16.38 ? 91  PHE B CD2 1 
ATOM   1542 C CE1 . PHE B 1 91  ? 10.671  -12.966 -5.665  1.00 16.84 ? 91  PHE B CE1 1 
ATOM   1543 C CE2 . PHE B 1 91  ? 10.525  -12.814 -8.057  1.00 15.30 ? 91  PHE B CE2 1 
ATOM   1544 C CZ  . PHE B 1 91  ? 10.329  -12.250 -6.806  1.00 17.03 ? 91  PHE B CZ  1 
ATOM   1545 N N   . ILE B 1 92  ? 9.710   -17.374 -8.857  1.00 15.39 ? 92  ILE B N   1 
ATOM   1546 C CA  . ILE B 1 92  ? 8.573   -17.210 -9.750  1.00 15.51 ? 92  ILE B CA  1 
ATOM   1547 C C   . ILE B 1 92  ? 7.441   -18.124 -9.304  1.00 16.33 ? 92  ILE B C   1 
ATOM   1548 O O   . ILE B 1 92  ? 6.310   -17.678 -9.107  1.00 16.11 ? 92  ILE B O   1 
ATOM   1549 C CB  . ILE B 1 92  ? 8.958   -17.572 -11.210 1.00 14.04 ? 92  ILE B CB  1 
ATOM   1550 C CG1 . ILE B 1 92  ? 9.978   -16.558 -11.745 1.00 15.14 ? 92  ILE B CG1 1 
ATOM   1551 C CG2 . ILE B 1 92  ? 7.707   -17.609 -12.094 1.00 16.54 ? 92  ILE B CG2 1 
ATOM   1552 C CD1 . ILE B 1 92  ? 10.465  -16.846 -13.150 1.00 11.71 ? 92  ILE B CD1 1 
ATOM   1553 N N   . THR B 1 93  ? 7.767   -19.404 -9.143  1.00 15.33 ? 93  THR B N   1 
ATOM   1554 C CA  . THR B 1 93  ? 6.797   -20.411 -8.740  1.00 16.12 ? 93  THR B CA  1 
ATOM   1555 C C   . THR B 1 93  ? 6.164   -20.127 -7.386  1.00 15.89 ? 93  THR B C   1 
ATOM   1556 O O   . THR B 1 93  ? 4.952   -20.270 -7.226  1.00 15.47 ? 93  THR B O   1 
ATOM   1557 C CB  . THR B 1 93  ? 7.441   -21.815 -8.703  1.00 15.78 ? 93  THR B CB  1 
ATOM   1558 O OG1 . THR B 1 93  ? 7.983   -22.120 -9.992  1.00 18.46 ? 93  THR B OG1 1 
ATOM   1559 C CG2 . THR B 1 93  ? 6.411   -22.873 -8.344  1.00 14.69 ? 93  THR B CG2 1 
ATOM   1560 N N   . SER B 1 94  ? 6.976   -19.727 -6.412  1.00 15.29 ? 94  SER B N   1 
ATOM   1561 C CA  . SER B 1 94  ? 6.453   -19.445 -5.083  1.00 16.94 ? 94  SER B CA  1 
ATOM   1562 C C   . SER B 1 94  ? 5.602   -18.175 -5.078  1.00 15.75 ? 94  SER B C   1 
ATOM   1563 O O   . SER B 1 94  ? 4.515   -18.154 -4.508  1.00 15.24 ? 94  SER B O   1 
ATOM   1564 C CB  . SER B 1 94  ? 7.598   -19.323 -4.072  1.00 19.06 ? 94  SER B CB  1 
ATOM   1565 O OG  . SER B 1 94  ? 8.463   -18.254 -4.413  1.00 22.92 ? 94  SER B OG  1 
ATOM   1566 N N   . THR B 1 95  ? 6.094   -17.123 -5.720  1.00 15.29 ? 95  THR B N   1 
ATOM   1567 C CA  . THR B 1 95  ? 5.355   -15.871 -5.768  1.00 14.67 ? 95  THR B CA  1 
ATOM   1568 C C   . THR B 1 95  ? 4.038   -16.057 -6.518  1.00 14.10 ? 95  THR B C   1 
ATOM   1569 O O   . THR B 1 95  ? 3.017   -15.472 -6.146  1.00 12.17 ? 95  THR B O   1 
ATOM   1570 C CB  . THR B 1 95  ? 6.199   -14.753 -6.410  1.00 16.29 ? 95  THR B CB  1 
ATOM   1571 O OG1 . THR B 1 95  ? 7.430   -14.611 -5.685  1.00 13.68 ? 95  THR B OG1 1 
ATOM   1572 C CG2 . THR B 1 95  ? 5.455   -13.430 -6.357  1.00 15.76 ? 95  THR B CG2 1 
ATOM   1573 N N   . ARG B 1 96  ? 4.050   -16.885 -7.561  1.00 13.95 ? 96  ARG B N   1 
ATOM   1574 C CA  . ARG B 1 96  ? 2.823   -17.147 -8.303  1.00 14.01 ? 96  ARG B CA  1 
ATOM   1575 C C   . ARG B 1 96  ? 1.776   -17.784 -7.386  1.00 13.67 ? 96  ARG B C   1 
ATOM   1576 O O   . ARG B 1 96  ? 0.623   -17.352 -7.368  1.00 11.99 ? 96  ARG B O   1 
ATOM   1577 C CB  . ARG B 1 96  ? 3.091   -18.055 -9.505  1.00 13.29 ? 96  ARG B CB  1 
ATOM   1578 C CG  . ARG B 1 96  ? 3.277   -17.262 -10.787 1.00 16.72 ? 96  ARG B CG  1 
ATOM   1579 C CD  . ARG B 1 96  ? 3.584   -18.130 -11.987 1.00 18.81 ? 96  ARG B CD  1 
ATOM   1580 N NE  . ARG B 1 96  ? 3.550   -17.328 -13.202 1.00 21.70 ? 96  ARG B NE  1 
ATOM   1581 C CZ  . ARG B 1 96  ? 4.101   -17.688 -14.354 1.00 24.82 ? 96  ARG B CZ  1 
ATOM   1582 N NH1 . ARG B 1 96  ? 4.743   -18.849 -14.454 1.00 25.98 ? 96  ARG B NH1 1 
ATOM   1583 N NH2 . ARG B 1 96  ? 4.010   -16.888 -15.405 1.00 21.98 ? 96  ARG B NH2 1 
ATOM   1584 N N   . GLN B 1 97  ? 2.189   -18.797 -6.622  1.00 11.62 ? 97  GLN B N   1 
ATOM   1585 C CA  . GLN B 1 97  ? 1.291   -19.484 -5.684  1.00 11.97 ? 97  GLN B CA  1 
ATOM   1586 C C   . GLN B 1 97  ? 0.754   -18.533 -4.613  1.00 11.62 ? 97  GLN B C   1 
ATOM   1587 O O   . GLN B 1 97  ? -0.390  -18.644 -4.195  1.00 12.89 ? 97  GLN B O   1 
ATOM   1588 C CB  . GLN B 1 97  ? 2.018   -20.641 -4.993  1.00 11.83 ? 97  GLN B CB  1 
ATOM   1589 C CG  . GLN B 1 97  ? 1.117   -21.474 -4.087  1.00 12.86 ? 97  GLN B CG  1 
ATOM   1590 C CD  . GLN B 1 97  ? 0.060   -22.239 -4.861  1.00 14.92 ? 97  GLN B CD  1 
ATOM   1591 O OE1 . GLN B 1 97  ? 0.370   -23.165 -5.603  1.00 18.45 ? 97  GLN B OE1 1 
ATOM   1592 N NE2 . GLN B 1 97  ? -1.195  -21.849 -4.698  1.00 17.56 ? 97  GLN B NE2 1 
ATOM   1593 N N   . ILE B 1 98  ? 1.599   -17.623 -4.140  1.00 12.72 ? 98  ILE B N   1 
ATOM   1594 C CA  . ILE B 1 98  ? 1.183   -16.654 -3.131  1.00 12.56 ? 98  ILE B CA  1 
ATOM   1595 C C   . ILE B 1 98  ? 0.032   -15.797 -3.684  1.00 14.62 ? 98  ILE B C   1 
ATOM   1596 O O   . ILE B 1 98  ? -0.949  -15.521 -2.982  1.00 13.24 ? 98  ILE B O   1 
ATOM   1597 C CB  . ILE B 1 98  ? 2.385   -15.755 -2.724  1.00 13.84 ? 98  ILE B CB  1 
ATOM   1598 C CG1 . ILE B 1 98  ? 3.353   -16.569 -1.860  1.00 13.78 ? 98  ILE B CG1 1 
ATOM   1599 C CG2 . ILE B 1 98  ? 1.904   -14.502 -2.001  1.00 12.27 ? 98  ILE B CG2 1 
ATOM   1600 C CD1 . ILE B 1 98  ? 4.681   -15.877 -1.572  1.00 15.40 ? 98  ILE B CD1 1 
ATOM   1601 N N   . VAL B 1 99  ? 0.154   -15.393 -4.947  1.00 14.37 ? 99  VAL B N   1 
ATOM   1602 C CA  . VAL B 1 99  ? -0.869  -14.582 -5.605  1.00 14.48 ? 99  VAL B CA  1 
ATOM   1603 C C   . VAL B 1 99  ? -2.136  -15.406 -5.852  1.00 16.02 ? 99  VAL B C   1 
ATOM   1604 O O   . VAL B 1 99  ? -3.255  -14.939 -5.622  1.00 14.07 ? 99  VAL B O   1 
ATOM   1605 C CB  . VAL B 1 99  ? -0.378  -14.046 -6.974  1.00 14.93 ? 99  VAL B CB  1 
ATOM   1606 C CG1 . VAL B 1 99  ? -1.546  -13.389 -7.733  1.00 15.25 ? 99  VAL B CG1 1 
ATOM   1607 C CG2 . VAL B 1 99  ? 0.748   -13.054 -6.777  1.00 14.57 ? 99  VAL B CG2 1 
ATOM   1608 N N   . ARG B 1 100 ? -1.948  -16.631 -6.331  1.00 17.02 ? 100 ARG B N   1 
ATOM   1609 C CA  . ARG B 1 100 ? -3.064  -17.513 -6.628  1.00 17.66 ? 100 ARG B CA  1 
ATOM   1610 C C   . ARG B 1 100 ? -3.904  -17.772 -5.378  1.00 17.54 ? 100 ARG B C   1 
ATOM   1611 O O   . ARG B 1 100 ? -5.133  -17.771 -5.444  1.00 14.64 ? 100 ARG B O   1 
ATOM   1612 C CB  . ARG B 1 100 ? -2.553  -18.839 -7.195  1.00 18.93 ? 100 ARG B CB  1 
ATOM   1613 C CG  . ARG B 1 100 ? -3.612  -19.630 -7.945  1.00 25.80 ? 100 ARG B CG  1 
ATOM   1614 C CD  . ARG B 1 100 ? -3.040  -20.916 -8.536  1.00 33.51 ? 100 ARG B CD  1 
ATOM   1615 N NE  . ARG B 1 100 ? -1.868  -20.676 -9.381  1.00 38.87 ? 100 ARG B NE  1 
ATOM   1616 C CZ  . ARG B 1 100 ? -1.870  -19.946 -10.497 1.00 40.64 ? 100 ARG B CZ  1 
ATOM   1617 N NH1 . ARG B 1 100 ? -2.989  -19.373 -10.923 1.00 42.77 ? 100 ARG B NH1 1 
ATOM   1618 N NH2 . ARG B 1 100 ? -0.745  -19.786 -11.186 1.00 41.65 ? 100 ARG B NH2 1 
ATOM   1619 N N   . ASP B 1 101 ? -3.238  -17.991 -4.246  1.00 16.30 ? 101 ASP B N   1 
ATOM   1620 C CA  . ASP B 1 101 ? -3.943  -18.251 -2.998  1.00 17.79 ? 101 ASP B CA  1 
ATOM   1621 C C   . ASP B 1 101 ? -4.790  -17.052 -2.571  1.00 17.46 ? 101 ASP B C   1 
ATOM   1622 O O   . ASP B 1 101 ? -5.930  -17.224 -2.146  1.00 18.30 ? 101 ASP B O   1 
ATOM   1623 C CB  . ASP B 1 101 ? -2.961  -18.630 -1.881  1.00 19.16 ? 101 ASP B CB  1 
ATOM   1624 C CG  . ASP B 1 101 ? -2.375  -20.030 -2.056  1.00 18.79 ? 101 ASP B CG  1 
ATOM   1625 O OD1 . ASP B 1 101 ? -3.056  -20.908 -2.621  1.00 18.74 ? 101 ASP B OD1 1 
ATOM   1626 O OD2 . ASP B 1 101 ? -1.237  -20.258 -1.605  1.00 18.89 ? 101 ASP B OD2 1 
ATOM   1627 N N   . MET B 1 102 ? -4.238  -15.845 -2.679  1.00 15.61 ? 102 MET B N   1 
ATOM   1628 C CA  . MET B 1 102 ? -4.988  -14.645 -2.322  1.00 14.46 ? 102 MET B CA  1 
ATOM   1629 C C   . MET B 1 102 ? -6.162  -14.472 -3.286  1.00 13.30 ? 102 MET B C   1 
ATOM   1630 O O   . MET B 1 102 ? -7.263  -14.101 -2.878  1.00 13.30 ? 102 MET B O   1 
ATOM   1631 C CB  . MET B 1 102 ? -4.097  -13.391 -2.378  1.00 14.54 ? 102 MET B CB  1 
ATOM   1632 C CG  . MET B 1 102 ? -3.165  -13.213 -1.191  1.00 14.99 ? 102 MET B CG  1 
ATOM   1633 S SD  . MET B 1 102 ? -2.347  -11.597 -1.165  1.00 16.50 ? 102 MET B SD  1 
ATOM   1634 C CE  . MET B 1 102 ? -0.830  -11.972 -2.058  1.00 16.27 ? 102 MET B CE  1 
ATOM   1635 N N   . LYS B 1 103 ? -5.924  -14.739 -4.567  1.00 12.92 ? 103 LYS B N   1 
ATOM   1636 C CA  . LYS B 1 103 ? -6.974  -14.600 -5.573  1.00 14.75 ? 103 LYS B CA  1 
ATOM   1637 C C   . LYS B 1 103 ? -8.113  -15.560 -5.274  1.00 14.98 ? 103 LYS B C   1 
ATOM   1638 O O   . LYS B 1 103 ? -9.280  -15.175 -5.304  1.00 12.79 ? 103 LYS B O   1 
ATOM   1639 C CB  . LYS B 1 103 ? -6.416  -14.851 -6.983  1.00 16.37 ? 103 LYS B CB  1 
ATOM   1640 C CG  . LYS B 1 103 ? -5.530  -13.719 -7.495  1.00 18.17 ? 103 LYS B CG  1 
ATOM   1641 C CD  . LYS B 1 103 ? -4.881  -14.036 -8.833  1.00 21.95 ? 103 LYS B CD  1 
ATOM   1642 C CE  . LYS B 1 103 ? -5.896  -14.132 -9.960  1.00 24.87 ? 103 LYS B CE  1 
ATOM   1643 N NZ  . LYS B 1 103 ? -6.588  -12.839 -10.178 1.00 28.21 ? 103 LYS B NZ  1 
ATOM   1644 N N   . ASP B 1 104 ? -7.768  -16.805 -4.973  1.00 16.21 ? 104 ASP B N   1 
ATOM   1645 C CA  . ASP B 1 104 ? -8.778  -17.802 -4.661  1.00 19.74 ? 104 ASP B CA  1 
ATOM   1646 C C   . ASP B 1 104 ? -9.525  -17.397 -3.396  1.00 19.48 ? 104 ASP B C   1 
ATOM   1647 O O   . ASP B 1 104 ? -10.727 -17.601 -3.295  1.00 19.89 ? 104 ASP B O   1 
ATOM   1648 C CB  . ASP B 1 104 ? -8.145  -19.185 -4.477  1.00 20.51 ? 104 ASP B CB  1 
ATOM   1649 C CG  . ASP B 1 104 ? -7.574  -19.745 -5.770  1.00 21.94 ? 104 ASP B CG  1 
ATOM   1650 O OD1 . ASP B 1 104 ? -8.026  -19.326 -6.857  1.00 22.12 ? 104 ASP B OD1 1 
ATOM   1651 O OD2 . ASP B 1 104 ? -6.685  -20.618 -5.696  1.00 23.18 ? 104 ASP B OD2 1 
ATOM   1652 N N   . GLN B 1 105 ? -8.813  -16.824 -2.431  1.00 21.73 ? 105 GLN B N   1 
ATOM   1653 C CA  . GLN B 1 105 ? -9.457  -16.393 -1.191  1.00 23.46 ? 105 GLN B CA  1 
ATOM   1654 C C   . GLN B 1 105 ? -10.496 -15.328 -1.502  1.00 21.91 ? 105 GLN B C   1 
ATOM   1655 O O   . GLN B 1 105 ? -11.590 -15.326 -0.940  1.00 22.46 ? 105 GLN B O   1 
ATOM   1656 C CB  . GLN B 1 105 ? -8.429  -15.824 -0.208  1.00 27.54 ? 105 GLN B CB  1 
ATOM   1657 C CG  . GLN B 1 105 ? -7.556  -16.864 0.462   1.00 33.29 ? 105 GLN B CG  1 
ATOM   1658 C CD  . GLN B 1 105 ? -8.362  -17.822 1.311   1.00 37.97 ? 105 GLN B CD  1 
ATOM   1659 O OE1 . GLN B 1 105 ? -9.084  -17.404 2.218   1.00 41.25 ? 105 GLN B OE1 1 
ATOM   1660 N NE2 . GLN B 1 105 ? -8.245  -19.117 1.023   1.00 39.43 ? 105 GLN B NE2 1 
ATOM   1661 N N   . MET B 1 106 ? -10.148 -14.423 -2.410  1.00 21.85 ? 106 MET B N   1 
ATOM   1662 C CA  . MET B 1 106 ? -11.054 -13.354 -2.787  1.00 21.09 ? 106 MET B CA  1 
ATOM   1663 C C   . MET B 1 106 ? -12.323 -13.880 -3.448  1.00 21.46 ? 106 MET B C   1 
ATOM   1664 O O   . MET B 1 106 ? -13.419 -13.421 -3.143  1.00 20.05 ? 106 MET B O   1 
ATOM   1665 C CB  . MET B 1 106 ? -10.338 -12.364 -3.706  1.00 20.43 ? 106 MET B CB  1 
ATOM   1666 C CG  . MET B 1 106 ? -9.303  -11.504 -2.976  1.00 20.16 ? 106 MET B CG  1 
ATOM   1667 S SD  . MET B 1 106 ? -8.519  -10.287 -4.044  1.00 17.96 ? 106 MET B SD  1 
ATOM   1668 C CE  . MET B 1 106 ? -9.771  -8.982  -4.082  1.00 22.20 ? 106 MET B CE  1 
ATOM   1669 N N   . SER B 1 107 ? -12.178 -14.845 -4.349  1.00 22.02 ? 107 SER B N   1 
ATOM   1670 C CA  . SER B 1 107 ? -13.337 -15.419 -5.027  1.00 22.74 ? 107 SER B CA  1 
ATOM   1671 C C   . SER B 1 107 ? -14.205 -16.147 -4.003  1.00 22.33 ? 107 SER B C   1 
ATOM   1672 O O   . SER B 1 107 ? -15.426 -16.048 -4.030  1.00 23.17 ? 107 SER B O   1 
ATOM   1673 C CB  . SER B 1 107 ? -12.892 -16.406 -6.111  1.00 22.89 ? 107 SER B CB  1 
ATOM   1674 O OG  . SER B 1 107 ? -12.054 -15.781 -7.065  1.00 26.03 ? 107 SER B OG  1 
ATOM   1675 N N   . ALA B 1 108 ? -13.557 -16.878 -3.100  1.00 22.78 ? 108 ALA B N   1 
ATOM   1676 C CA  . ALA B 1 108 ? -14.257 -17.634 -2.061  1.00 24.21 ? 108 ALA B CA  1 
ATOM   1677 C C   . ALA B 1 108 ? -15.126 -16.725 -1.185  1.00 25.27 ? 108 ALA B C   1 
ATOM   1678 O O   . ALA B 1 108 ? -16.230 -17.098 -0.769  1.00 23.51 ? 108 ALA B O   1 
ATOM   1679 C CB  . ALA B 1 108 ? -13.241 -18.373 -1.192  1.00 20.97 ? 108 ALA B CB  1 
ATOM   1680 N N   . SER B 1 109 ? -14.617 -15.529 -0.911  1.00 25.18 ? 109 SER B N   1 
ATOM   1681 C CA  . SER B 1 109 ? -15.326 -14.567 -0.084  1.00 27.42 ? 109 SER B CA  1 
ATOM   1682 C C   . SER B 1 109 ? -15.938 -13.451 -0.917  1.00 28.01 ? 109 SER B C   1 
ATOM   1683 O O   . SER B 1 109 ? -15.908 -12.287 -0.531  1.00 29.69 ? 109 SER B O   1 
ATOM   1684 C CB  . SER B 1 109 ? -14.377 -13.985 0.965   1.00 25.22 ? 109 SER B CB  1 
ATOM   1685 O OG  . SER B 1 109 ? -13.943 -14.995 1.856   1.00 26.07 ? 109 SER B OG  1 
ATOM   1686 N N   . SER B 1 110 ? -16.499 -13.816 -2.063  1.00 29.89 ? 110 SER B N   1 
ATOM   1687 C CA  . SER B 1 110 ? -17.127 -12.846 -2.944  1.00 31.38 ? 110 SER B CA  1 
ATOM   1688 C C   . SER B 1 110 ? -18.437 -13.415 -3.484  1.00 33.06 ? 110 SER B C   1 
ATOM   1689 O O   . SER B 1 110 ? -19.487 -12.759 -3.306  1.00 34.52 ? 110 SER B O   1 
ATOM   1690 C CB  . SER B 1 110 ? -16.186 -12.496 -4.098  1.00 31.81 ? 110 SER B CB  1 
ATOM   1691 O OG  . SER B 1 110 ? -16.634 -11.339 -4.785  1.00 33.29 ? 110 SER B OG  1 
ATOM   1692 O OXT . SER B 1 110 ? -18.400 -14.515 -4.076  1.00 32.83 ? 110 SER B OXT 1 
HETATM 1693 O O   . HOH C 2 .   ? -9.140  20.189  14.875  1.00 20.31 ? 111 HOH A O   1 
HETATM 1694 O O   . HOH C 2 .   ? -1.510  11.149  0.679   1.00 15.86 ? 112 HOH A O   1 
HETATM 1695 O O   . HOH C 2 .   ? -12.578 15.331  11.522  1.00 28.29 ? 113 HOH A O   1 
HETATM 1696 O O   . HOH C 2 .   ? -13.391 17.871  5.492   1.00 23.75 ? 114 HOH A O   1 
HETATM 1697 O O   . HOH C 2 .   ? -3.715  4.925   13.803  1.00 18.27 ? 115 HOH A O   1 
HETATM 1698 O O   . HOH C 2 .   ? 6.974   14.400  9.763   1.00 26.20 ? 116 HOH A O   1 
HETATM 1699 O O   . HOH C 2 .   ? -0.002  -9.818  5.842   1.00 14.39 ? 117 HOH A O   1 
HETATM 1700 O O   . HOH C 2 .   ? -15.169 19.789  4.451   1.00 34.11 ? 118 HOH A O   1 
HETATM 1701 O O   . HOH C 2 .   ? -9.083  24.930  2.160   1.00 10.56 ? 119 HOH A O   1 
HETATM 1702 O O   . HOH C 2 .   ? 3.761   -17.176 15.461  1.00 35.74 ? 120 HOH A O   1 
HETATM 1703 O O   . HOH C 2 .   ? -7.013  23.365  2.278   1.00 31.27 ? 121 HOH A O   1 
HETATM 1704 O O   . HOH C 2 .   ? -5.792  21.337  11.868  1.00 17.05 ? 122 HOH A O   1 
HETATM 1705 O O   . HOH C 2 .   ? 1.380   1.904   -1.896  1.00 21.48 ? 123 HOH A O   1 
HETATM 1706 O O   . HOH C 2 .   ? -4.393  -2.267  13.485  1.00 33.15 ? 124 HOH A O   1 
HETATM 1707 O O   . HOH C 2 .   ? 10.762  4.469   2.570   1.00 21.26 ? 125 HOH A O   1 
HETATM 1708 O O   . HOH C 2 .   ? -15.749 28.066  13.850  1.00 18.53 ? 126 HOH A O   1 
HETATM 1709 O O   . HOH C 2 .   ? 14.839  -13.691 6.610   1.00 26.64 ? 127 HOH A O   1 
HETATM 1710 O O   . HOH C 2 .   ? -9.235  6.941   4.892   1.00 18.00 ? 128 HOH A O   1 
HETATM 1711 O O   . HOH C 2 .   ? 11.198  -13.087 1.520   1.00 25.56 ? 129 HOH A O   1 
HETATM 1712 O O   . HOH C 2 .   ? -5.281  3.447   12.453  1.00 26.62 ? 130 HOH A O   1 
HETATM 1713 O O   . HOH C 2 .   ? 0.733   26.167  7.819   1.00 31.13 ? 131 HOH A O   1 
HETATM 1714 O O   . HOH C 2 .   ? 12.738  -0.880  5.256   1.00 24.99 ? 132 HOH A O   1 
HETATM 1715 O O   . HOH C 2 .   ? 6.557   10.466  7.435   1.00 23.32 ? 133 HOH A O   1 
HETATM 1716 O O   . HOH C 2 .   ? 5.620   -12.190 1.253   1.00 20.22 ? 134 HOH A O   1 
HETATM 1717 O O   . HOH C 2 .   ? -3.670  8.397   -2.381  1.00 25.06 ? 135 HOH A O   1 
HETATM 1718 O O   . HOH C 2 .   ? -8.663  10.922  8.409   1.00 40.33 ? 136 HOH A O   1 
HETATM 1719 O O   . HOH C 2 .   ? 4.143   21.716  2.096   1.00 32.14 ? 137 HOH A O   1 
HETATM 1720 O O   . HOH C 2 .   ? -3.690  15.406  15.802  1.00 24.93 ? 138 HOH A O   1 
HETATM 1721 O O   . HOH C 2 .   ? 0.755   -2.395  16.297  1.00 29.71 ? 139 HOH A O   1 
HETATM 1722 O O   . HOH C 2 .   ? 10.670  -2.429  10.835  1.00 30.76 ? 140 HOH A O   1 
HETATM 1723 O O   . HOH C 2 .   ? -5.195  6.200   15.675  1.00 27.97 ? 141 HOH A O   1 
HETATM 1724 O O   . HOH C 2 .   ? -13.620 17.258  9.943   1.00 29.53 ? 142 HOH A O   1 
HETATM 1725 O O   . HOH C 2 .   ? -6.905  22.936  -0.486  1.00 15.44 ? 143 HOH A O   1 
HETATM 1726 O O   . HOH C 2 .   ? -15.344 11.686  4.122   1.00 23.76 ? 144 HOH A O   1 
HETATM 1727 O O   . HOH C 2 .   ? 0.760   29.041  4.097   1.00 29.30 ? 145 HOH A O   1 
HETATM 1728 O O   . HOH C 2 .   ? -21.531 30.515  6.368   1.00 38.13 ? 146 HOH A O   1 
HETATM 1729 O O   . HOH C 2 .   ? -14.927 13.509  6.032   1.00 26.84 ? 147 HOH A O   1 
HETATM 1730 O O   . HOH C 2 .   ? 1.630   17.607  8.042   1.00 22.66 ? 148 HOH A O   1 
HETATM 1731 O O   . HOH C 2 .   ? 2.065   13.625  -1.211  1.00 30.34 ? 149 HOH A O   1 
HETATM 1732 O O   . HOH C 2 .   ? -13.213 14.552  -0.835  1.00 29.62 ? 150 HOH A O   1 
HETATM 1733 O O   . HOH C 2 .   ? 7.713   -10.947 20.259  1.00 31.20 ? 151 HOH A O   1 
HETATM 1734 O O   . HOH C 2 .   ? -9.136  4.814   8.528   1.00 30.26 ? 152 HOH A O   1 
HETATM 1735 O O   . HOH C 2 .   ? -9.259  8.676   6.556   1.00 18.31 ? 153 HOH A O   1 
HETATM 1736 O O   . HOH C 2 .   ? 1.581   22.020  9.271   1.00 26.59 ? 154 HOH A O   1 
HETATM 1737 O O   . HOH C 2 .   ? 10.432  13.187  1.069   1.00 38.26 ? 155 HOH A O   1 
HETATM 1738 O O   . HOH C 2 .   ? 13.025  -1.881  0.837   1.00 34.57 ? 156 HOH A O   1 
HETATM 1739 O O   . HOH C 2 .   ? 8.124   -15.388 6.206   1.00 29.13 ? 157 HOH A O   1 
HETATM 1740 O O   . HOH C 2 .   ? -2.846  6.114   -2.924  1.00 26.84 ? 158 HOH A O   1 
HETATM 1741 O O   . HOH C 2 .   ? 5.815   3.348   -3.237  1.00 32.68 ? 159 HOH A O   1 
HETATM 1742 O O   . HOH C 2 .   ? 8.658   1.404   -3.621  1.00 21.41 ? 160 HOH A O   1 
HETATM 1743 O O   . HOH C 2 .   ? 5.702   -20.227 15.568  1.00 38.21 ? 161 HOH A O   1 
HETATM 1744 O O   . HOH C 2 .   ? 3.372   28.186  1.964   1.00 28.45 ? 162 HOH A O   1 
HETATM 1745 O O   . HOH C 2 .   ? 8.553   -14.916 1.668   1.00 17.23 ? 163 HOH A O   1 
HETATM 1746 O O   . HOH C 2 .   ? -3.100  20.788  11.704  1.00 41.29 ? 164 HOH A O   1 
HETATM 1747 O O   . HOH C 2 .   ? -21.668 28.132  8.907   1.00 34.89 ? 165 HOH A O   1 
HETATM 1748 O O   . HOH C 2 .   ? 1.078   16.929  20.662  1.00 36.72 ? 166 HOH A O   1 
HETATM 1749 O O   . HOH C 2 .   ? 11.325  -16.606 8.473   1.00 24.39 ? 167 HOH A O   1 
HETATM 1750 O O   . HOH C 2 .   ? 9.974   13.740  3.671   1.00 24.14 ? 168 HOH A O   1 
HETATM 1751 O O   . HOH C 2 .   ? -15.800 36.786  -2.114  1.00 47.19 ? 169 HOH A O   1 
HETATM 1752 O O   . HOH C 2 .   ? -5.789  -0.998  10.870  1.00 29.73 ? 170 HOH A O   1 
HETATM 1753 O O   . HOH C 2 .   ? -15.500 15.417  1.388   1.00 31.84 ? 171 HOH A O   1 
HETATM 1754 O O   . HOH C 2 .   ? 5.263   28.982  3.630   1.00 38.49 ? 172 HOH A O   1 
HETATM 1755 O O   . HOH C 2 .   ? -10.435 7.263   9.425   1.00 37.12 ? 173 HOH A O   1 
HETATM 1756 O O   . HOH C 2 .   ? -7.114  26.526  -2.995  1.00 21.84 ? 174 HOH A O   1 
HETATM 1757 O O   . HOH C 2 .   ? -8.806  24.972  -1.281  1.00 19.98 ? 175 HOH A O   1 
HETATM 1758 O O   . HOH C 2 .   ? -18.324 28.417  13.141  1.00 20.65 ? 176 HOH A O   1 
HETATM 1759 O O   . HOH C 2 .   ? 13.966  -6.226  7.625   1.00 34.45 ? 177 HOH A O   1 
HETATM 1760 O O   . HOH C 2 .   ? -6.212  2.405   -0.410  1.00 12.68 ? 178 HOH A O   1 
HETATM 1761 O O   . HOH C 2 .   ? 5.681   -14.618 6.534   1.00 29.96 ? 179 HOH A O   1 
HETATM 1762 O O   . HOH C 2 .   ? -7.395  28.479  -1.225  1.00 20.58 ? 180 HOH A O   1 
HETATM 1763 O O   . HOH C 2 .   ? -4.833  23.178  9.701   1.00 41.90 ? 181 HOH A O   1 
HETATM 1764 O O   . HOH C 2 .   ? 6.893   -16.181 3.862   1.00 37.42 ? 182 HOH A O   1 
HETATM 1765 O O   . HOH C 2 .   ? -3.844  7.147   -5.897  1.00 44.27 ? 183 HOH A O   1 
HETATM 1766 O O   . HOH C 2 .   ? 15.287  -8.305  11.889  1.00 41.25 ? 184 HOH A O   1 
HETATM 1767 O O   . HOH C 2 .   ? 12.220  1.130   16.572  1.00 37.25 ? 185 HOH A O   1 
HETATM 1768 O O   . HOH C 2 .   ? -4.577  19.993  14.871  1.00 32.36 ? 186 HOH A O   1 
HETATM 1769 O O   . HOH C 2 .   ? 2.239   -9.345  15.779  1.00 32.73 ? 187 HOH A O   1 
HETATM 1770 O O   . HOH C 2 .   ? -11.337 10.574  6.812   1.00 30.68 ? 188 HOH A O   1 
HETATM 1771 O O   . HOH C 2 .   ? 10.577  0.256   -5.622  1.00 32.64 ? 189 HOH A O   1 
HETATM 1772 O O   . HOH C 2 .   ? 4.341   -19.478 12.102  1.00 31.98 ? 190 HOH A O   1 
HETATM 1773 O O   . HOH C 2 .   ? 5.942   -9.959  18.740  1.00 35.04 ? 191 HOH A O   1 
HETATM 1774 O O   . HOH C 2 .   ? -5.072  29.056  -0.194  1.00 29.05 ? 192 HOH A O   1 
HETATM 1775 O O   . HOH C 2 .   ? -9.435  26.963  0.281   1.00 33.62 ? 193 HOH A O   1 
HETATM 1776 O O   . HOH C 2 .   ? -7.402  7.732   15.619  1.00 47.18 ? 194 HOH A O   1 
HETATM 1777 O O   . HOH C 2 .   ? -13.588 12.364  0.445   1.00 32.93 ? 195 HOH A O   1 
HETATM 1778 O O   . HOH C 2 .   ? -2.239  -6.845  12.546  1.00 46.99 ? 196 HOH A O   1 
HETATM 1779 O O   . HOH C 2 .   ? 5.979   9.315   -0.206  1.00 31.37 ? 197 HOH A O   1 
HETATM 1780 O O   . HOH C 2 .   ? 2.269   28.061  5.822   1.00 42.63 ? 198 HOH A O   1 
HETATM 1781 O O   . HOH C 2 .   ? -1.378  23.937  12.072  1.00 36.35 ? 199 HOH A O   1 
HETATM 1782 O O   . HOH C 2 .   ? 15.561  -6.692  1.638   1.00 40.86 ? 200 HOH A O   1 
HETATM 1783 O O   . HOH C 2 .   ? 12.042  2.867   20.778  1.00 43.74 ? 201 HOH A O   1 
HETATM 1784 O O   . HOH C 2 .   ? 3.232   24.178  6.940   1.00 44.61 ? 202 HOH A O   1 
HETATM 1785 O O   . HOH C 2 .   ? -0.961  16.816  18.590  1.00 35.26 ? 203 HOH A O   1 
HETATM 1786 O O   . HOH C 2 .   ? -9.823  23.742  -10.154 1.00 39.37 ? 204 HOH A O   1 
HETATM 1787 O O   . HOH C 2 .   ? -1.387  14.076  16.112  1.00 37.96 ? 205 HOH A O   1 
HETATM 1788 O O   . HOH D 2 .   ? 3.115   -21.773 -8.619  1.00 19.54 ? 111 HOH B O   1 
HETATM 1789 O O   . HOH D 2 .   ? 19.151  -25.291 -12.724 1.00 22.03 ? 112 HOH B O   1 
HETATM 1790 O O   . HOH D 2 .   ? 13.182  -23.928 -8.925  1.00 16.98 ? 113 HOH B O   1 
HETATM 1791 O O   . HOH D 2 .   ? -14.154 6.892   3.478   1.00 14.35 ? 114 HOH B O   1 
HETATM 1792 O O   . HOH D 2 .   ? -3.931  -6.951  -17.100 1.00 17.26 ? 115 HOH B O   1 
HETATM 1793 O O   . HOH D 2 .   ? 17.190  -11.429 -17.105 1.00 21.98 ? 116 HOH B O   1 
HETATM 1794 O O   . HOH D 2 .   ? 11.238  -18.532 -3.407  1.00 24.33 ? 117 HOH B O   1 
HETATM 1795 O O   . HOH D 2 .   ? 10.657  -23.590 -9.747  1.00 19.77 ? 118 HOH B O   1 
HETATM 1796 O O   . HOH D 2 .   ? 4.813   -6.266  -9.627  1.00 16.62 ? 119 HOH B O   1 
HETATM 1797 O O   . HOH D 2 .   ? -9.226  4.514   6.041   1.00 9.69  ? 120 HOH B O   1 
HETATM 1798 O O   . HOH D 2 .   ? 13.975  -18.623 -4.891  1.00 20.45 ? 121 HOH B O   1 
HETATM 1799 O O   . HOH D 2 .   ? 17.813  -13.305 -20.499 1.00 13.50 ? 122 HOH B O   1 
HETATM 1800 O O   . HOH D 2 .   ? -8.336  -2.857  -10.222 1.00 21.49 ? 123 HOH B O   1 
HETATM 1801 O O   . HOH D 2 .   ? 3.289   0.099   -2.181  1.00 28.70 ? 124 HOH B O   1 
HETATM 1802 O O   . HOH D 2 .   ? -20.966 -8.701  6.769   1.00 15.67 ? 125 HOH B O   1 
HETATM 1803 O O   . HOH D 2 .   ? 14.072  -13.714 -15.375 1.00 14.12 ? 126 HOH B O   1 
HETATM 1804 O O   . HOH D 2 .   ? 14.763  -11.538 -16.302 1.00 21.12 ? 127 HOH B O   1 
HETATM 1805 O O   . HOH D 2 .   ? -11.930 6.878   4.901   1.00 17.14 ? 128 HOH B O   1 
HETATM 1806 O O   . HOH D 2 .   ? 3.821   -5.084  -13.776 1.00 19.84 ? 129 HOH B O   1 
HETATM 1807 O O   . HOH D 2 .   ? -13.432 -6.395  1.677   1.00 19.78 ? 130 HOH B O   1 
HETATM 1808 O O   . HOH D 2 .   ? -0.655  -16.533 -9.752  1.00 20.93 ? 131 HOH B O   1 
HETATM 1809 O O   . HOH D 2 .   ? -1.424  -12.707 1.752   1.00 24.87 ? 132 HOH B O   1 
HETATM 1810 O O   . HOH D 2 .   ? -17.393 -4.826  12.289  1.00 25.37 ? 133 HOH B O   1 
HETATM 1811 O O   . HOH D 2 .   ? -4.065  -13.528 -14.818 1.00 13.88 ? 134 HOH B O   1 
HETATM 1812 O O   . HOH D 2 .   ? 11.761  -23.573 -19.976 1.00 36.01 ? 135 HOH B O   1 
HETATM 1813 O O   . HOH D 2 .   ? 18.070  -14.828 -7.529  1.00 25.82 ? 136 HOH B O   1 
HETATM 1814 O O   . HOH D 2 .   ? 2.229   -14.901 -13.841 1.00 20.20 ? 137 HOH B O   1 
HETATM 1815 O O   . HOH D 2 .   ? 11.386  -26.826 -11.642 1.00 33.77 ? 138 HOH B O   1 
HETATM 1816 O O   . HOH D 2 .   ? -5.837  -8.720  -10.063 1.00 17.13 ? 139 HOH B O   1 
HETATM 1817 O O   . HOH D 2 .   ? -13.585 2.117   8.408   1.00 25.65 ? 140 HOH B O   1 
HETATM 1818 O O   . HOH D 2 .   ? -9.188  3.521   -6.382  1.00 25.90 ? 141 HOH B O   1 
HETATM 1819 O O   . HOH D 2 .   ? 9.794   -24.729 -11.869 1.00 32.49 ? 142 HOH B O   1 
HETATM 1820 O O   . HOH D 2 .   ? -0.016  -16.091 -19.874 1.00 27.57 ? 143 HOH B O   1 
HETATM 1821 O O   . HOH D 2 .   ? 4.011   -6.936  -19.507 1.00 21.20 ? 144 HOH B O   1 
HETATM 1822 O O   . HOH D 2 .   ? -10.128 -19.934 -0.818  1.00 26.69 ? 145 HOH B O   1 
HETATM 1823 O O   . HOH D 2 .   ? -0.909  -4.492  -14.535 1.00 18.13 ? 146 HOH B O   1 
HETATM 1824 O O   . HOH D 2 .   ? -8.218  -7.034  -11.594 1.00 20.70 ? 147 HOH B O   1 
HETATM 1825 O O   . HOH D 2 .   ? 22.766  -13.162 -10.921 1.00 26.67 ? 148 HOH B O   1 
HETATM 1826 O O   . HOH D 2 .   ? 1.032   -6.509  -19.946 1.00 22.15 ? 149 HOH B O   1 
HETATM 1827 O O   . HOH D 2 .   ? -20.436 3.903   3.042   1.00 25.78 ? 150 HOH B O   1 
HETATM 1828 O O   . HOH D 2 .   ? -13.092 -10.361 8.596   1.00 25.17 ? 151 HOH B O   1 
HETATM 1829 O O   . HOH D 2 .   ? 16.746  -15.299 -16.062 1.00 21.59 ? 152 HOH B O   1 
HETATM 1830 O O   . HOH D 2 .   ? -19.987 2.401   6.514   1.00 16.84 ? 153 HOH B O   1 
HETATM 1831 O O   . HOH D 2 .   ? -14.727 -3.204  -4.738  1.00 29.93 ? 154 HOH B O   1 
HETATM 1832 O O   . HOH D 2 .   ? -10.076 -13.265 -7.584  1.00 17.90 ? 155 HOH B O   1 
HETATM 1833 O O   . HOH D 2 .   ? -13.008 -12.291 -6.575  1.00 30.10 ? 156 HOH B O   1 
HETATM 1834 O O   . HOH D 2 .   ? 0.333   -20.814 -8.211  1.00 29.47 ? 157 HOH B O   1 
HETATM 1835 O O   . HOH D 2 .   ? -2.236  -4.760  -17.180 1.00 31.21 ? 158 HOH B O   1 
HETATM 1836 O O   . HOH D 2 .   ? 16.591  -25.373 -13.038 1.00 27.52 ? 159 HOH B O   1 
HETATM 1837 O O   . HOH D 2 .   ? -12.406 4.278   -5.635  1.00 30.54 ? 160 HOH B O   1 
HETATM 1838 O O   . HOH D 2 .   ? -13.551 4.552   -3.303  1.00 25.17 ? 161 HOH B O   1 
HETATM 1839 O O   . HOH D 2 .   ? -0.454  -25.570 -6.107  1.00 27.52 ? 162 HOH B O   1 
HETATM 1840 O O   . HOH D 2 .   ? -1.644  -10.711 4.126   1.00 21.33 ? 163 HOH B O   1 
HETATM 1841 O O   . HOH D 2 .   ? 16.025  -14.350 -22.233 1.00 23.75 ? 164 HOH B O   1 
HETATM 1842 O O   . HOH D 2 .   ? -4.141  -3.047  -17.445 1.00 20.25 ? 165 HOH B O   1 
HETATM 1843 O O   . HOH D 2 .   ? 7.092   -5.919  -20.501 1.00 16.58 ? 166 HOH B O   1 
HETATM 1844 O O   . HOH D 2 .   ? -13.379 7.628   -4.074  1.00 19.26 ? 167 HOH B O   1 
HETATM 1845 O O   . HOH D 2 .   ? 13.585  -2.578  -8.433  1.00 25.50 ? 168 HOH B O   1 
HETATM 1846 O O   . HOH D 2 .   ? -20.030 -7.661  10.615  1.00 34.73 ? 169 HOH B O   1 
HETATM 1847 O O   . HOH D 2 .   ? 18.222  -14.033 -17.804 1.00 19.97 ? 170 HOH B O   1 
HETATM 1848 O O   . HOH D 2 .   ? -9.395  -15.287 -10.129 1.00 35.38 ? 171 HOH B O   1 
HETATM 1849 O O   . HOH D 2 .   ? -15.980 4.338   -4.118  1.00 18.47 ? 172 HOH B O   1 
HETATM 1850 O O   . HOH D 2 .   ? 13.375  -9.921  -18.081 1.00 25.80 ? 173 HOH B O   1 
HETATM 1851 O O   . HOH D 2 .   ? -0.430  0.329   -5.085  1.00 31.50 ? 174 HOH B O   1 
HETATM 1852 O O   . HOH D 2 .   ? 23.031  -16.863 -6.308  1.00 30.44 ? 175 HOH B O   1 
HETATM 1853 O O   . HOH D 2 .   ? -0.114  -15.473 -13.209 1.00 33.22 ? 176 HOH B O   1 
HETATM 1854 O O   . HOH D 2 .   ? -9.318  -11.599 -11.379 1.00 34.53 ? 177 HOH B O   1 
HETATM 1855 O O   . HOH D 2 .   ? -14.596 4.168   9.718   1.00 35.79 ? 178 HOH B O   1 
HETATM 1856 O O   . HOH D 2 .   ? -10.818 2.501   9.151   1.00 21.30 ? 179 HOH B O   1 
HETATM 1857 O O   . HOH D 2 .   ? 8.667   -16.237 -2.551  1.00 31.03 ? 180 HOH B O   1 
HETATM 1858 O O   . HOH D 2 .   ? -7.610  -8.883  8.447   1.00 33.69 ? 181 HOH B O   1 
HETATM 1859 O O   . HOH D 2 .   ? 13.347  -26.111 -9.926  1.00 22.89 ? 182 HOH B O   1 
HETATM 1860 O O   . HOH D 2 .   ? -16.479 -9.881  -0.792  1.00 27.02 ? 183 HOH B O   1 
HETATM 1861 O O   . HOH D 2 .   ? -8.009  -10.269 -9.301  1.00 28.32 ? 184 HOH B O   1 
HETATM 1862 O O   . HOH D 2 .   ? 9.728   -17.924 -23.576 1.00 23.28 ? 185 HOH B O   1 
HETATM 1863 O O   . HOH D 2 .   ? 3.567   -14.380 -22.228 1.00 33.33 ? 186 HOH B O   1 
HETATM 1864 O O   . HOH D 2 .   ? 11.456  -19.929 -24.706 1.00 32.92 ? 187 HOH B O   1 
HETATM 1865 O O   . HOH D 2 .   ? 4.402   3.103   -5.848  1.00 29.52 ? 188 HOH B O   1 
HETATM 1866 O O   . HOH D 2 .   ? 29.613  -18.414 -12.406 1.00 40.40 ? 189 HOH B O   1 
HETATM 1867 O O   . HOH D 2 .   ? 3.222   -2.037  -5.925  1.00 30.25 ? 190 HOH B O   1 
HETATM 1868 O O   . HOH D 2 .   ? -12.917 -3.109  11.809  1.00 26.06 ? 191 HOH B O   1 
HETATM 1869 O O   . HOH D 2 .   ? -13.153 -1.299  -10.137 1.00 30.60 ? 192 HOH B O   1 
HETATM 1870 O O   . HOH D 2 .   ? -12.827 5.555   7.610   1.00 28.87 ? 193 HOH B O   1 
HETATM 1871 O O   . HOH D 2 .   ? -19.382 6.621   2.702   1.00 27.93 ? 194 HOH B O   1 
HETATM 1872 O O   . HOH D 2 .   ? 4.199   -4.376  -17.816 1.00 30.38 ? 195 HOH B O   1 
HETATM 1873 O O   . HOH D 2 .   ? -17.000 5.941   9.145   1.00 21.05 ? 196 HOH B O   1 
HETATM 1874 O O   . HOH D 2 .   ? 6.359   -3.392  -12.622 1.00 35.48 ? 197 HOH B O   1 
HETATM 1875 O O   . HOH D 2 .   ? -6.319  -19.614 -1.186  1.00 22.10 ? 198 HOH B O   1 
HETATM 1876 O O   . HOH D 2 .   ? -15.717 8.742   4.986   1.00 39.88 ? 199 HOH B O   1 
HETATM 1877 O O   . HOH D 2 .   ? 0.550   -4.816  -18.107 1.00 31.16 ? 200 HOH B O   1 
HETATM 1878 O O   . HOH D 2 .   ? -16.447 -16.540 -8.668  1.00 39.56 ? 201 HOH B O   1 
HETATM 1879 O O   . HOH D 2 .   ? -10.157 -13.661 3.343   1.00 29.46 ? 202 HOH B O   1 
HETATM 1880 O O   . HOH D 2 .   ? 20.739  -3.825  -18.138 1.00 22.83 ? 203 HOH B O   1 
HETATM 1881 O O   . HOH D 2 .   ? 28.044  -1.103  -16.491 1.00 41.15 ? 204 HOH B O   1 
HETATM 1882 O O   . HOH D 2 .   ? 2.512   0.692   -4.567  1.00 32.48 ? 205 HOH B O   1 
HETATM 1883 O O   . HOH D 2 .   ? 5.299   -20.662 -12.465 1.00 33.01 ? 206 HOH B O   1 
HETATM 1884 O O   . HOH D 2 .   ? 13.086  -19.990 -26.661 1.00 40.34 ? 207 HOH B O   1 
HETATM 1885 O O   . HOH D 2 .   ? -14.915 -5.850  -2.541  1.00 46.90 ? 208 HOH B O   1 
HETATM 1886 O O   . HOH D 2 .   ? 20.456  -25.272 -15.227 1.00 37.32 ? 209 HOH B O   1 
HETATM 1887 O O   . HOH D 2 .   ? -12.322 -1.092  10.099  1.00 33.94 ? 210 HOH B O   1 
HETATM 1888 O O   . HOH D 2 .   ? -8.436  -11.327 -7.024  1.00 29.04 ? 211 HOH B O   1 
HETATM 1889 O O   . HOH D 2 .   ? 9.215   -20.985 -12.606 1.00 31.56 ? 212 HOH B O   1 
HETATM 1890 O O   . HOH D 2 .   ? 2.312   -4.262  -15.730 1.00 44.43 ? 213 HOH B O   1 
HETATM 1891 O O   . HOH D 2 .   ? -16.680 -15.284 -6.288  1.00 44.24 ? 214 HOH B O   1 
HETATM 1892 O O   . HOH D 2 .   ? 12.407  -23.453 -22.893 1.00 42.88 ? 215 HOH B O   1 
HETATM 1893 O O   . HOH D 2 .   ? 25.151  -18.936 -8.253  1.00 43.55 ? 216 HOH B O   1 
HETATM 1894 O O   . HOH D 2 .   ? -1.327  0.660   -2.533  1.00 43.83 ? 217 HOH B O   1 
HETATM 1895 O O   . HOH D 2 .   ? -19.200 -17.368 -5.726  1.00 41.12 ? 218 HOH B O   1 
HETATM 1896 O O   . HOH D 2 .   ? -10.064 -7.746  -13.176 1.00 32.60 ? 219 HOH B O   1 
HETATM 1897 O O   . HOH D 2 .   ? -8.432  -15.891 4.383   1.00 36.04 ? 220 HOH B O   1 
HETATM 1898 O O   . HOH D 2 .   ? -11.284 -20.034 -5.019  1.00 44.13 ? 221 HOH B O   1 
# 
